data_4XC6
#
_entry.id   4XC6
#
_cell.length_a   318.760
_cell.length_b   318.760
_cell.length_c   343.520
_cell.angle_alpha   90.00
_cell.angle_beta   90.00
_cell.angle_gamma   120.00
#
_symmetry.space_group_name_H-M   'H 3 2'
#
loop_
_entity.id
_entity.type
_entity.pdbx_description
1 polymer 'Isobutyryl-CoA mutase fused'
2 non-polymer COBALAMIN
3 non-polymer "5'-DEOXYADENOSINE"
4 non-polymer "GUANOSINE-5'-DIPHOSPHATE"
5 non-polymer 'MAGNESIUM ION'
6 non-polymer 'ACETATE ION'
#
_entity_poly.entity_id   1
_entity_poly.type   'polypeptide(L)'
_entity_poly.pdbx_seq_one_letter_code
;MGSSHHHHHHSSGLVPRGSHMTDLSDVSRTAAAKPPAVPGRGPANKVRFVTAASLFDGHDASINIMRRILQSQGCEVIHL
GHNRSVQEVVTAALQEDVQGIAISSYQGGHVEYFKYMIDLLREHGGEHIQVFGGGGGVIVPDEIRELQAYGVARIYSPED
GQRMGLAGMITDMAQRCDIDLTRYAPTTLDTVVAGDRRALAQLITALENGKADPELVSALHAQAKAAAVPVLGITGTGGA
GKSSLTDELIRRFRLDQDDALSIAVISIDPSRRKSGGALLGDRIRMNAINHPNIFMRSLATREAGSEISQALPDVIAACK
AARFDLVIVETSGIGQGDAAIVPHVDLSLYVMTPEFGAASQLEKIDMLDFADFVAINKFDRKGAQDAWRDVAKQVQRNRE
QWHSRAEDMPVYGTQASRFNDDGVTMLYQGLVGALGARGMSLKPGTLPNLEGRISTGQNVIVPPARSRYLAELADTVRAY
HRRVVAQSKLARERQQLRAAHDMLQGAGHESAALETLASERDVSLGAVERKLLAMWPQMQQAYSGDEYVVKIRDKEIRTG
LISTTLSGTKIRKVVLPRFEDEGEILKWLMRENVPGSFPYTAGVFAFKREGEDPTRMFAGEGDAFRTNRRFKLVSEGMEA
KRLSTAFDSVTLYGEDPHERPDIYGKVGNSGVSIATLEDMKVLYDGFDLTNPSTSVSMTINGPAPTILAMFMNTAIDQQI
DRFRADNGRDPTADEEAKIRAWVLQNVRGTVQADILKEDQGQNTCIFSTEFSLKVMGDIQEYFVHHQVRNFYSVSISGYH
IAEAGANPISQLAFTLANGFTYVEAYLARGMHIDDFAPNLSFFFSNGMDPEYSVLGRVARRIWAVTMRDKYGANDRSQKL
KYHIQTSGRSLHAQEIDFNDIRTTLQALIAIYDNCNSLHTNAYDEAITTPTAESVRRALAIQLIINREWGVAKCENPNQG
SFLIEELTDLVEEAVLQEFERIAERGGVLGAMETGYQRGKIQEESLYYEQLKHDGTLPIIGVNTFRNPNGDPTPQTLELA
RSSEDEKQSQLHRLTEFHGAHQADAEAMLARLRQAVIDNRNVFAVLMDAVRVCSLGQITHALFEVGGQYRRNM
;
_entity_poly.pdbx_strand_id   A,B
#
# COMPACT_ATOMS: atom_id res chain seq x y z
N ARG A 41 -31.64 -34.59 -18.84
CA ARG A 41 -32.44 -34.30 -17.67
C ARG A 41 -32.54 -32.79 -17.41
N GLY A 42 -33.01 -32.05 -18.41
CA GLY A 42 -33.18 -30.62 -18.29
C GLY A 42 -34.53 -30.24 -17.72
N PRO A 43 -35.12 -29.12 -18.18
CA PRO A 43 -36.43 -28.68 -17.73
C PRO A 43 -37.55 -29.60 -18.20
N ALA A 44 -38.75 -29.45 -17.64
CA ALA A 44 -39.88 -30.29 -17.99
C ALA A 44 -40.45 -29.91 -19.37
N ASN A 45 -40.61 -28.61 -19.59
CA ASN A 45 -41.11 -28.12 -20.87
C ASN A 45 -40.01 -27.58 -21.76
N LYS A 46 -40.36 -27.21 -22.98
CA LYS A 46 -39.44 -26.51 -23.86
C LYS A 46 -39.30 -25.07 -23.38
N VAL A 47 -38.25 -24.81 -22.59
CA VAL A 47 -38.07 -23.49 -21.99
C VAL A 47 -37.23 -22.56 -22.85
N ARG A 48 -37.81 -21.40 -23.18
CA ARG A 48 -37.14 -20.43 -24.05
C ARG A 48 -36.91 -19.08 -23.36
N PHE A 49 -35.76 -18.48 -23.63
CA PHE A 49 -35.41 -17.19 -23.05
C PHE A 49 -35.04 -16.16 -24.11
N VAL A 50 -35.28 -14.89 -23.81
CA VAL A 50 -34.74 -13.80 -24.62
C VAL A 50 -33.78 -13.00 -23.75
N THR A 51 -32.51 -12.94 -24.17
CA THR A 51 -31.50 -12.24 -23.39
C THR A 51 -30.92 -11.06 -24.18
N ALA A 52 -30.63 -9.97 -23.45
CA ALA A 52 -30.08 -8.77 -24.07
C ALA A 52 -29.53 -7.82 -23.01
N ALA A 53 -28.79 -6.80 -23.46
CA ALA A 53 -28.36 -5.72 -22.59
C ALA A 53 -29.22 -4.49 -22.87
N SER A 54 -29.45 -3.68 -21.84
CA SER A 54 -30.38 -2.54 -21.93
C SER A 54 -29.98 -1.53 -23.00
N LEU A 55 -30.87 -0.57 -23.25
CA LEU A 55 -30.64 0.44 -24.27
C LEU A 55 -29.38 1.26 -23.98
N PHE A 56 -28.56 1.45 -25.01
CA PHE A 56 -27.31 2.20 -24.91
C PHE A 56 -26.36 1.58 -23.89
N ASP A 57 -26.52 0.29 -23.63
CA ASP A 57 -25.63 -0.42 -22.71
C ASP A 57 -24.73 -1.39 -23.46
N GLY A 58 -23.44 -1.31 -23.20
CA GLY A 58 -22.49 -2.19 -23.86
C GLY A 58 -22.07 -3.34 -22.98
N HIS A 59 -22.47 -3.31 -21.72
CA HIS A 59 -22.07 -4.34 -20.76
C HIS A 59 -22.69 -5.69 -21.10
N ASP A 60 -21.96 -6.52 -21.83
CA ASP A 60 -22.46 -7.84 -22.20
C ASP A 60 -21.74 -8.95 -21.45
N ALA A 61 -20.68 -8.59 -20.74
CA ALA A 61 -19.86 -9.57 -20.03
C ALA A 61 -20.70 -10.37 -19.06
N SER A 62 -21.62 -9.68 -18.39
CA SER A 62 -22.52 -10.32 -17.44
C SER A 62 -23.53 -11.22 -18.13
N ILE A 63 -24.27 -10.65 -19.09
CA ILE A 63 -25.35 -11.37 -19.77
C ILE A 63 -24.83 -12.54 -20.62
N ASN A 64 -23.58 -12.46 -21.07
CA ASN A 64 -23.02 -13.51 -21.91
C ASN A 64 -22.75 -14.79 -21.14
N ILE A 65 -22.32 -14.66 -19.90
CA ILE A 65 -22.03 -15.85 -19.10
C ILE A 65 -23.30 -16.44 -18.51
N MET A 66 -24.41 -15.70 -18.61
CA MET A 66 -25.71 -16.19 -18.14
C MET A 66 -26.40 -17.03 -19.21
N ARG A 67 -26.33 -16.57 -20.46
CA ARG A 67 -26.94 -17.30 -21.56
C ARG A 67 -26.17 -18.58 -21.84
N ARG A 68 -24.94 -18.64 -21.33
CA ARG A 68 -24.12 -19.85 -21.45
C ARG A 68 -24.59 -20.91 -20.46
N ILE A 69 -24.88 -20.48 -19.23
CA ILE A 69 -25.40 -21.40 -18.22
C ILE A 69 -26.82 -21.81 -18.57
N LEU A 70 -27.61 -20.86 -19.08
CA LEU A 70 -28.97 -21.15 -19.53
C LEU A 70 -28.97 -22.24 -20.58
N GLN A 71 -28.11 -22.07 -21.58
CA GLN A 71 -28.00 -23.01 -22.69
C GLN A 71 -27.53 -24.38 -22.22
N SER A 72 -26.63 -24.40 -21.25
CA SER A 72 -26.05 -25.66 -20.77
C SER A 72 -27.06 -26.42 -19.92
N GLN A 73 -27.97 -25.71 -19.28
CA GLN A 73 -28.99 -26.35 -18.45
C GLN A 73 -30.16 -26.84 -19.30
N GLY A 74 -30.16 -26.49 -20.58
CA GLY A 74 -31.13 -27.02 -21.51
C GLY A 74 -32.21 -26.06 -21.96
N CYS A 75 -31.87 -24.79 -22.10
CA CYS A 75 -32.82 -23.78 -22.55
C CYS A 75 -32.47 -23.24 -23.92
N GLU A 76 -33.48 -23.07 -24.77
CA GLU A 76 -33.29 -22.38 -26.03
C GLU A 76 -33.19 -20.88 -25.74
N VAL A 77 -32.07 -20.27 -26.14
CA VAL A 77 -31.83 -18.87 -25.82
C VAL A 77 -31.76 -18.01 -27.08
N ILE A 78 -32.75 -17.13 -27.25
CA ILE A 78 -32.72 -16.18 -28.34
C ILE A 78 -31.95 -14.94 -27.89
N HIS A 79 -30.65 -14.93 -28.17
CA HIS A 79 -29.78 -13.84 -27.73
C HIS A 79 -29.85 -12.65 -28.68
N LEU A 80 -30.13 -11.46 -28.11
CA LEU A 80 -30.29 -10.25 -28.91
C LEU A 80 -29.04 -9.38 -28.90
N GLY A 81 -28.08 -9.71 -28.04
CA GLY A 81 -26.88 -8.91 -27.92
C GLY A 81 -27.09 -7.66 -27.09
N HIS A 82 -26.17 -6.71 -27.21
CA HIS A 82 -26.20 -5.49 -26.41
C HIS A 82 -27.05 -4.40 -27.06
N ASN A 83 -27.25 -3.30 -26.34
CA ASN A 83 -27.97 -2.13 -26.85
C ASN A 83 -29.34 -2.45 -27.43
N ARG A 84 -30.28 -2.78 -26.56
CA ARG A 84 -31.63 -3.11 -27.00
C ARG A 84 -32.66 -2.28 -26.24
N SER A 85 -33.49 -1.56 -26.98
CA SER A 85 -34.59 -0.80 -26.37
C SER A 85 -35.65 -1.76 -25.87
N VAL A 86 -36.50 -1.28 -24.97
CA VAL A 86 -37.62 -2.09 -24.46
C VAL A 86 -38.51 -2.53 -25.61
N GLN A 87 -38.77 -1.61 -26.55
CA GLN A 87 -39.58 -1.90 -27.73
C GLN A 87 -39.02 -3.08 -28.53
N GLU A 88 -37.69 -3.23 -28.52
CA GLU A 88 -37.03 -4.32 -29.23
C GLU A 88 -37.19 -5.65 -28.49
N VAL A 89 -36.77 -5.67 -27.23
CA VAL A 89 -36.78 -6.89 -26.42
C VAL A 89 -38.19 -7.48 -26.29
N VAL A 90 -39.17 -6.62 -26.05
CA VAL A 90 -40.55 -7.07 -25.87
C VAL A 90 -41.12 -7.66 -27.16
N THR A 91 -40.89 -6.98 -28.28
CA THR A 91 -41.33 -7.47 -29.58
C THR A 91 -40.74 -8.84 -29.88
N ALA A 92 -39.46 -9.00 -29.57
CA ALA A 92 -38.77 -10.27 -29.76
C ALA A 92 -39.40 -11.38 -28.92
N ALA A 93 -39.51 -11.13 -27.61
CA ALA A 93 -40.04 -12.13 -26.69
C ALA A 93 -41.46 -12.54 -27.05
N LEU A 94 -42.22 -11.62 -27.63
CA LEU A 94 -43.60 -11.88 -27.99
C LEU A 94 -43.73 -12.74 -29.24
N GLN A 95 -42.83 -12.55 -30.19
CA GLN A 95 -42.85 -13.34 -31.42
C GLN A 95 -42.25 -14.72 -31.20
N GLU A 96 -41.24 -14.79 -30.34
CA GLU A 96 -40.61 -16.06 -30.00
C GLU A 96 -41.48 -16.86 -29.02
N ASP A 97 -42.38 -16.16 -28.35
CA ASP A 97 -43.24 -16.73 -27.31
C ASP A 97 -42.40 -17.46 -26.26
N VAL A 98 -41.62 -16.68 -25.52
CA VAL A 98 -40.74 -17.24 -24.50
C VAL A 98 -41.40 -17.20 -23.12
N GLN A 99 -40.80 -17.91 -22.17
CA GLN A 99 -41.29 -17.89 -20.80
C GLN A 99 -40.55 -16.84 -19.96
N GLY A 100 -39.34 -16.49 -20.38
CA GLY A 100 -38.51 -15.59 -19.60
C GLY A 100 -37.69 -14.59 -20.39
N ILE A 101 -37.44 -13.43 -19.77
CA ILE A 101 -36.60 -12.40 -20.34
C ILE A 101 -35.49 -12.03 -19.37
N ALA A 102 -34.25 -12.07 -19.82
CA ALA A 102 -33.12 -11.71 -18.98
C ALA A 102 -32.41 -10.47 -19.53
N ILE A 103 -32.37 -9.41 -18.72
CA ILE A 103 -31.79 -8.15 -19.13
C ILE A 103 -30.66 -7.71 -18.20
N SER A 104 -29.56 -7.23 -18.76
CA SER A 104 -28.49 -6.64 -17.97
C SER A 104 -28.49 -5.13 -18.15
N SER A 105 -28.56 -4.39 -17.04
CA SER A 105 -28.54 -2.93 -17.10
C SER A 105 -27.47 -2.34 -16.18
N TYR A 106 -26.35 -1.93 -16.77
CA TYR A 106 -25.23 -1.38 -16.01
C TYR A 106 -25.06 0.12 -16.20
N GLN A 107 -25.89 0.71 -17.05
CA GLN A 107 -25.78 2.13 -17.35
C GLN A 107 -26.65 2.98 -16.44
N GLY A 108 -27.48 2.33 -15.64
CA GLY A 108 -28.45 3.04 -14.84
C GLY A 108 -29.70 3.29 -15.67
N GLY A 109 -30.66 4.02 -15.10
CA GLY A 109 -31.93 4.23 -15.75
C GLY A 109 -32.69 2.92 -15.85
N HIS A 110 -32.33 1.99 -14.98
CA HIS A 110 -32.88 0.64 -15.01
C HIS A 110 -34.28 0.57 -14.41
N VAL A 111 -34.56 1.45 -13.46
CA VAL A 111 -35.89 1.49 -12.86
C VAL A 111 -36.93 1.86 -13.90
N GLU A 112 -36.66 2.91 -14.66
CA GLU A 112 -37.56 3.34 -15.73
C GLU A 112 -37.62 2.29 -16.83
N TYR A 113 -36.48 1.68 -17.12
CA TYR A 113 -36.37 0.69 -18.18
C TYR A 113 -37.26 -0.54 -17.92
N PHE A 114 -37.07 -1.15 -16.75
CA PHE A 114 -37.81 -2.36 -16.41
C PHE A 114 -39.31 -2.07 -16.21
N LYS A 115 -39.63 -0.92 -15.62
CA LYS A 115 -41.01 -0.52 -15.46
C LYS A 115 -41.70 -0.43 -16.81
N TYR A 116 -41.03 0.22 -17.76
CA TYR A 116 -41.52 0.33 -19.12
C TYR A 116 -41.77 -1.06 -19.71
N MET A 117 -40.80 -1.95 -19.53
CA MET A 117 -40.89 -3.30 -20.07
C MET A 117 -42.06 -4.07 -19.48
N ILE A 118 -42.18 -4.03 -18.15
CA ILE A 118 -43.29 -4.69 -17.46
C ILE A 118 -44.63 -4.16 -17.99
N ASP A 119 -44.72 -2.86 -18.16
CA ASP A 119 -45.94 -2.23 -18.66
C ASP A 119 -46.24 -2.66 -20.09
N LEU A 120 -45.22 -2.63 -20.94
CA LEU A 120 -45.39 -2.93 -22.35
C LEU A 120 -45.77 -4.40 -22.56
N LEU A 121 -45.27 -5.26 -21.68
CA LEU A 121 -45.59 -6.69 -21.75
C LEU A 121 -47.05 -6.97 -21.44
N ARG A 122 -47.55 -6.35 -20.37
CA ARG A 122 -48.93 -6.54 -19.94
C ARG A 122 -49.91 -5.98 -20.96
N GLU A 123 -49.51 -4.90 -21.62
CA GLU A 123 -50.37 -4.23 -22.59
C GLU A 123 -50.56 -5.06 -23.86
N HIS A 124 -49.57 -5.87 -24.20
CA HIS A 124 -49.59 -6.61 -25.46
C HIS A 124 -49.56 -8.13 -25.29
N GLY A 125 -50.23 -8.62 -24.24
CA GLY A 125 -50.39 -10.04 -24.04
C GLY A 125 -49.11 -10.80 -23.76
N GLY A 126 -48.38 -10.36 -22.73
CA GLY A 126 -47.15 -11.02 -22.34
C GLY A 126 -46.98 -10.96 -20.83
N GLU A 127 -48.10 -10.85 -20.12
CA GLU A 127 -48.09 -10.73 -18.67
C GLU A 127 -47.54 -11.99 -18.01
N HIS A 128 -47.72 -13.13 -18.66
CA HIS A 128 -47.26 -14.41 -18.10
C HIS A 128 -45.76 -14.61 -18.30
N ILE A 129 -45.15 -13.75 -19.10
CA ILE A 129 -43.70 -13.79 -19.30
C ILE A 129 -42.99 -13.16 -18.10
N GLN A 130 -42.04 -13.90 -17.53
CA GLN A 130 -41.30 -13.41 -16.38
C GLN A 130 -40.04 -12.66 -16.79
N VAL A 131 -39.75 -11.56 -16.10
CA VAL A 131 -38.60 -10.73 -16.42
C VAL A 131 -37.54 -10.77 -15.31
N PHE A 132 -36.31 -11.10 -15.70
CA PHE A 132 -35.19 -11.15 -14.77
C PHE A 132 -34.13 -10.11 -15.14
N GLY A 133 -33.42 -9.61 -14.15
CA GLY A 133 -32.43 -8.58 -14.40
C GLY A 133 -31.23 -8.62 -13.48
N GLY A 134 -30.22 -7.82 -13.82
CA GLY A 134 -29.03 -7.68 -12.99
C GLY A 134 -28.19 -6.54 -13.50
N GLY A 135 -27.51 -5.85 -12.58
CA GLY A 135 -26.66 -4.74 -12.95
C GLY A 135 -25.51 -4.58 -11.99
N GLY A 136 -25.24 -5.64 -11.22
CA GLY A 136 -24.21 -5.58 -10.22
C GLY A 136 -24.57 -4.60 -9.13
N GLY A 137 -23.63 -3.71 -8.80
CA GLY A 137 -23.83 -2.76 -7.72
C GLY A 137 -24.63 -1.54 -8.12
N VAL A 138 -24.86 -1.38 -9.43
CA VAL A 138 -25.58 -0.23 -9.94
C VAL A 138 -27.03 -0.21 -9.44
N ILE A 139 -27.67 -1.38 -9.45
CA ILE A 139 -29.04 -1.49 -8.93
C ILE A 139 -29.01 -1.72 -7.42
N VAL A 140 -29.16 -0.65 -6.66
CA VAL A 140 -29.14 -0.71 -5.21
C VAL A 140 -30.33 -1.53 -4.67
N PRO A 141 -30.17 -2.10 -3.46
CA PRO A 141 -31.22 -2.91 -2.81
C PRO A 141 -32.63 -2.31 -2.84
N ASP A 142 -32.77 -1.02 -2.57
CA ASP A 142 -34.08 -0.37 -2.57
C ASP A 142 -34.76 -0.47 -3.93
N GLU A 143 -33.98 -0.26 -4.98
CA GLU A 143 -34.51 -0.29 -6.34
C GLU A 143 -34.90 -1.70 -6.75
N ILE A 144 -34.27 -2.69 -6.14
CA ILE A 144 -34.60 -4.09 -6.42
C ILE A 144 -35.98 -4.42 -5.84
N ARG A 145 -36.19 -4.06 -4.57
CA ARG A 145 -37.47 -4.29 -3.92
C ARG A 145 -38.58 -3.55 -4.65
N GLU A 146 -38.27 -2.36 -5.15
CA GLU A 146 -39.24 -1.57 -5.89
C GLU A 146 -39.61 -2.25 -7.19
N LEU A 147 -38.60 -2.65 -7.96
CA LEU A 147 -38.81 -3.27 -9.26
C LEU A 147 -39.48 -4.63 -9.14
N GLN A 148 -39.07 -5.41 -8.14
CA GLN A 148 -39.66 -6.72 -7.93
C GLN A 148 -41.12 -6.60 -7.47
N ALA A 149 -41.41 -5.52 -6.74
CA ALA A 149 -42.77 -5.24 -6.32
C ALA A 149 -43.61 -4.79 -7.49
N TYR A 150 -42.98 -4.16 -8.47
CA TYR A 150 -43.67 -3.64 -9.64
C TYR A 150 -44.16 -4.77 -10.54
N GLY A 151 -43.34 -5.80 -10.71
CA GLY A 151 -43.69 -6.93 -11.55
C GLY A 151 -42.50 -7.79 -11.95
N VAL A 152 -41.31 -7.23 -11.85
CA VAL A 152 -40.09 -7.97 -12.18
C VAL A 152 -39.96 -9.21 -11.31
N ALA A 153 -39.70 -10.35 -11.95
CA ALA A 153 -39.59 -11.62 -11.24
C ALA A 153 -38.49 -11.56 -10.18
N ARG A 154 -37.27 -11.28 -10.61
CA ARG A 154 -36.15 -11.25 -9.69
C ARG A 154 -34.96 -10.50 -10.30
N ILE A 155 -34.37 -9.61 -9.51
CA ILE A 155 -33.15 -8.92 -9.91
C ILE A 155 -32.02 -9.32 -8.96
N TYR A 156 -30.93 -9.82 -9.54
CA TYR A 156 -29.86 -10.40 -8.74
C TYR A 156 -28.74 -9.41 -8.44
N SER A 157 -28.42 -9.29 -7.16
CA SER A 157 -27.33 -8.43 -6.71
C SER A 157 -26.04 -9.24 -6.65
N PRO A 158 -24.88 -8.58 -6.57
CA PRO A 158 -23.60 -9.30 -6.42
C PRO A 158 -23.59 -10.20 -5.18
N GLU A 159 -24.34 -9.82 -4.15
CA GLU A 159 -24.46 -10.63 -2.95
C GLU A 159 -25.29 -11.88 -3.21
N ASP A 160 -26.28 -11.76 -4.08
CA ASP A 160 -27.08 -12.92 -4.48
C ASP A 160 -26.23 -13.93 -5.23
N GLY A 161 -25.33 -13.42 -6.07
CA GLY A 161 -24.45 -14.26 -6.85
C GLY A 161 -23.50 -15.04 -5.96
N GLN A 162 -23.08 -14.41 -4.86
CA GLN A 162 -22.17 -15.06 -3.93
C GLN A 162 -22.85 -16.18 -3.16
N ARG A 163 -24.07 -15.93 -2.71
CA ARG A 163 -24.80 -16.93 -1.92
C ARG A 163 -25.26 -18.09 -2.78
N MET A 164 -25.86 -17.77 -3.93
CA MET A 164 -26.49 -18.78 -4.78
C MET A 164 -25.50 -19.46 -5.71
N GLY A 165 -24.45 -18.73 -6.08
CA GLY A 165 -23.52 -19.22 -7.09
C GLY A 165 -24.05 -18.94 -8.48
N LEU A 166 -23.17 -19.03 -9.47
CA LEU A 166 -23.53 -18.76 -10.85
C LEU A 166 -24.63 -19.69 -11.34
N ALA A 167 -24.43 -20.99 -11.13
CA ALA A 167 -25.40 -21.98 -11.54
C ALA A 167 -26.68 -21.88 -10.72
N GLY A 168 -26.53 -21.46 -9.47
CA GLY A 168 -27.66 -21.33 -8.56
C GLY A 168 -28.69 -20.32 -9.04
N MET A 169 -28.22 -19.17 -9.52
CA MET A 169 -29.10 -18.14 -10.06
C MET A 169 -29.89 -18.66 -11.25
N ILE A 170 -29.17 -19.25 -12.20
CA ILE A 170 -29.78 -19.72 -13.43
C ILE A 170 -30.75 -20.87 -13.18
N THR A 171 -30.40 -21.73 -12.21
CA THR A 171 -31.30 -22.80 -11.81
C THR A 171 -32.60 -22.21 -11.28
N ASP A 172 -32.49 -21.23 -10.39
CA ASP A 172 -33.65 -20.53 -9.85
C ASP A 172 -34.44 -19.86 -10.97
N MET A 173 -33.72 -19.23 -11.88
CA MET A 173 -34.33 -18.50 -12.98
C MET A 173 -35.05 -19.46 -13.93
N ALA A 174 -34.44 -20.61 -14.18
CA ALA A 174 -35.00 -21.60 -15.10
C ALA A 174 -36.23 -22.28 -14.50
N GLN A 175 -36.11 -22.72 -13.24
CA GLN A 175 -37.19 -23.44 -12.56
C GLN A 175 -38.46 -22.60 -12.50
N ARG A 176 -38.30 -21.28 -12.46
CA ARG A 176 -39.46 -20.38 -12.48
C ARG A 176 -40.16 -20.40 -13.84
N CYS A 177 -39.36 -20.40 -14.90
CA CYS A 177 -39.91 -20.32 -16.25
C CYS A 177 -40.28 -21.69 -16.82
N ASP A 178 -40.17 -22.72 -16.00
CA ASP A 178 -40.50 -24.08 -16.44
C ASP A 178 -42.02 -24.27 -16.48
N ILE A 179 -42.67 -23.64 -17.44
CA ILE A 179 -44.12 -23.72 -17.58
C ILE A 179 -44.53 -24.07 -19.01
N ASP A 180 -45.69 -24.71 -19.15
CA ASP A 180 -46.19 -25.11 -20.46
C ASP A 180 -47.01 -23.99 -21.09
N LEU A 181 -46.51 -23.44 -22.19
CA LEU A 181 -47.14 -22.30 -22.83
C LEU A 181 -48.23 -22.69 -23.83
N THR A 182 -48.46 -23.99 -24.00
CA THR A 182 -49.41 -24.47 -25.00
C THR A 182 -50.85 -24.19 -24.58
N ARG A 183 -51.05 -23.85 -23.32
CA ARG A 183 -52.39 -23.51 -22.81
C ARG A 183 -52.87 -22.17 -23.35
N TYR A 184 -51.93 -21.31 -23.71
CA TYR A 184 -52.25 -19.98 -24.23
C TYR A 184 -52.47 -20.01 -25.74
N ALA A 185 -52.28 -21.18 -26.34
CA ALA A 185 -52.41 -21.35 -27.78
C ALA A 185 -53.87 -21.30 -28.23
N PRO A 186 -54.14 -20.68 -29.38
CA PRO A 186 -55.48 -20.62 -29.94
C PRO A 186 -55.99 -22.00 -30.36
N THR A 187 -57.30 -22.22 -30.25
CA THR A 187 -57.89 -23.49 -30.63
C THR A 187 -58.52 -23.42 -32.03
N THR A 188 -58.77 -22.20 -32.50
CA THR A 188 -59.29 -21.98 -33.84
C THR A 188 -58.40 -21.00 -34.60
N LEU A 189 -58.48 -21.03 -35.93
CA LEU A 189 -57.61 -20.20 -36.76
C LEU A 189 -58.14 -18.77 -36.92
N ASP A 190 -59.28 -18.48 -36.31
CA ASP A 190 -59.93 -17.18 -36.45
C ASP A 190 -58.99 -16.02 -36.10
N THR A 191 -58.33 -16.11 -34.95
CA THR A 191 -57.42 -15.06 -34.51
C THR A 191 -56.24 -14.88 -35.47
N VAL A 192 -55.61 -15.99 -35.84
CA VAL A 192 -54.39 -15.96 -36.64
C VAL A 192 -54.61 -15.40 -38.03
N VAL A 193 -55.64 -15.88 -38.72
CA VAL A 193 -55.95 -15.44 -40.07
C VAL A 193 -56.32 -13.96 -40.10
N ALA A 194 -56.98 -13.50 -39.03
CA ALA A 194 -57.38 -12.10 -38.92
C ALA A 194 -56.19 -11.15 -38.94
N GLY A 195 -55.03 -11.65 -38.53
CA GLY A 195 -53.81 -10.86 -38.56
C GLY A 195 -53.14 -10.75 -37.21
N ASP A 196 -53.70 -11.44 -36.21
CA ASP A 196 -53.13 -11.44 -34.88
C ASP A 196 -51.76 -12.10 -34.91
N ARG A 197 -50.72 -11.31 -34.67
CA ARG A 197 -49.35 -11.79 -34.75
C ARG A 197 -48.92 -12.48 -33.45
N ARG A 198 -49.59 -12.15 -32.35
CA ARG A 198 -49.31 -12.79 -31.07
C ARG A 198 -49.92 -14.18 -31.03
N ALA A 199 -51.13 -14.31 -31.57
CA ALA A 199 -51.80 -15.60 -31.67
C ALA A 199 -51.00 -16.54 -32.57
N LEU A 200 -50.45 -15.97 -33.65
CA LEU A 200 -49.61 -16.72 -34.57
C LEU A 200 -48.38 -17.26 -33.84
N ALA A 201 -47.76 -16.41 -33.02
CA ALA A 201 -46.56 -16.78 -32.29
C ALA A 201 -46.84 -17.91 -31.30
N GLN A 202 -48.07 -17.94 -30.78
CA GLN A 202 -48.45 -18.95 -29.80
C GLN A 202 -48.94 -20.23 -30.47
N LEU A 203 -49.58 -20.08 -31.63
CA LEU A 203 -50.00 -21.23 -32.42
C LEU A 203 -48.79 -22.04 -32.88
N ILE A 204 -47.69 -21.34 -33.13
CA ILE A 204 -46.45 -21.98 -33.54
C ILE A 204 -45.86 -22.79 -32.38
N THR A 205 -45.90 -22.24 -31.19
CA THR A 205 -45.40 -22.93 -30.00
C THR A 205 -46.24 -24.19 -29.74
N ALA A 206 -47.50 -24.14 -30.16
CA ALA A 206 -48.37 -25.31 -30.06
C ALA A 206 -48.00 -26.34 -31.12
N LEU A 207 -47.81 -25.88 -32.35
CA LEU A 207 -47.47 -26.77 -33.46
C LEU A 207 -46.10 -27.40 -33.27
N GLU A 208 -45.15 -26.61 -32.78
CA GLU A 208 -43.78 -27.08 -32.60
C GLU A 208 -43.70 -28.17 -31.55
N ASN A 209 -44.50 -28.04 -30.50
CA ASN A 209 -44.51 -28.99 -29.40
C ASN A 209 -45.47 -30.15 -29.64
N GLY A 210 -46.15 -30.13 -30.79
CA GLY A 210 -47.04 -31.20 -31.17
C GLY A 210 -48.28 -31.34 -30.30
N LYS A 211 -48.68 -30.25 -29.66
CA LYS A 211 -49.88 -30.26 -28.82
C LYS A 211 -51.07 -29.64 -29.54
N ALA A 212 -50.95 -29.45 -30.86
CA ALA A 212 -52.06 -28.92 -31.65
C ALA A 212 -52.97 -30.05 -32.11
N ASP A 213 -54.27 -29.78 -32.11
CA ASP A 213 -55.27 -30.79 -32.50
C ASP A 213 -55.14 -31.14 -33.97
N PRO A 214 -55.22 -32.45 -34.30
CA PRO A 214 -55.12 -32.97 -35.66
C PRO A 214 -56.10 -32.32 -36.64
N GLU A 215 -57.34 -32.09 -36.21
CA GLU A 215 -58.34 -31.46 -37.06
C GLU A 215 -57.98 -30.01 -37.34
N LEU A 216 -57.28 -29.39 -36.40
CA LEU A 216 -56.82 -28.01 -36.54
C LEU A 216 -55.64 -27.92 -37.50
N VAL A 217 -54.76 -28.92 -37.43
CA VAL A 217 -53.57 -28.97 -38.27
C VAL A 217 -53.93 -29.09 -39.75
N SER A 218 -54.78 -30.06 -40.07
CA SER A 218 -55.21 -30.28 -41.45
C SER A 218 -56.01 -29.08 -41.98
N ALA A 219 -56.76 -28.44 -41.09
CA ALA A 219 -57.52 -27.25 -41.45
C ALA A 219 -56.59 -26.09 -41.75
N LEU A 220 -55.42 -26.10 -41.10
CA LEU A 220 -54.41 -25.06 -41.30
C LEU A 220 -53.73 -25.23 -42.65
N HIS A 221 -53.37 -26.47 -42.97
CA HIS A 221 -52.73 -26.78 -44.26
C HIS A 221 -53.70 -26.55 -45.43
N ALA A 222 -54.98 -26.81 -45.18
CA ALA A 222 -56.01 -26.62 -46.20
C ALA A 222 -56.13 -25.16 -46.60
N GLN A 223 -56.04 -24.27 -45.61
CA GLN A 223 -56.11 -22.85 -45.87
C GLN A 223 -54.76 -22.29 -46.31
N ALA A 224 -53.70 -23.02 -45.98
CA ALA A 224 -52.35 -22.66 -46.40
C ALA A 224 -52.17 -22.91 -47.89
N LYS A 225 -52.83 -23.97 -48.38
CA LYS A 225 -52.79 -24.29 -49.80
C LYS A 225 -53.50 -23.22 -50.61
N ALA A 226 -54.68 -22.83 -50.15
CA ALA A 226 -55.48 -21.81 -50.83
C ALA A 226 -54.86 -20.42 -50.68
N ALA A 227 -53.97 -20.29 -49.70
CA ALA A 227 -53.32 -19.00 -49.42
C ALA A 227 -52.43 -18.58 -50.59
N ALA A 228 -51.71 -19.54 -51.17
CA ALA A 228 -50.85 -19.30 -52.32
C ALA A 228 -49.87 -18.15 -52.10
N VAL A 229 -49.04 -18.27 -51.07
CA VAL A 229 -47.97 -17.31 -50.83
C VAL A 229 -46.62 -17.96 -51.10
N PRO A 230 -45.67 -17.18 -51.66
CA PRO A 230 -44.35 -17.71 -52.01
C PRO A 230 -43.50 -17.99 -50.78
N VAL A 231 -42.75 -19.07 -50.81
CA VAL A 231 -41.86 -19.42 -49.70
C VAL A 231 -40.41 -19.51 -50.18
N LEU A 232 -39.60 -18.52 -49.80
CA LEU A 232 -38.19 -18.50 -50.18
C LEU A 232 -37.33 -19.22 -49.14
N GLY A 233 -36.60 -20.23 -49.58
CA GLY A 233 -35.69 -20.94 -48.71
C GLY A 233 -34.26 -20.46 -48.89
N ILE A 234 -33.58 -20.20 -47.77
CA ILE A 234 -32.20 -19.78 -47.80
C ILE A 234 -31.33 -20.75 -47.02
N THR A 235 -30.53 -21.54 -47.74
CA THR A 235 -29.65 -22.50 -47.11
C THR A 235 -28.20 -22.24 -47.51
N GLY A 236 -27.27 -22.99 -46.91
CA GLY A 236 -25.87 -22.82 -47.23
C GLY A 236 -24.94 -23.27 -46.13
N THR A 237 -23.65 -23.22 -46.39
CA THR A 237 -22.62 -23.64 -45.44
C THR A 237 -22.66 -22.79 -44.17
N GLY A 238 -22.08 -23.31 -43.10
CA GLY A 238 -22.09 -22.62 -41.82
C GLY A 238 -21.28 -21.33 -41.82
N GLY A 239 -21.90 -20.25 -41.35
CA GLY A 239 -21.23 -18.98 -41.22
C GLY A 239 -20.95 -18.27 -42.53
N ALA A 240 -21.61 -18.71 -43.60
CA ALA A 240 -21.40 -18.13 -44.92
C ALA A 240 -21.96 -16.71 -45.00
N GLY A 241 -23.03 -16.47 -44.25
CA GLY A 241 -23.67 -15.16 -44.24
C GLY A 241 -25.16 -15.24 -44.53
N LYS A 242 -25.75 -16.40 -44.29
CA LYS A 242 -27.16 -16.63 -44.56
C LYS A 242 -28.08 -15.65 -43.84
N SER A 243 -27.79 -15.41 -42.56
CA SER A 243 -28.59 -14.47 -41.78
C SER A 243 -28.35 -13.03 -42.24
N SER A 244 -27.09 -12.66 -42.41
CA SER A 244 -26.72 -11.32 -42.82
C SER A 244 -27.29 -10.97 -44.19
N LEU A 245 -27.31 -11.94 -45.09
CA LEU A 245 -27.84 -11.73 -46.43
C LEU A 245 -29.36 -11.64 -46.39
N THR A 246 -29.98 -12.44 -45.53
CA THR A 246 -31.43 -12.43 -45.35
C THR A 246 -31.89 -11.05 -44.90
N ASP A 247 -31.20 -10.52 -43.90
CA ASP A 247 -31.50 -9.20 -43.36
C ASP A 247 -31.41 -8.13 -44.46
N GLU A 248 -30.30 -8.15 -45.19
CA GLU A 248 -30.08 -7.19 -46.27
C GLU A 248 -31.15 -7.28 -47.35
N LEU A 249 -31.51 -8.50 -47.72
CA LEU A 249 -32.55 -8.72 -48.72
C LEU A 249 -33.89 -8.15 -48.26
N ILE A 250 -34.18 -8.31 -46.96
CA ILE A 250 -35.41 -7.77 -46.39
C ILE A 250 -35.39 -6.24 -46.46
N ARG A 251 -34.23 -5.65 -46.16
CA ARG A 251 -34.08 -4.21 -46.26
C ARG A 251 -34.37 -3.73 -47.66
N ARG A 252 -33.89 -4.47 -48.66
CA ARG A 252 -34.16 -4.15 -50.04
C ARG A 252 -35.67 -4.17 -50.30
N PHE A 253 -36.34 -5.19 -49.77
CA PHE A 253 -37.79 -5.31 -49.91
C PHE A 253 -38.54 -4.12 -49.33
N ARG A 254 -38.04 -3.60 -48.22
CA ARG A 254 -38.69 -2.48 -47.54
C ARG A 254 -38.48 -1.17 -48.31
N LEU A 255 -37.24 -0.92 -48.71
CA LEU A 255 -36.91 0.30 -49.45
C LEU A 255 -37.58 0.33 -50.82
N ASP A 256 -37.72 -0.84 -51.43
CA ASP A 256 -38.26 -0.95 -52.78
C ASP A 256 -39.77 -0.81 -52.81
N GLN A 257 -40.42 -1.23 -51.73
CA GLN A 257 -41.88 -1.33 -51.71
C GLN A 257 -42.55 -0.45 -50.66
N ASP A 258 -41.79 0.47 -50.06
CA ASP A 258 -42.31 1.36 -49.02
C ASP A 258 -42.93 0.58 -47.86
N ASP A 259 -42.28 -0.50 -47.45
CA ASP A 259 -42.73 -1.33 -46.34
C ASP A 259 -44.17 -1.82 -46.51
N ALA A 260 -44.55 -2.13 -47.75
CA ALA A 260 -45.91 -2.57 -48.03
C ALA A 260 -46.04 -4.09 -47.95
N LEU A 261 -44.91 -4.76 -47.82
CA LEU A 261 -44.90 -6.23 -47.79
C LEU A 261 -44.89 -6.79 -46.37
N SER A 262 -45.73 -7.79 -46.13
CA SER A 262 -45.75 -8.50 -44.87
C SER A 262 -44.88 -9.74 -44.98
N ILE A 263 -43.70 -9.70 -44.37
CA ILE A 263 -42.72 -10.78 -44.48
C ILE A 263 -42.60 -11.60 -43.20
N ALA A 264 -42.60 -12.92 -43.35
CA ALA A 264 -42.43 -13.83 -42.22
C ALA A 264 -41.09 -14.55 -42.32
N VAL A 265 -40.28 -14.44 -41.28
CA VAL A 265 -38.95 -15.04 -41.28
C VAL A 265 -38.85 -16.20 -40.29
N ILE A 266 -38.44 -17.37 -40.79
CA ILE A 266 -38.26 -18.54 -39.95
C ILE A 266 -36.81 -19.01 -40.00
N SER A 267 -36.03 -18.63 -39.00
CA SER A 267 -34.61 -19.00 -38.95
C SER A 267 -34.36 -20.21 -38.09
N ILE A 268 -33.58 -21.15 -38.61
CA ILE A 268 -33.27 -22.38 -37.90
C ILE A 268 -31.77 -22.50 -37.60
N ASP A 269 -31.45 -22.82 -36.36
CA ASP A 269 -30.07 -23.01 -35.94
C ASP A 269 -29.92 -24.35 -35.24
N PRO A 270 -28.73 -24.98 -35.34
CA PRO A 270 -28.59 -26.35 -34.84
C PRO A 270 -28.63 -26.41 -33.32
N SER A 271 -29.31 -27.42 -32.81
CA SER A 271 -29.46 -27.62 -31.37
C SER A 271 -28.57 -28.76 -30.89
N ARG A 272 -27.73 -28.48 -29.91
CA ARG A 272 -26.90 -29.50 -29.31
C ARG A 272 -27.73 -30.37 -28.38
N ARG A 273 -27.90 -31.63 -28.77
CA ARG A 273 -28.76 -32.56 -28.04
C ARG A 273 -28.16 -32.96 -26.69
N LYS A 274 -26.87 -32.66 -26.52
CA LYS A 274 -26.18 -32.96 -25.27
C LYS A 274 -26.76 -32.15 -24.11
N SER A 275 -26.74 -30.83 -24.25
CA SER A 275 -27.30 -29.94 -23.23
C SER A 275 -28.82 -30.05 -23.15
N GLY A 276 -29.48 -29.99 -24.30
CA GLY A 276 -30.92 -30.04 -24.38
C GLY A 276 -31.46 -28.84 -25.12
N GLY A 277 -30.93 -27.67 -24.82
CA GLY A 277 -31.32 -26.44 -25.47
C GLY A 277 -30.35 -26.05 -26.57
N ALA A 278 -30.52 -24.83 -27.09
CA ALA A 278 -29.69 -24.36 -28.20
C ALA A 278 -29.38 -22.87 -28.10
N LEU A 279 -28.51 -22.41 -28.98
CA LEU A 279 -28.21 -20.98 -29.08
C LEU A 279 -28.66 -20.43 -30.42
N LEU A 280 -29.94 -20.09 -30.50
CA LEU A 280 -30.55 -19.54 -31.70
C LEU A 280 -29.98 -18.16 -32.01
N GLY A 281 -28.89 -18.12 -32.75
CA GLY A 281 -28.18 -16.87 -33.01
C GLY A 281 -28.30 -16.39 -34.44
N ASP A 282 -29.53 -16.15 -34.88
CA ASP A 282 -29.78 -15.58 -36.19
C ASP A 282 -30.45 -14.22 -36.06
N ARG A 283 -31.30 -14.09 -35.06
CA ARG A 283 -32.05 -12.86 -34.84
C ARG A 283 -31.13 -11.70 -34.49
N ILE A 284 -30.00 -12.01 -33.88
CA ILE A 284 -29.03 -10.99 -33.45
C ILE A 284 -28.45 -10.22 -34.64
N ARG A 285 -28.44 -10.85 -35.81
CA ARG A 285 -27.88 -10.25 -37.02
C ARG A 285 -28.92 -9.40 -37.76
N MET A 286 -30.19 -9.63 -37.44
CA MET A 286 -31.28 -8.96 -38.13
C MET A 286 -31.51 -7.53 -37.63
N ASN A 287 -31.25 -6.56 -38.49
CA ASN A 287 -31.47 -5.15 -38.15
C ASN A 287 -32.69 -4.55 -38.85
N ALA A 288 -33.12 -5.18 -39.94
CA ALA A 288 -34.19 -4.62 -40.76
C ALA A 288 -35.54 -5.23 -40.44
N ILE A 289 -35.59 -6.09 -39.42
CA ILE A 289 -36.83 -6.78 -39.11
C ILE A 289 -37.66 -6.04 -38.05
N ASN A 290 -37.19 -4.87 -37.64
CA ASN A 290 -37.89 -4.09 -36.64
C ASN A 290 -38.99 -3.22 -37.26
N HIS A 291 -40.14 -3.82 -37.49
CA HIS A 291 -41.28 -3.17 -38.14
C HIS A 291 -42.50 -4.08 -38.00
N PRO A 292 -43.68 -3.47 -37.80
CA PRO A 292 -44.92 -4.23 -37.61
C PRO A 292 -45.22 -5.24 -38.72
N ASN A 293 -44.79 -4.97 -39.95
CA ASN A 293 -45.06 -5.87 -41.07
C ASN A 293 -44.08 -7.03 -41.16
N ILE A 294 -43.11 -7.07 -40.26
CA ILE A 294 -42.13 -8.15 -40.23
C ILE A 294 -42.31 -9.02 -38.99
N PHE A 295 -42.28 -10.34 -39.19
CA PHE A 295 -42.39 -11.30 -38.11
C PHE A 295 -41.26 -12.32 -38.21
N MET A 296 -40.60 -12.61 -37.09
CA MET A 296 -39.54 -13.60 -37.10
C MET A 296 -39.59 -14.55 -35.91
N ARG A 297 -39.46 -15.84 -36.19
CA ARG A 297 -39.42 -16.87 -35.17
C ARG A 297 -38.16 -17.72 -35.33
N SER A 298 -37.48 -17.97 -34.21
CA SER A 298 -36.25 -18.76 -34.23
C SER A 298 -36.52 -20.19 -33.77
N LEU A 299 -36.20 -21.16 -34.62
CA LEU A 299 -36.41 -22.57 -34.30
C LEU A 299 -35.11 -23.32 -34.11
N ALA A 300 -35.08 -24.23 -33.14
CA ALA A 300 -33.96 -25.13 -32.98
C ALA A 300 -34.25 -26.41 -33.76
N THR A 301 -33.20 -27.00 -34.33
CA THR A 301 -33.34 -28.22 -35.11
C THR A 301 -33.95 -29.32 -34.26
N ARG A 302 -33.54 -29.34 -32.98
CA ARG A 302 -33.97 -30.31 -31.98
C ARG A 302 -33.64 -31.74 -32.42
N GLU A 303 -32.69 -31.83 -33.36
CA GLU A 303 -32.10 -33.08 -33.82
C GLU A 303 -30.63 -32.81 -34.13
N ALA A 304 -29.77 -33.77 -33.85
CA ALA A 304 -28.33 -33.57 -34.01
C ALA A 304 -27.90 -33.46 -35.47
N GLY A 305 -28.69 -34.01 -36.38
CA GLY A 305 -28.32 -34.09 -37.78
C GLY A 305 -29.08 -33.17 -38.72
N SER A 306 -30.39 -33.39 -38.84
CA SER A 306 -31.22 -32.66 -39.80
C SER A 306 -31.15 -31.15 -39.61
N GLU A 307 -31.11 -30.41 -40.72
CA GLU A 307 -30.97 -28.97 -40.69
C GLU A 307 -32.31 -28.26 -40.71
N ILE A 308 -33.38 -29.01 -40.45
CA ILE A 308 -34.71 -28.44 -40.38
C ILE A 308 -35.46 -28.95 -39.16
N SER A 309 -36.30 -28.10 -38.59
CA SER A 309 -37.17 -28.50 -37.49
C SER A 309 -38.16 -29.54 -37.99
N GLN A 310 -38.43 -30.55 -37.17
CA GLN A 310 -39.31 -31.65 -37.58
C GLN A 310 -40.75 -31.16 -37.82
N ALA A 311 -41.03 -29.91 -37.45
CA ALA A 311 -42.36 -29.35 -37.61
C ALA A 311 -42.35 -28.15 -38.56
N LEU A 312 -41.30 -28.03 -39.37
CA LEU A 312 -41.16 -26.92 -40.31
C LEU A 312 -42.33 -26.77 -41.30
N PRO A 313 -42.79 -27.88 -41.91
CA PRO A 313 -43.95 -27.70 -42.81
C PRO A 313 -45.19 -27.16 -42.11
N ASP A 314 -45.34 -27.48 -40.82
CA ASP A 314 -46.46 -26.95 -40.04
C ASP A 314 -46.29 -25.46 -39.78
N VAL A 315 -45.07 -25.07 -39.39
CA VAL A 315 -44.77 -23.67 -39.09
C VAL A 315 -44.92 -22.79 -40.32
N ILE A 316 -44.44 -23.27 -41.47
CA ILE A 316 -44.57 -22.54 -42.72
C ILE A 316 -46.05 -22.36 -43.07
N ALA A 317 -46.82 -23.44 -42.97
CA ALA A 317 -48.25 -23.40 -43.27
C ALA A 317 -48.97 -22.40 -42.38
N ALA A 318 -48.52 -22.31 -41.12
CA ALA A 318 -49.11 -21.37 -40.18
C ALA A 318 -48.92 -19.93 -40.62
N CYS A 319 -47.73 -19.64 -41.18
CA CYS A 319 -47.43 -18.30 -41.66
C CYS A 319 -48.18 -18.00 -42.96
N LYS A 320 -48.34 -19.01 -43.80
CA LYS A 320 -49.07 -18.83 -45.05
C LYS A 320 -50.51 -18.46 -44.76
N ALA A 321 -51.10 -19.09 -43.75
CA ALA A 321 -52.48 -18.85 -43.39
C ALA A 321 -52.66 -17.48 -42.74
N ALA A 322 -51.59 -16.94 -42.17
CA ALA A 322 -51.64 -15.65 -41.49
C ALA A 322 -51.56 -14.49 -42.48
N ARG A 323 -51.73 -14.81 -43.76
CA ARG A 323 -51.80 -13.82 -44.84
C ARG A 323 -50.54 -12.96 -44.94
N PHE A 324 -49.38 -13.61 -44.87
CA PHE A 324 -48.12 -12.93 -45.13
C PHE A 324 -47.86 -12.91 -46.64
N ASP A 325 -47.23 -11.84 -47.11
CA ASP A 325 -46.95 -11.69 -48.55
C ASP A 325 -45.79 -12.58 -49.00
N LEU A 326 -44.93 -12.95 -48.06
CA LEU A 326 -43.75 -13.76 -48.35
C LEU A 326 -43.22 -14.44 -47.09
N VAL A 327 -42.84 -15.70 -47.22
CA VAL A 327 -42.24 -16.42 -46.10
C VAL A 327 -40.80 -16.82 -46.44
N ILE A 328 -39.86 -16.38 -45.61
CA ILE A 328 -38.45 -16.67 -45.82
C ILE A 328 -37.93 -17.63 -44.75
N VAL A 329 -37.27 -18.70 -45.19
CA VAL A 329 -36.77 -19.71 -44.27
C VAL A 329 -35.25 -19.87 -44.36
N GLU A 330 -34.58 -19.68 -43.22
CA GLU A 330 -33.14 -19.90 -43.14
C GLU A 330 -32.84 -21.21 -42.40
N THR A 331 -32.06 -22.08 -43.04
CA THR A 331 -31.66 -23.34 -42.41
C THR A 331 -30.41 -23.14 -41.57
N SER A 332 -29.98 -24.20 -40.91
CA SER A 332 -28.74 -24.17 -40.16
C SER A 332 -27.57 -24.44 -41.08
N GLY A 333 -26.37 -24.46 -40.50
CA GLY A 333 -25.17 -24.85 -41.20
C GLY A 333 -25.30 -26.26 -41.71
N ILE A 334 -25.41 -26.41 -43.02
CA ILE A 334 -25.58 -27.72 -43.65
C ILE A 334 -24.29 -28.16 -44.32
N GLY A 335 -24.12 -29.47 -44.43
CA GLY A 335 -22.99 -30.02 -45.16
C GLY A 335 -23.10 -29.73 -46.64
N GLN A 336 -22.11 -30.16 -47.41
CA GLN A 336 -22.14 -29.95 -48.85
C GLN A 336 -23.23 -30.79 -49.51
N GLY A 337 -23.37 -32.03 -49.05
CA GLY A 337 -24.36 -32.96 -49.61
C GLY A 337 -25.68 -32.93 -48.88
N ASP A 338 -26.13 -31.74 -48.49
CA ASP A 338 -27.42 -31.57 -47.83
C ASP A 338 -28.33 -30.67 -48.65
N ALA A 339 -29.63 -30.96 -48.64
CA ALA A 339 -30.57 -30.19 -49.43
C ALA A 339 -32.01 -30.43 -48.97
N ALA A 340 -32.21 -30.44 -47.66
CA ALA A 340 -33.50 -30.79 -47.08
C ALA A 340 -34.50 -29.64 -47.16
N ILE A 341 -34.03 -28.47 -47.58
CA ILE A 341 -34.88 -27.29 -47.62
C ILE A 341 -35.69 -27.23 -48.92
N VAL A 342 -35.20 -27.91 -49.95
CA VAL A 342 -35.79 -27.85 -51.29
C VAL A 342 -37.28 -28.24 -51.38
N PRO A 343 -37.68 -29.36 -50.75
CA PRO A 343 -39.09 -29.73 -50.99
C PRO A 343 -40.10 -28.90 -50.21
N HIS A 344 -39.64 -28.08 -49.27
CA HIS A 344 -40.55 -27.31 -48.42
C HIS A 344 -40.75 -25.87 -48.89
N VAL A 345 -39.91 -25.43 -49.84
CA VAL A 345 -39.98 -24.06 -50.31
C VAL A 345 -40.29 -23.98 -51.80
N ASP A 346 -40.71 -22.80 -52.24
CA ASP A 346 -41.04 -22.57 -53.65
C ASP A 346 -39.82 -22.06 -54.42
N LEU A 347 -38.90 -21.42 -53.70
CA LEU A 347 -37.62 -20.97 -54.26
C LEU A 347 -36.49 -21.21 -53.27
N SER A 348 -35.35 -21.66 -53.76
CA SER A 348 -34.22 -21.96 -52.89
C SER A 348 -32.98 -21.14 -53.27
N LEU A 349 -32.26 -20.68 -52.25
CA LEU A 349 -31.06 -19.87 -52.45
C LEU A 349 -29.87 -20.47 -51.68
N TYR A 350 -28.86 -20.92 -52.40
CA TYR A 350 -27.67 -21.48 -51.78
C TYR A 350 -26.62 -20.40 -51.54
N VAL A 351 -26.19 -20.26 -50.30
CA VAL A 351 -25.20 -19.25 -49.94
C VAL A 351 -23.86 -19.90 -49.62
N MET A 352 -22.80 -19.39 -50.24
CA MET A 352 -21.47 -19.94 -50.02
C MET A 352 -20.41 -18.83 -49.98
N THR A 353 -19.18 -19.21 -49.62
CA THR A 353 -18.06 -18.29 -49.62
C THR A 353 -17.09 -18.70 -50.72
N PRO A 354 -16.21 -17.79 -51.17
CA PRO A 354 -15.22 -18.12 -52.19
C PRO A 354 -14.31 -19.29 -51.81
N GLU A 355 -14.17 -19.56 -50.53
CA GLU A 355 -13.36 -20.69 -50.06
C GLU A 355 -14.17 -21.98 -50.06
N PHE A 356 -13.96 -22.79 -51.09
CA PHE A 356 -14.60 -24.10 -51.20
C PHE A 356 -13.56 -25.14 -51.62
N GLY A 357 -12.30 -24.73 -51.62
CA GLY A 357 -11.20 -25.61 -51.99
C GLY A 357 -11.05 -25.72 -53.49
N ALA A 358 -10.92 -26.94 -53.98
CA ALA A 358 -10.77 -27.19 -55.41
C ALA A 358 -12.07 -26.95 -56.15
N ALA A 359 -11.98 -26.75 -57.46
CA ALA A 359 -13.16 -26.53 -58.29
C ALA A 359 -13.91 -27.83 -58.52
N SER A 360 -13.25 -28.95 -58.24
CA SER A 360 -13.86 -30.27 -58.40
C SER A 360 -14.85 -30.55 -57.28
N GLN A 361 -14.76 -29.79 -56.19
CA GLN A 361 -15.64 -29.97 -55.05
C GLN A 361 -17.08 -29.64 -55.42
N LEU A 362 -17.25 -28.72 -56.36
CA LEU A 362 -18.57 -28.24 -56.75
C LEU A 362 -19.43 -29.33 -57.38
N GLU A 363 -18.79 -30.42 -57.81
CA GLU A 363 -19.52 -31.54 -58.39
C GLU A 363 -20.07 -32.46 -57.30
N LYS A 364 -19.68 -32.18 -56.05
CA LYS A 364 -20.14 -32.98 -54.92
C LYS A 364 -21.27 -32.29 -54.18
N ILE A 365 -21.41 -30.99 -54.40
CA ILE A 365 -22.42 -30.19 -53.71
C ILE A 365 -23.81 -30.41 -54.29
N ASP A 366 -24.64 -31.16 -53.57
CA ASP A 366 -25.98 -31.50 -54.04
C ASP A 366 -26.87 -30.28 -54.21
N MET A 367 -26.57 -29.20 -53.49
CA MET A 367 -27.43 -28.04 -53.49
C MET A 367 -27.32 -27.25 -54.79
N LEU A 368 -26.18 -27.37 -55.47
CA LEU A 368 -25.98 -26.68 -56.75
C LEU A 368 -26.84 -27.28 -57.85
N ASP A 369 -27.50 -28.39 -57.52
CA ASP A 369 -28.34 -29.10 -58.49
C ASP A 369 -29.79 -28.64 -58.38
N PHE A 370 -30.16 -28.08 -57.23
CA PHE A 370 -31.55 -27.72 -56.97
C PHE A 370 -31.78 -26.21 -56.82
N ALA A 371 -30.74 -25.50 -56.40
CA ALA A 371 -30.85 -24.07 -56.11
C ALA A 371 -31.32 -23.27 -57.32
N ASP A 372 -32.31 -22.40 -57.11
CA ASP A 372 -32.79 -21.51 -58.16
C ASP A 372 -31.89 -20.29 -58.24
N PHE A 373 -31.24 -19.98 -57.13
CA PHE A 373 -30.28 -18.89 -57.06
C PHE A 373 -29.09 -19.30 -56.21
N VAL A 374 -27.90 -18.87 -56.61
CA VAL A 374 -26.71 -19.12 -55.82
C VAL A 374 -26.04 -17.81 -55.48
N ALA A 375 -25.80 -17.59 -54.20
CA ALA A 375 -25.15 -16.37 -53.74
C ALA A 375 -23.77 -16.66 -53.17
N ILE A 376 -22.74 -16.21 -53.87
CA ILE A 376 -21.38 -16.31 -53.37
C ILE A 376 -21.09 -15.09 -52.50
N ASN A 377 -21.44 -15.19 -51.22
CA ASN A 377 -21.28 -14.10 -50.29
C ASN A 377 -19.82 -13.94 -49.87
N LYS A 378 -19.55 -12.89 -49.08
CA LYS A 378 -18.19 -12.55 -48.68
C LYS A 378 -17.30 -12.39 -49.89
N PHE A 379 -17.79 -11.64 -50.88
CA PHE A 379 -17.10 -11.48 -52.15
C PHE A 379 -15.88 -10.58 -52.03
N ASP A 380 -15.65 -10.05 -50.83
CA ASP A 380 -14.48 -9.23 -50.56
C ASP A 380 -13.26 -10.11 -50.26
N ARG A 381 -13.50 -11.40 -50.06
CA ARG A 381 -12.44 -12.35 -49.76
C ARG A 381 -11.58 -12.64 -50.98
N LYS A 382 -10.37 -13.13 -50.75
CA LYS A 382 -9.46 -13.48 -51.84
C LYS A 382 -10.02 -14.63 -52.67
N GLY A 383 -9.95 -14.48 -53.98
CA GLY A 383 -10.35 -15.54 -54.89
C GLY A 383 -11.84 -15.57 -55.21
N ALA A 384 -12.53 -14.48 -54.88
CA ALA A 384 -13.97 -14.39 -55.12
C ALA A 384 -14.29 -14.40 -56.62
N GLN A 385 -13.48 -13.70 -57.40
CA GLN A 385 -13.65 -13.63 -58.83
C GLN A 385 -13.62 -15.02 -59.48
N ASP A 386 -12.56 -15.78 -59.22
CA ASP A 386 -12.42 -17.11 -59.78
C ASP A 386 -13.45 -18.08 -59.22
N ALA A 387 -13.89 -17.82 -58.00
CA ALA A 387 -14.91 -18.65 -57.37
C ALA A 387 -16.23 -18.53 -58.11
N TRP A 388 -16.53 -17.32 -58.58
CA TRP A 388 -17.76 -17.09 -59.32
C TRP A 388 -17.75 -17.80 -60.67
N ARG A 389 -16.60 -17.81 -61.35
CA ARG A 389 -16.53 -18.45 -62.66
C ARG A 389 -16.67 -19.97 -62.54
N ASP A 390 -16.19 -20.54 -61.43
CA ASP A 390 -16.33 -21.98 -61.22
C ASP A 390 -17.79 -22.36 -60.93
N VAL A 391 -18.41 -21.62 -60.02
CA VAL A 391 -19.80 -21.90 -59.63
C VAL A 391 -20.74 -21.66 -60.82
N ALA A 392 -20.49 -20.60 -61.58
CA ALA A 392 -21.32 -20.29 -62.74
C ALA A 392 -21.28 -21.42 -63.76
N LYS A 393 -20.09 -21.89 -64.08
CA LYS A 393 -19.92 -22.96 -65.04
C LYS A 393 -20.52 -24.26 -64.51
N GLN A 394 -20.46 -24.44 -63.19
CA GLN A 394 -20.99 -25.67 -62.58
C GLN A 394 -22.51 -25.69 -62.64
N VAL A 395 -23.13 -24.53 -62.39
CA VAL A 395 -24.58 -24.44 -62.44
C VAL A 395 -25.06 -24.60 -63.88
N GLN A 396 -24.28 -24.05 -64.82
CA GLN A 396 -24.59 -24.19 -66.23
C GLN A 396 -24.59 -25.66 -66.66
N ARG A 397 -23.61 -26.42 -66.15
CA ARG A 397 -23.51 -27.84 -66.46
C ARG A 397 -24.68 -28.60 -65.84
N ASN A 398 -25.03 -28.26 -64.61
CA ASN A 398 -26.11 -28.96 -63.89
C ASN A 398 -27.47 -28.74 -64.54
N ARG A 399 -27.61 -27.65 -65.28
CA ARG A 399 -28.87 -27.32 -65.92
C ARG A 399 -28.86 -27.68 -67.40
N GLU A 400 -27.69 -28.09 -67.90
CA GLU A 400 -27.51 -28.43 -69.30
C GLU A 400 -27.90 -27.28 -70.23
N GLN A 401 -27.68 -26.05 -69.77
CA GLN A 401 -27.95 -24.87 -70.59
C GLN A 401 -26.71 -24.46 -71.37
N TRP A 402 -26.28 -25.30 -72.30
CA TRP A 402 -25.06 -25.05 -73.09
C TRP A 402 -25.25 -23.90 -74.05
N HIS A 403 -26.50 -23.66 -74.45
CA HIS A 403 -26.82 -22.59 -75.38
C HIS A 403 -26.92 -21.23 -74.66
N SER A 404 -26.67 -21.23 -73.36
CA SER A 404 -26.66 -19.99 -72.59
C SER A 404 -25.23 -19.61 -72.20
N ARG A 405 -25.04 -18.36 -71.82
CA ARG A 405 -23.74 -17.90 -71.36
C ARG A 405 -23.59 -18.21 -69.88
N ALA A 406 -22.38 -18.53 -69.45
CA ALA A 406 -22.12 -18.87 -68.06
C ALA A 406 -22.41 -17.67 -67.16
N GLU A 407 -22.17 -16.47 -67.69
CA GLU A 407 -22.37 -15.24 -66.93
C GLU A 407 -23.86 -14.91 -66.75
N ASP A 408 -24.73 -15.62 -67.45
CA ASP A 408 -26.17 -15.37 -67.38
C ASP A 408 -26.85 -16.25 -66.33
N MET A 409 -26.12 -17.21 -65.78
CA MET A 409 -26.68 -18.09 -64.76
C MET A 409 -27.02 -17.30 -63.50
N PRO A 410 -28.04 -17.76 -62.74
CA PRO A 410 -28.47 -17.08 -61.52
C PRO A 410 -27.46 -17.15 -60.37
N VAL A 411 -26.17 -17.09 -60.67
CA VAL A 411 -25.15 -17.06 -59.65
C VAL A 411 -24.71 -15.64 -59.38
N TYR A 412 -24.84 -15.21 -58.12
CA TYR A 412 -24.56 -13.82 -57.76
C TYR A 412 -23.42 -13.69 -56.77
N GLY A 413 -22.60 -12.66 -56.95
CA GLY A 413 -21.54 -12.36 -56.02
C GLY A 413 -21.96 -11.22 -55.10
N THR A 414 -22.18 -11.54 -53.83
CA THR A 414 -22.70 -10.55 -52.89
C THR A 414 -21.74 -10.26 -51.74
N GLN A 415 -21.94 -9.12 -51.09
CA GLN A 415 -21.21 -8.78 -49.88
C GLN A 415 -22.15 -8.15 -48.85
N ALA A 416 -22.78 -9.01 -48.05
CA ALA A 416 -23.83 -8.57 -47.13
C ALA A 416 -23.30 -7.67 -46.02
N SER A 417 -22.01 -7.79 -45.73
CA SER A 417 -21.39 -6.98 -44.68
C SER A 417 -21.29 -5.51 -45.09
N ARG A 418 -21.32 -5.30 -46.40
CA ARG A 418 -21.18 -3.97 -47.00
C ARG A 418 -22.53 -3.30 -47.18
N PHE A 419 -22.67 -2.10 -46.63
CA PHE A 419 -23.91 -1.35 -46.68
C PHE A 419 -24.27 -0.92 -48.10
N ASN A 420 -25.51 -1.20 -48.49
CA ASN A 420 -26.01 -0.88 -49.84
C ASN A 420 -25.18 -1.49 -50.97
N ASP A 421 -24.68 -2.69 -50.74
CA ASP A 421 -23.90 -3.41 -51.73
C ASP A 421 -24.68 -3.62 -53.02
N ASP A 422 -24.08 -3.23 -54.14
CA ASP A 422 -24.73 -3.37 -55.44
C ASP A 422 -24.92 -4.84 -55.81
N GLY A 423 -24.04 -5.69 -55.30
CA GLY A 423 -24.14 -7.12 -55.53
C GLY A 423 -25.43 -7.68 -54.96
N VAL A 424 -25.69 -7.38 -53.70
CA VAL A 424 -26.91 -7.83 -53.02
C VAL A 424 -28.15 -7.32 -53.74
N THR A 425 -28.11 -6.08 -54.19
CA THR A 425 -29.22 -5.48 -54.92
C THR A 425 -29.46 -6.23 -56.22
N MET A 426 -28.40 -6.65 -56.89
CA MET A 426 -28.51 -7.43 -58.11
C MET A 426 -29.23 -8.76 -57.84
N LEU A 427 -28.85 -9.41 -56.74
CA LEU A 427 -29.51 -10.65 -56.32
C LEU A 427 -30.98 -10.40 -55.99
N TYR A 428 -31.24 -9.26 -55.36
CA TYR A 428 -32.61 -8.89 -55.02
C TYR A 428 -33.46 -8.70 -56.27
N GLN A 429 -32.92 -7.99 -57.25
CA GLN A 429 -33.61 -7.75 -58.51
C GLN A 429 -33.99 -9.06 -59.17
N GLY A 430 -33.10 -10.04 -59.06
CA GLY A 430 -33.35 -11.36 -59.62
C GLY A 430 -34.46 -12.08 -58.88
N LEU A 431 -34.42 -12.04 -57.55
CA LEU A 431 -35.41 -12.71 -56.72
C LEU A 431 -36.81 -12.12 -56.92
N VAL A 432 -36.87 -10.82 -57.16
CA VAL A 432 -38.14 -10.15 -57.39
C VAL A 432 -38.78 -10.63 -58.68
N GLY A 433 -37.99 -10.68 -59.74
CA GLY A 433 -38.47 -11.16 -61.03
C GLY A 433 -38.95 -12.59 -60.98
N ALA A 434 -38.32 -13.39 -60.14
CA ALA A 434 -38.69 -14.79 -59.98
C ALA A 434 -39.96 -14.94 -59.14
N LEU A 435 -40.07 -14.11 -58.10
CA LEU A 435 -41.25 -14.11 -57.24
C LEU A 435 -42.45 -13.49 -57.95
N GLY A 436 -42.16 -12.59 -58.88
CA GLY A 436 -43.20 -11.94 -59.66
C GLY A 436 -43.94 -12.94 -60.53
N ALA A 437 -43.19 -13.78 -61.22
CA ALA A 437 -43.77 -14.80 -62.08
C ALA A 437 -44.52 -15.86 -61.27
N ARG A 438 -44.12 -16.03 -60.01
CA ARG A 438 -44.74 -17.02 -59.15
C ARG A 438 -45.88 -16.42 -58.34
N GLY A 439 -46.61 -15.48 -58.95
CA GLY A 439 -47.77 -14.89 -58.33
C GLY A 439 -47.50 -14.09 -57.07
N MET A 440 -46.87 -12.94 -57.22
CA MET A 440 -46.65 -12.03 -56.10
C MET A 440 -46.71 -10.58 -56.59
N SER A 441 -47.87 -9.96 -56.39
CA SER A 441 -48.08 -8.60 -56.84
C SER A 441 -47.15 -7.63 -56.12
N LEU A 442 -46.40 -6.86 -56.89
CA LEU A 442 -45.52 -5.86 -56.31
C LEU A 442 -45.41 -4.63 -57.20
N LYS A 443 -45.29 -3.47 -56.57
CA LYS A 443 -45.19 -2.20 -57.27
C LYS A 443 -43.84 -2.08 -57.98
N PRO A 444 -43.79 -1.29 -59.07
CA PRO A 444 -42.51 -0.99 -59.72
C PRO A 444 -41.53 -0.38 -58.73
N GLY A 445 -40.36 -1.01 -58.59
CA GLY A 445 -39.41 -0.66 -57.56
C GLY A 445 -38.87 0.75 -57.59
N THR A 446 -38.32 1.18 -56.45
CA THR A 446 -37.70 2.50 -56.33
C THR A 446 -36.19 2.36 -56.26
N LEU A 447 -35.70 1.14 -56.35
CA LEU A 447 -34.28 0.85 -56.27
C LEU A 447 -33.61 0.90 -57.64
N PRO A 448 -32.28 1.08 -57.66
CA PRO A 448 -31.49 1.05 -58.90
C PRO A 448 -31.57 -0.31 -59.58
N ASN A 449 -32.45 -0.42 -60.58
CA ASN A 449 -32.59 -1.65 -61.33
C ASN A 449 -31.36 -1.88 -62.20
N LEU A 450 -30.26 -2.27 -61.55
CA LEU A 450 -28.98 -2.42 -62.23
C LEU A 450 -28.83 -3.78 -62.87
N GLU A 451 -27.72 -3.95 -63.58
CA GLU A 451 -27.43 -5.18 -64.30
C GLU A 451 -26.07 -5.74 -63.90
N GLY A 452 -25.88 -7.04 -64.08
CA GLY A 452 -24.67 -7.71 -63.65
C GLY A 452 -24.98 -8.76 -62.60
N ARG A 453 -23.98 -9.54 -62.22
CA ARG A 453 -24.18 -10.62 -61.25
C ARG A 453 -23.21 -10.49 -60.08
N ILE A 454 -22.24 -9.60 -60.23
CA ILE A 454 -21.11 -9.55 -59.31
C ILE A 454 -20.99 -8.17 -58.64
N SER A 455 -20.77 -8.17 -57.33
CA SER A 455 -20.53 -6.93 -56.59
C SER A 455 -19.28 -6.21 -57.07
N THR A 456 -19.31 -4.88 -56.98
CA THR A 456 -18.19 -4.05 -57.39
C THR A 456 -17.55 -3.33 -56.21
N GLY A 457 -17.68 -3.93 -55.02
CA GLY A 457 -17.07 -3.37 -53.83
C GLY A 457 -15.57 -3.55 -53.83
N GLN A 458 -14.85 -2.50 -54.17
CA GLN A 458 -13.40 -2.57 -54.32
C GLN A 458 -12.66 -1.98 -53.13
N ASN A 459 -13.35 -1.83 -52.01
CA ASN A 459 -12.71 -1.33 -50.80
C ASN A 459 -11.93 -2.42 -50.08
N VAL A 460 -10.75 -2.07 -49.58
CA VAL A 460 -9.94 -2.99 -48.78
C VAL A 460 -9.26 -2.25 -47.63
N ILE A 461 -9.37 -2.81 -46.43
CA ILE A 461 -8.72 -2.23 -45.26
C ILE A 461 -7.27 -2.70 -45.19
N VAL A 462 -7.08 -4.01 -45.35
CA VAL A 462 -5.74 -4.59 -45.37
C VAL A 462 -5.61 -5.56 -46.54
N PRO A 463 -4.70 -5.27 -47.49
CA PRO A 463 -4.51 -6.11 -48.67
C PRO A 463 -4.10 -7.53 -48.30
N PRO A 464 -4.65 -8.53 -49.00
CA PRO A 464 -4.36 -9.95 -48.74
C PRO A 464 -2.88 -10.27 -48.82
N ALA A 465 -2.13 -9.42 -49.51
CA ALA A 465 -0.68 -9.55 -49.58
C ALA A 465 -0.06 -9.38 -48.20
N ARG A 466 -0.62 -8.47 -47.41
CA ARG A 466 -0.11 -8.17 -46.08
C ARG A 466 -0.85 -8.96 -45.00
N SER A 467 -1.57 -10.00 -45.40
CA SER A 467 -2.46 -10.74 -44.50
C SER A 467 -1.78 -11.25 -43.23
N ARG A 468 -0.52 -11.67 -43.36
CA ARG A 468 0.20 -12.23 -42.23
C ARG A 468 1.15 -11.22 -41.59
N TYR A 469 0.70 -9.97 -41.52
CA TYR A 469 1.52 -8.90 -40.98
C TYR A 469 1.90 -9.13 -39.52
N LEU A 470 0.96 -9.65 -38.74
CA LEU A 470 1.21 -9.89 -37.32
C LEU A 470 2.27 -10.97 -37.12
N ALA A 471 2.28 -11.96 -38.00
CA ALA A 471 3.28 -13.02 -37.95
C ALA A 471 4.66 -12.45 -38.25
N GLU A 472 4.72 -11.55 -39.23
CA GLU A 472 5.98 -10.91 -39.61
C GLU A 472 6.53 -10.08 -38.46
N LEU A 473 5.63 -9.43 -37.73
CA LEU A 473 6.01 -8.62 -36.59
C LEU A 473 6.62 -9.48 -35.50
N ALA A 474 6.02 -10.64 -35.26
CA ALA A 474 6.53 -11.60 -34.29
C ALA A 474 7.96 -12.00 -34.64
N ASP A 475 8.18 -12.28 -35.93
CA ASP A 475 9.50 -12.64 -36.41
C ASP A 475 10.50 -11.51 -36.19
N THR A 476 10.06 -10.29 -36.45
CA THR A 476 10.92 -9.11 -36.31
C THR A 476 11.45 -8.99 -34.88
N VAL A 477 10.56 -9.20 -33.91
CA VAL A 477 10.93 -9.11 -32.51
C VAL A 477 11.89 -10.24 -32.13
N ARG A 478 11.51 -11.47 -32.45
CA ARG A 478 12.33 -12.63 -32.14
C ARG A 478 13.71 -12.54 -32.79
N ALA A 479 13.74 -11.96 -34.00
CA ALA A 479 15.00 -11.76 -34.70
C ALA A 479 15.88 -10.78 -33.97
N TYR A 480 15.27 -9.72 -33.43
CA TYR A 480 15.99 -8.71 -32.67
C TYR A 480 16.69 -9.34 -31.47
N HIS A 481 15.97 -10.18 -30.74
CA HIS A 481 16.51 -10.82 -29.55
C HIS A 481 17.64 -11.79 -29.89
N ARG A 482 17.51 -12.50 -31.01
CA ARG A 482 18.56 -13.40 -31.46
C ARG A 482 19.86 -12.64 -31.67
N ARG A 483 19.75 -11.41 -32.14
CA ARG A 483 20.91 -10.58 -32.37
C ARG A 483 21.55 -10.12 -31.06
N VAL A 484 20.71 -9.78 -30.08
CA VAL A 484 21.20 -9.37 -28.78
C VAL A 484 22.07 -10.47 -28.17
N VAL A 485 21.61 -11.71 -28.26
CA VAL A 485 22.35 -12.85 -27.77
C VAL A 485 23.71 -12.96 -28.46
N ALA A 486 23.69 -12.89 -29.79
CA ALA A 486 24.90 -13.05 -30.59
C ALA A 486 25.91 -11.93 -30.37
N GLN A 487 25.44 -10.69 -30.41
CA GLN A 487 26.31 -9.54 -30.22
C GLN A 487 26.89 -9.50 -28.81
N SER A 488 26.13 -10.00 -27.84
CA SER A 488 26.61 -10.07 -26.46
C SER A 488 27.74 -11.06 -26.34
N LYS A 489 27.57 -12.24 -26.94
CA LYS A 489 28.61 -13.27 -26.90
C LYS A 489 29.90 -12.74 -27.51
N LEU A 490 29.77 -11.97 -28.59
CA LEU A 490 30.93 -11.37 -29.23
C LEU A 490 31.59 -10.33 -28.33
N ALA A 491 30.77 -9.43 -27.79
CA ALA A 491 31.27 -8.37 -26.91
C ALA A 491 31.94 -8.96 -25.66
N ARG A 492 31.40 -10.08 -25.19
CA ARG A 492 31.94 -10.76 -24.02
C ARG A 492 33.30 -11.37 -24.33
N GLU A 493 33.36 -12.14 -25.42
CA GLU A 493 34.59 -12.80 -25.85
C GLU A 493 35.67 -11.77 -26.15
N ARG A 494 35.29 -10.68 -26.81
CA ARG A 494 36.22 -9.61 -27.14
C ARG A 494 36.89 -9.07 -25.89
N GLN A 495 36.09 -8.84 -24.85
CA GLN A 495 36.62 -8.35 -23.58
C GLN A 495 37.51 -9.38 -22.92
N GLN A 496 37.05 -10.63 -22.89
CA GLN A 496 37.78 -11.72 -22.26
C GLN A 496 39.16 -11.91 -22.88
N LEU A 497 39.25 -11.73 -24.19
CA LEU A 497 40.52 -11.87 -24.89
C LEU A 497 41.49 -10.76 -24.50
N ARG A 498 41.06 -9.51 -24.69
CA ARG A 498 41.90 -8.36 -24.38
C ARG A 498 42.24 -8.30 -22.89
N ALA A 499 41.37 -8.87 -22.07
CA ALA A 499 41.64 -8.96 -20.63
C ALA A 499 42.79 -9.92 -20.38
N ALA A 500 42.74 -11.09 -21.02
CA ALA A 500 43.79 -12.08 -20.85
C ALA A 500 45.10 -11.60 -21.48
N HIS A 501 44.99 -10.77 -22.52
CA HIS A 501 46.15 -10.21 -23.19
C HIS A 501 46.94 -9.29 -22.26
N ASP A 502 46.22 -8.48 -21.49
CA ASP A 502 46.84 -7.56 -20.54
C ASP A 502 47.43 -8.31 -19.35
N MET A 503 46.84 -9.45 -19.02
CA MET A 503 47.30 -10.24 -17.88
C MET A 503 48.56 -11.03 -18.24
N LEU A 504 48.66 -11.45 -19.49
CA LEU A 504 49.85 -12.15 -19.96
C LEU A 504 51.05 -11.22 -20.00
N GLN A 505 50.84 -9.99 -20.47
CA GLN A 505 51.90 -9.01 -20.54
C GLN A 505 52.36 -8.58 -19.14
N GLY A 506 51.46 -8.70 -18.17
CA GLY A 506 51.77 -8.38 -16.80
C GLY A 506 52.67 -9.41 -16.14
N ALA A 507 52.73 -10.60 -16.74
CA ALA A 507 53.56 -11.68 -16.22
C ALA A 507 54.82 -11.85 -17.05
N GLY A 508 54.76 -11.38 -18.29
CA GLY A 508 55.90 -11.50 -19.19
C GLY A 508 55.56 -12.23 -20.48
N HIS A 509 55.09 -13.46 -20.36
CA HIS A 509 54.80 -14.31 -21.51
C HIS A 509 53.75 -13.68 -22.43
N GLU A 510 54.20 -13.08 -23.52
CA GLU A 510 53.29 -12.37 -24.42
C GLU A 510 52.90 -13.21 -25.63
N SER A 511 51.64 -13.10 -26.01
CA SER A 511 51.10 -13.80 -27.18
C SER A 511 50.17 -12.89 -27.97
N ALA A 512 50.66 -12.35 -29.07
CA ALA A 512 49.86 -11.48 -29.93
C ALA A 512 48.78 -12.26 -30.67
N ALA A 513 48.78 -13.57 -30.47
CA ALA A 513 47.78 -14.46 -31.07
C ALA A 513 46.41 -14.16 -30.49
N LEU A 514 46.39 -13.74 -29.22
CA LEU A 514 45.15 -13.34 -28.56
C LEU A 514 44.53 -12.12 -29.22
N GLU A 515 45.38 -11.12 -29.51
CA GLU A 515 44.92 -9.87 -30.09
C GLU A 515 44.31 -10.08 -31.48
N THR A 516 44.82 -11.06 -32.20
CA THR A 516 44.32 -11.38 -33.53
C THR A 516 42.87 -11.85 -33.45
N LEU A 517 42.56 -12.62 -32.41
CA LEU A 517 41.20 -13.11 -32.19
C LEU A 517 40.29 -11.99 -31.69
N ALA A 518 40.89 -11.01 -31.02
CA ALA A 518 40.12 -9.88 -30.49
C ALA A 518 39.70 -8.94 -31.62
N SER A 519 40.68 -8.53 -32.43
CA SER A 519 40.42 -7.66 -33.57
C SER A 519 39.46 -8.32 -34.54
N GLU A 520 39.46 -9.65 -34.55
CA GLU A 520 38.55 -10.43 -35.37
C GLU A 520 37.10 -10.21 -34.96
N ARG A 521 36.89 -9.92 -33.67
CA ARG A 521 35.55 -9.73 -33.14
C ARG A 521 35.12 -8.27 -33.13
N ASP A 522 36.07 -7.37 -33.38
CA ASP A 522 35.75 -5.95 -33.52
C ASP A 522 34.91 -5.74 -34.77
N VAL A 523 35.21 -6.51 -35.81
CA VAL A 523 34.48 -6.43 -37.06
C VAL A 523 33.17 -7.20 -36.97
N SER A 524 33.18 -8.28 -36.21
CA SER A 524 31.99 -9.11 -36.03
C SER A 524 30.87 -8.33 -35.33
N LEU A 525 31.25 -7.48 -34.38
CA LEU A 525 30.29 -6.59 -33.73
C LEU A 525 29.72 -5.59 -34.74
N GLY A 526 28.43 -5.35 -34.64
CA GLY A 526 27.78 -4.39 -35.53
C GLY A 526 28.27 -2.97 -35.28
N ALA A 527 27.90 -2.06 -36.18
CA ALA A 527 28.26 -0.66 -36.03
C ALA A 527 27.54 -0.03 -34.84
N VAL A 528 26.24 -0.31 -34.76
CA VAL A 528 25.40 0.25 -33.71
C VAL A 528 25.79 -0.28 -32.34
N GLU A 529 26.08 -1.58 -32.28
CA GLU A 529 26.43 -2.24 -31.03
C GLU A 529 27.79 -1.77 -30.51
N ARG A 530 28.72 -1.56 -31.43
CA ARG A 530 30.08 -1.15 -31.05
C ARG A 530 30.05 0.23 -30.42
N LYS A 531 29.16 1.09 -30.89
CA LYS A 531 29.07 2.46 -30.38
C LYS A 531 28.32 2.50 -29.06
N LEU A 532 27.43 1.53 -28.86
CA LEU A 532 26.70 1.42 -27.59
C LEU A 532 27.65 1.21 -26.42
N LEU A 533 28.54 0.24 -26.56
CA LEU A 533 29.53 -0.06 -25.53
C LEU A 533 30.53 1.08 -25.38
N ALA A 534 30.81 1.77 -26.49
CA ALA A 534 31.77 2.86 -26.50
C ALA A 534 31.28 4.06 -25.70
N MET A 535 29.97 4.30 -25.75
CA MET A 535 29.38 5.44 -25.07
C MET A 535 28.98 5.11 -23.64
N TRP A 536 29.14 3.86 -23.25
CA TRP A 536 28.76 3.43 -21.90
C TRP A 536 29.51 4.16 -20.78
N PRO A 537 30.84 4.33 -20.88
CA PRO A 537 31.49 5.05 -19.78
C PRO A 537 31.07 6.53 -19.74
N GLN A 538 30.84 7.12 -20.90
CA GLN A 538 30.38 8.50 -20.98
C GLN A 538 28.95 8.60 -20.46
N MET A 539 28.18 7.53 -20.66
CA MET A 539 26.81 7.46 -20.18
C MET A 539 26.77 7.43 -18.66
N GLN A 540 27.72 6.71 -18.06
CA GLN A 540 27.78 6.57 -16.61
C GLN A 540 28.10 7.90 -15.93
N GLN A 541 29.00 8.67 -16.54
CA GLN A 541 29.39 9.96 -15.98
C GLN A 541 28.23 10.94 -16.00
N ALA A 542 27.34 10.78 -16.98
CA ALA A 542 26.19 11.66 -17.12
C ALA A 542 25.22 11.51 -15.95
N TYR A 543 24.87 10.26 -15.64
CA TYR A 543 23.90 9.97 -14.59
C TYR A 543 24.52 9.86 -13.21
N SER A 544 25.76 10.31 -13.08
CA SER A 544 26.49 10.21 -11.81
C SER A 544 26.39 11.48 -10.98
N GLY A 545 26.46 12.62 -11.64
CA GLY A 545 26.46 13.89 -10.95
C GLY A 545 25.15 14.26 -10.28
N ASP A 546 25.05 15.52 -9.86
CA ASP A 546 23.83 16.03 -9.26
C ASP A 546 22.90 16.60 -10.32
N GLU A 547 23.44 16.82 -11.51
CA GLU A 547 22.63 17.32 -12.63
C GLU A 547 22.95 16.62 -13.94
N TYR A 548 22.10 16.85 -14.94
CA TYR A 548 22.20 16.23 -16.25
C TYR A 548 22.22 17.29 -17.34
N VAL A 549 23.40 17.57 -17.87
CA VAL A 549 23.56 18.61 -18.88
C VAL A 549 23.24 18.08 -20.28
N VAL A 550 22.52 18.88 -21.06
CA VAL A 550 22.10 18.48 -22.40
C VAL A 550 22.41 19.57 -23.42
N ILE A 557 20.19 23.09 -21.40
CA ILE A 557 19.20 22.30 -20.69
C ILE A 557 19.83 21.53 -19.53
N ARG A 558 19.28 21.72 -18.33
CA ARG A 558 19.77 21.05 -17.13
C ARG A 558 18.63 20.39 -16.35
N THR A 559 18.87 19.17 -15.88
CA THR A 559 17.88 18.44 -15.10
C THR A 559 18.52 17.86 -13.83
N GLY A 560 17.86 18.05 -12.70
CA GLY A 560 18.34 17.51 -11.45
C GLY A 560 18.21 16.00 -11.42
N LEU A 561 19.21 15.33 -10.83
CA LEU A 561 19.22 13.88 -10.76
C LEU A 561 18.97 13.39 -9.35
N ILE A 562 19.16 14.28 -8.38
CA ILE A 562 19.17 13.86 -6.98
C ILE A 562 17.99 14.42 -6.19
N SER A 563 17.32 13.53 -5.46
CA SER A 563 16.38 13.96 -4.43
C SER A 563 16.86 13.41 -3.09
N THR A 564 17.00 14.29 -2.10
CA THR A 564 17.59 13.90 -0.82
C THR A 564 16.53 13.62 0.24
N THR A 565 16.68 12.51 0.95
CA THR A 565 15.73 12.10 1.96
C THR A 565 15.95 12.83 3.27
N LEU A 566 15.03 12.65 4.22
CA LEU A 566 15.14 13.23 5.55
C LEU A 566 16.37 12.71 6.28
N SER A 567 16.85 11.56 5.85
CA SER A 567 18.01 10.93 6.46
C SER A 567 19.30 11.47 5.84
N GLY A 568 19.17 12.08 4.67
CA GLY A 568 20.31 12.65 3.98
C GLY A 568 20.84 11.73 2.88
N THR A 569 20.02 10.78 2.47
CA THR A 569 20.41 9.83 1.44
C THR A 569 20.07 10.37 0.06
N LYS A 570 21.02 10.27 -0.87
CA LYS A 570 20.81 10.72 -2.23
C LYS A 570 20.14 9.64 -3.08
N ILE A 571 18.90 9.89 -3.48
CA ILE A 571 18.15 8.96 -4.32
C ILE A 571 18.18 9.40 -5.78
N ARG A 572 19.01 8.74 -6.58
CA ARG A 572 19.15 9.08 -7.99
C ARG A 572 17.84 8.82 -8.74
N LYS A 573 17.51 9.71 -9.68
CA LYS A 573 16.31 9.56 -10.48
C LYS A 573 16.41 8.32 -11.37
N VAL A 574 17.57 8.13 -11.97
CA VAL A 574 17.79 6.96 -12.82
C VAL A 574 19.03 6.20 -12.35
N VAL A 575 18.82 4.95 -11.93
CA VAL A 575 19.91 4.13 -11.40
C VAL A 575 20.47 3.20 -12.46
N LEU A 576 21.76 3.34 -12.73
CA LEU A 576 22.45 2.54 -13.73
C LEU A 576 23.02 1.25 -13.12
N PRO A 577 23.15 0.19 -13.94
CA PRO A 577 23.73 -1.07 -13.49
C PRO A 577 25.23 -0.94 -13.21
N ARG A 578 25.77 -1.85 -12.40
CA ARG A 578 27.19 -1.83 -12.07
C ARG A 578 27.89 -3.08 -12.60
N PHE A 579 27.56 -3.48 -13.83
CA PHE A 579 28.16 -4.66 -14.44
C PHE A 579 29.61 -4.40 -14.85
N GLU A 580 30.42 -5.45 -14.79
CA GLU A 580 31.79 -5.38 -15.29
C GLU A 580 31.88 -6.07 -16.64
N ASP A 581 31.11 -7.14 -16.78
CA ASP A 581 31.01 -7.89 -18.03
C ASP A 581 30.40 -7.03 -19.12
N GLU A 582 31.14 -6.79 -20.19
CA GLU A 582 30.64 -6.00 -21.32
C GLU A 582 29.54 -6.74 -22.06
N GLY A 583 29.49 -8.06 -21.87
CA GLY A 583 28.42 -8.87 -22.43
C GLY A 583 27.10 -8.52 -21.79
N GLU A 584 27.12 -8.30 -20.47
CA GLU A 584 25.92 -7.91 -19.73
C GLU A 584 25.54 -6.47 -20.02
N ILE A 585 26.55 -5.60 -20.17
CA ILE A 585 26.32 -4.21 -20.48
C ILE A 585 25.57 -4.04 -21.79
N LEU A 586 26.07 -4.68 -22.84
CA LEU A 586 25.45 -4.60 -24.16
C LEU A 586 24.06 -5.23 -24.15
N LYS A 587 23.96 -6.40 -23.53
CA LYS A 587 22.69 -7.10 -23.40
C LYS A 587 21.65 -6.21 -22.73
N TRP A 588 22.07 -5.48 -21.71
CA TRP A 588 21.17 -4.58 -21.01
C TRP A 588 20.85 -3.34 -21.84
N LEU A 589 21.86 -2.82 -22.54
CA LEU A 589 21.67 -1.63 -23.35
C LEU A 589 20.73 -1.89 -24.53
N MET A 590 20.67 -3.14 -24.98
CA MET A 590 19.87 -3.50 -26.14
C MET A 590 18.44 -3.91 -25.76
N ARG A 591 18.30 -4.53 -24.60
CA ARG A 591 16.99 -5.03 -24.17
C ARG A 591 16.25 -4.00 -23.32
N GLU A 592 16.96 -3.33 -22.42
CA GLU A 592 16.36 -2.34 -21.53
C GLU A 592 17.28 -1.16 -21.28
N ASN A 593 17.36 -0.25 -22.25
CA ASN A 593 18.20 0.93 -22.04
C ASN A 593 17.53 1.86 -21.03
N VAL A 594 18.25 2.90 -20.59
CA VAL A 594 17.69 3.89 -19.68
C VAL A 594 16.43 4.53 -20.29
N PRO A 595 15.58 5.11 -19.43
CA PRO A 595 14.42 5.83 -19.97
C PRO A 595 14.82 6.92 -20.95
N GLY A 596 14.22 6.92 -22.13
CA GLY A 596 14.49 7.92 -23.14
C GLY A 596 15.49 7.44 -24.20
N SER A 597 15.71 6.14 -24.25
CA SER A 597 16.64 5.57 -25.22
C SER A 597 16.12 4.23 -25.73
N PHE A 598 16.35 3.96 -27.02
CA PHE A 598 15.88 2.72 -27.65
C PHE A 598 16.36 1.49 -26.88
N PRO A 599 15.47 0.50 -26.70
CA PRO A 599 14.09 0.43 -27.21
C PRO A 599 13.04 1.00 -26.27
N TYR A 600 13.41 2.00 -25.48
CA TYR A 600 12.49 2.73 -24.61
C TYR A 600 11.70 1.82 -23.67
N THR A 601 12.31 0.74 -23.23
CA THR A 601 11.63 -0.22 -22.35
C THR A 601 11.24 0.43 -21.03
N ALA A 602 12.12 1.28 -20.51
CA ALA A 602 11.91 1.89 -19.20
C ALA A 602 11.23 3.25 -19.32
N GLY A 603 10.69 3.55 -20.50
CA GLY A 603 10.01 4.82 -20.72
C GLY A 603 10.51 5.52 -21.97
N VAL A 604 9.66 6.33 -22.57
CA VAL A 604 9.98 6.99 -23.83
C VAL A 604 10.70 8.32 -23.63
N PHE A 605 10.57 8.89 -22.43
CA PHE A 605 11.22 10.16 -22.12
C PHE A 605 12.38 9.95 -21.14
N ALA A 606 13.35 10.86 -21.20
CA ALA A 606 14.53 10.79 -20.33
C ALA A 606 14.14 10.84 -18.86
N PHE A 607 13.43 11.90 -18.48
CA PHE A 607 12.97 12.07 -17.11
C PHE A 607 11.50 12.47 -17.09
N LYS A 608 10.82 12.16 -15.99
CA LYS A 608 9.40 12.47 -15.87
C LYS A 608 9.16 13.98 -15.80
N ARG A 609 7.97 14.43 -16.18
CA ARG A 609 7.62 15.85 -16.15
C ARG A 609 7.89 16.47 -14.78
N GLU A 610 8.24 17.75 -14.76
CA GLU A 610 8.59 18.42 -13.52
C GLU A 610 7.36 18.83 -12.71
N GLY A 611 6.37 19.42 -13.38
CA GLY A 611 5.16 19.84 -12.70
C GLY A 611 3.95 19.02 -13.08
N GLU A 612 3.87 18.66 -14.35
CA GLU A 612 2.73 17.93 -14.89
C GLU A 612 2.77 16.43 -14.53
N ASP A 613 2.21 16.08 -13.38
CA ASP A 613 2.07 14.68 -12.98
C ASP A 613 1.18 13.94 -13.98
N PRO A 614 1.36 12.61 -14.11
CA PRO A 614 0.61 11.85 -15.11
C PRO A 614 -0.88 11.72 -14.80
N THR A 615 -1.31 12.20 -13.64
CA THR A 615 -2.71 12.12 -13.22
C THR A 615 -3.68 12.65 -14.27
N ARG A 616 -4.73 11.90 -14.54
CA ARG A 616 -5.79 12.34 -15.43
C ARG A 616 -7.10 11.64 -15.08
N MET A 617 -7.92 12.29 -14.27
CA MET A 617 -9.11 11.66 -13.71
C MET A 617 -10.33 11.70 -14.64
N PHE A 618 -10.84 10.51 -14.96
CA PHE A 618 -12.10 10.32 -15.68
C PHE A 618 -13.23 11.05 -14.97
N ALA A 619 -14.03 11.81 -15.70
CA ALA A 619 -15.10 12.57 -15.10
C ALA A 619 -16.31 12.70 -16.03
N GLY A 620 -17.47 12.96 -15.44
CA GLY A 620 -18.68 13.15 -16.21
C GLY A 620 -19.94 12.77 -15.44
N GLU A 621 -20.81 13.74 -15.26
CA GLU A 621 -22.07 13.52 -14.56
C GLU A 621 -23.04 14.67 -14.81
N GLY A 622 -24.30 14.33 -15.08
CA GLY A 622 -25.32 15.34 -15.30
C GLY A 622 -25.14 16.09 -16.61
N ASP A 623 -25.50 17.37 -16.62
CA ASP A 623 -25.35 18.19 -17.81
C ASP A 623 -23.95 18.79 -17.87
N ALA A 624 -23.66 19.50 -18.96
CA ALA A 624 -22.32 20.08 -19.17
C ALA A 624 -21.92 21.04 -18.07
N PHE A 625 -22.91 21.68 -17.45
CA PHE A 625 -22.65 22.63 -16.37
C PHE A 625 -22.05 21.95 -15.15
N ARG A 626 -22.67 20.85 -14.73
CA ARG A 626 -22.23 20.14 -13.54
C ARG A 626 -20.85 19.52 -13.71
N THR A 627 -20.62 18.90 -14.87
CA THR A 627 -19.35 18.26 -15.16
C THR A 627 -18.23 19.30 -15.20
N ASN A 628 -18.55 20.49 -15.71
CA ASN A 628 -17.59 21.59 -15.76
C ASN A 628 -17.12 21.95 -14.35
N ARG A 629 -17.98 21.75 -13.35
CA ARG A 629 -17.59 21.96 -11.95
C ARG A 629 -16.65 20.85 -11.46
N ARG A 630 -16.92 19.62 -11.90
CA ARG A 630 -16.11 18.47 -11.50
C ARG A 630 -14.73 18.53 -12.12
N PHE A 631 -14.63 19.10 -13.31
CA PHE A 631 -13.34 19.35 -13.94
C PHE A 631 -12.52 20.31 -13.07
N LYS A 632 -13.16 21.38 -12.63
CA LYS A 632 -12.51 22.38 -11.79
C LYS A 632 -12.13 21.81 -10.43
N LEU A 633 -12.89 20.81 -9.97
CA LEU A 633 -12.61 20.16 -8.70
C LEU A 633 -11.37 19.28 -8.77
N VAL A 634 -11.30 18.49 -9.83
CA VAL A 634 -10.17 17.58 -10.05
C VAL A 634 -8.89 18.33 -10.39
N SER A 635 -9.01 19.34 -11.24
CA SER A 635 -7.86 20.11 -11.68
C SER A 635 -7.55 21.28 -10.75
N GLU A 636 -8.16 21.29 -9.57
CA GLU A 636 -7.91 22.35 -8.61
C GLU A 636 -6.56 22.18 -7.94
N GLY A 637 -5.79 23.26 -7.89
CA GLY A 637 -4.49 23.25 -7.25
C GLY A 637 -3.40 22.69 -8.14
N MET A 638 -3.74 22.40 -9.40
CA MET A 638 -2.77 21.85 -10.33
C MET A 638 -2.49 22.83 -11.47
N GLU A 639 -1.21 23.14 -11.68
CA GLU A 639 -0.81 24.08 -12.74
C GLU A 639 -1.09 23.47 -14.11
N ALA A 640 -1.04 22.15 -14.19
CA ALA A 640 -1.31 21.44 -15.43
C ALA A 640 -2.71 20.84 -15.43
N LYS A 641 -3.55 21.32 -16.34
CA LYS A 641 -4.93 20.87 -16.43
C LYS A 641 -5.07 19.65 -17.33
N ARG A 642 -5.22 18.47 -16.72
CA ARG A 642 -5.36 17.23 -17.47
C ARG A 642 -6.74 16.62 -17.25
N LEU A 643 -7.65 16.91 -18.18
CA LEU A 643 -9.05 16.50 -18.04
C LEU A 643 -9.36 15.17 -18.74
N SER A 644 -10.35 14.46 -18.21
CA SER A 644 -10.79 13.20 -18.80
C SER A 644 -12.31 13.09 -18.74
N THR A 645 -12.95 13.11 -19.91
CA THR A 645 -14.41 13.24 -20.00
C THR A 645 -15.14 11.91 -20.24
N ALA A 646 -16.16 11.65 -19.44
CA ALA A 646 -17.01 10.48 -19.60
C ALA A 646 -18.42 10.90 -20.01
N PHE A 647 -18.94 10.31 -21.09
CA PHE A 647 -20.26 10.69 -21.59
C PHE A 647 -21.33 9.70 -21.17
N ASP A 648 -22.57 10.19 -21.03
CA ASP A 648 -23.69 9.32 -20.67
C ASP A 648 -24.00 8.36 -21.81
N SER A 649 -24.72 7.29 -21.50
CA SER A 649 -24.94 6.21 -22.47
C SER A 649 -25.65 6.70 -23.72
N VAL A 650 -26.45 7.76 -23.59
CA VAL A 650 -27.18 8.29 -24.72
C VAL A 650 -26.23 8.95 -25.73
N THR A 651 -25.27 9.71 -25.21
CA THR A 651 -24.28 10.37 -26.07
C THR A 651 -23.32 9.36 -26.68
N LEU A 652 -22.96 8.36 -25.88
CA LEU A 652 -22.05 7.31 -26.34
C LEU A 652 -22.60 6.56 -27.55
N TYR A 653 -23.92 6.60 -27.72
CA TYR A 653 -24.57 5.93 -28.85
C TYR A 653 -25.10 6.92 -29.88
N GLY A 654 -24.62 8.15 -29.80
CA GLY A 654 -24.89 9.17 -30.79
C GLY A 654 -26.32 9.67 -30.84
N GLU A 655 -27.05 9.53 -29.74
CA GLU A 655 -28.46 9.92 -29.72
C GLU A 655 -28.68 11.22 -28.94
N ASP A 656 -29.70 11.97 -29.34
CA ASP A 656 -30.12 13.15 -28.60
C ASP A 656 -31.00 12.71 -27.44
N PRO A 657 -31.01 13.49 -26.35
CA PRO A 657 -31.91 13.18 -25.24
C PRO A 657 -33.37 13.31 -25.66
N HIS A 658 -34.22 12.40 -25.18
CA HIS A 658 -35.62 12.34 -25.58
C HIS A 658 -36.50 11.93 -24.40
N GLU A 659 -37.80 12.12 -24.55
CA GLU A 659 -38.76 11.94 -23.46
C GLU A 659 -39.07 10.47 -23.13
N ARG A 660 -38.91 9.59 -24.11
CA ARG A 660 -39.23 8.17 -23.92
C ARG A 660 -38.40 7.57 -22.79
N PRO A 661 -39.06 6.83 -21.87
CA PRO A 661 -38.42 6.25 -20.69
C PRO A 661 -37.22 5.35 -21.02
N ASP A 662 -37.25 4.76 -22.22
CA ASP A 662 -36.09 4.06 -22.75
C ASP A 662 -34.84 4.92 -22.62
N ILE A 663 -34.97 6.18 -23.05
CA ILE A 663 -33.86 7.10 -23.17
C ILE A 663 -33.76 8.08 -22.00
N TYR A 664 -34.87 8.76 -21.72
CA TYR A 664 -34.93 9.81 -20.69
C TYR A 664 -34.24 9.43 -19.38
N GLY A 665 -34.49 8.20 -18.92
CA GLY A 665 -33.93 7.73 -17.66
C GLY A 665 -32.41 7.62 -17.69
N LYS A 666 -31.84 7.58 -18.90
CA LYS A 666 -30.41 7.39 -19.05
C LYS A 666 -29.67 8.70 -19.31
N VAL A 667 -30.42 9.77 -19.56
CA VAL A 667 -29.82 11.06 -19.86
C VAL A 667 -29.10 11.64 -18.65
N GLY A 668 -27.83 11.98 -18.83
CA GLY A 668 -27.05 12.60 -17.77
C GLY A 668 -26.58 11.63 -16.70
N ASN A 669 -26.90 10.36 -16.89
CA ASN A 669 -26.45 9.31 -15.98
C ASN A 669 -25.25 8.56 -16.53
N SER A 670 -24.32 8.24 -15.63
CA SER A 670 -23.09 7.52 -15.96
C SER A 670 -22.18 8.32 -16.91
N GLY A 671 -22.38 9.64 -16.96
CA GLY A 671 -21.59 10.48 -17.82
C GLY A 671 -22.28 11.78 -18.17
N VAL A 672 -21.53 12.75 -18.68
CA VAL A 672 -22.09 14.05 -19.07
C VAL A 672 -22.91 13.91 -20.35
N SER A 673 -24.07 14.57 -20.37
CA SER A 673 -24.92 14.56 -21.55
C SER A 673 -24.54 15.68 -22.52
N ILE A 674 -23.91 15.31 -23.63
CA ILE A 674 -23.50 16.28 -24.65
C ILE A 674 -24.21 15.99 -25.97
N ALA A 675 -25.02 16.95 -26.43
CA ALA A 675 -25.85 16.73 -27.62
C ALA A 675 -25.59 17.75 -28.72
N THR A 676 -25.18 18.96 -28.35
CA THR A 676 -24.90 20.00 -29.34
C THR A 676 -23.55 20.66 -29.09
N LEU A 677 -23.08 21.44 -30.06
CA LEU A 677 -21.83 22.16 -29.91
C LEU A 677 -21.89 23.14 -28.74
N GLU A 678 -23.08 23.67 -28.48
CA GLU A 678 -23.27 24.61 -27.38
C GLU A 678 -23.06 23.94 -26.03
N ASP A 679 -23.44 22.67 -25.93
CA ASP A 679 -23.18 21.88 -24.73
C ASP A 679 -21.69 21.66 -24.55
N MET A 680 -21.01 21.30 -25.64
CA MET A 680 -19.57 21.05 -25.64
C MET A 680 -18.80 22.28 -25.19
N LYS A 681 -19.26 23.46 -25.64
CA LYS A 681 -18.62 24.72 -25.27
C LYS A 681 -18.74 24.98 -23.78
N VAL A 682 -19.93 24.75 -23.24
CA VAL A 682 -20.18 24.91 -21.81
C VAL A 682 -19.32 23.95 -20.99
N LEU A 683 -19.14 22.74 -21.51
CA LEU A 683 -18.38 21.70 -20.84
C LEU A 683 -16.95 22.15 -20.50
N TYR A 684 -16.29 22.81 -21.44
CA TYR A 684 -14.90 23.19 -21.26
C TYR A 684 -14.70 24.69 -21.09
N ASP A 685 -15.74 25.38 -20.65
CA ASP A 685 -15.63 26.82 -20.39
C ASP A 685 -14.66 27.06 -19.24
N GLY A 686 -13.80 28.06 -19.40
CA GLY A 686 -12.81 28.38 -18.39
C GLY A 686 -11.52 27.61 -18.59
N PHE A 687 -11.53 26.66 -19.52
CA PHE A 687 -10.33 25.89 -19.83
C PHE A 687 -9.78 26.28 -21.20
N ASP A 688 -8.57 26.83 -21.21
CA ASP A 688 -7.91 27.18 -22.47
C ASP A 688 -7.40 25.91 -23.15
N LEU A 689 -8.12 25.47 -24.17
CA LEU A 689 -7.79 24.21 -24.84
C LEU A 689 -6.51 24.33 -25.66
N THR A 690 -6.20 25.54 -26.09
CA THR A 690 -5.01 25.79 -26.91
C THR A 690 -3.80 26.10 -26.05
N ASN A 691 -3.99 26.12 -24.73
CA ASN A 691 -2.90 26.29 -23.79
C ASN A 691 -2.00 25.07 -23.79
N PRO A 692 -0.66 25.27 -23.78
CA PRO A 692 0.31 24.17 -23.84
C PRO A 692 0.26 23.21 -22.66
N SER A 693 -0.24 23.68 -21.51
CA SER A 693 -0.29 22.82 -20.32
C SER A 693 -1.70 22.36 -20.02
N THR A 694 -2.55 22.29 -21.05
CA THR A 694 -3.92 21.83 -20.90
C THR A 694 -4.25 20.77 -21.95
N SER A 695 -4.61 19.58 -21.48
CA SER A 695 -4.95 18.47 -22.38
C SER A 695 -6.27 17.82 -21.97
N VAL A 696 -7.14 17.60 -22.96
CA VAL A 696 -8.44 17.00 -22.70
C VAL A 696 -8.55 15.61 -23.33
N SER A 697 -8.92 14.62 -22.54
CA SER A 697 -9.12 13.28 -23.07
C SER A 697 -10.59 12.91 -23.00
N MET A 698 -11.23 12.79 -24.16
CA MET A 698 -12.65 12.44 -24.19
C MET A 698 -12.87 11.02 -24.72
N THR A 699 -13.49 10.20 -23.87
CA THR A 699 -13.71 8.79 -24.16
C THR A 699 -15.02 8.59 -24.91
N ILE A 700 -14.91 8.44 -26.22
CA ILE A 700 -16.07 8.27 -27.10
C ILE A 700 -15.66 7.40 -28.29
N ASN A 701 -16.55 6.53 -28.76
CA ASN A 701 -16.19 5.57 -29.78
C ASN A 701 -17.01 5.65 -31.07
N GLY A 702 -18.26 5.21 -31.00
CA GLY A 702 -19.15 5.25 -32.16
C GLY A 702 -19.27 6.61 -32.80
N PRO A 703 -19.74 7.61 -32.04
CA PRO A 703 -19.91 8.98 -32.53
C PRO A 703 -18.64 9.81 -32.41
N ALA A 704 -17.50 9.16 -32.21
CA ALA A 704 -16.23 9.86 -31.98
C ALA A 704 -15.92 10.95 -33.02
N PRO A 705 -16.13 10.68 -34.32
CA PRO A 705 -15.82 11.78 -35.26
C PRO A 705 -16.71 13.00 -35.05
N THR A 706 -17.98 12.79 -34.72
CA THR A 706 -18.91 13.89 -34.48
C THR A 706 -18.52 14.68 -33.24
N ILE A 707 -18.20 13.98 -32.16
CA ILE A 707 -17.81 14.61 -30.91
C ILE A 707 -16.49 15.37 -31.08
N LEU A 708 -15.56 14.78 -31.81
CA LEU A 708 -14.26 15.40 -32.07
C LEU A 708 -14.42 16.74 -32.79
N ALA A 709 -15.32 16.78 -33.77
CA ALA A 709 -15.60 18.00 -34.52
C ALA A 709 -16.16 19.09 -33.61
N MET A 710 -16.96 18.69 -32.62
CA MET A 710 -17.48 19.63 -31.65
C MET A 710 -16.35 20.22 -30.81
N PHE A 711 -15.45 19.35 -30.35
CA PHE A 711 -14.31 19.79 -29.55
C PHE A 711 -13.42 20.74 -30.31
N MET A 712 -13.08 20.38 -31.55
CA MET A 712 -12.23 21.23 -32.38
C MET A 712 -12.88 22.60 -32.59
N ASN A 713 -14.17 22.59 -32.88
CA ASN A 713 -14.92 23.82 -33.03
C ASN A 713 -14.89 24.65 -31.75
N THR A 714 -14.96 23.98 -30.61
CA THR A 714 -14.91 24.66 -29.32
C THR A 714 -13.56 25.33 -29.12
N ALA A 715 -12.48 24.58 -29.36
CA ALA A 715 -11.13 25.11 -29.21
C ALA A 715 -10.88 26.29 -30.14
N ILE A 716 -11.42 26.22 -31.34
CA ILE A 716 -11.29 27.30 -32.32
C ILE A 716 -12.06 28.54 -31.87
N ASP A 717 -13.31 28.33 -31.47
CA ASP A 717 -14.18 29.42 -31.06
C ASP A 717 -13.66 30.15 -29.82
N GLN A 718 -12.94 29.42 -28.98
CA GLN A 718 -12.34 30.03 -27.79
C GLN A 718 -11.32 31.09 -28.17
N GLN A 719 -10.47 30.80 -29.14
CA GLN A 719 -9.46 31.73 -29.57
C GLN A 719 -10.05 32.88 -30.38
N ILE A 720 -11.18 32.63 -31.04
CA ILE A 720 -11.89 33.69 -31.74
C ILE A 720 -12.48 34.67 -30.71
N ASP A 721 -12.99 34.12 -29.61
CA ASP A 721 -13.53 34.93 -28.53
C ASP A 721 -12.41 35.70 -27.83
N ARG A 722 -11.26 35.03 -27.65
CA ARG A 722 -10.11 35.65 -27.00
C ARG A 722 -9.58 36.80 -27.84
N PHE A 723 -9.60 36.64 -29.16
CA PHE A 723 -9.19 37.72 -30.06
C PHE A 723 -10.18 38.87 -29.98
N ARG A 724 -11.46 38.54 -29.96
CA ARG A 724 -12.52 39.54 -29.96
C ARG A 724 -12.49 40.41 -28.70
N ALA A 725 -11.90 39.87 -27.64
CA ALA A 725 -11.80 40.58 -26.38
C ALA A 725 -10.54 41.42 -26.31
N ASP A 726 -9.45 40.91 -26.89
CA ASP A 726 -8.16 41.60 -26.85
C ASP A 726 -8.07 42.70 -27.91
N ASN A 727 -9.07 42.78 -28.78
CA ASN A 727 -9.08 43.79 -29.83
C ASN A 727 -10.41 44.53 -29.92
N GLY A 728 -11.41 44.04 -29.20
CA GLY A 728 -12.71 44.67 -29.16
C GLY A 728 -13.41 44.67 -30.51
N ARG A 729 -13.11 43.67 -31.32
CA ARG A 729 -13.68 43.57 -32.66
C ARG A 729 -13.54 42.15 -33.21
N ASP A 730 -14.40 41.80 -34.15
CA ASP A 730 -14.31 40.50 -34.82
C ASP A 730 -13.07 40.47 -35.72
N PRO A 731 -12.41 39.31 -35.78
CA PRO A 731 -11.27 39.16 -36.69
C PRO A 731 -11.71 39.17 -38.15
N THR A 732 -10.87 39.70 -39.03
CA THR A 732 -11.16 39.72 -40.45
C THR A 732 -11.16 38.29 -41.00
N ALA A 733 -11.63 38.12 -42.23
CA ALA A 733 -11.68 36.81 -42.85
C ALA A 733 -10.29 36.18 -42.93
N ASP A 734 -9.27 37.03 -43.05
CA ASP A 734 -7.89 36.57 -43.12
C ASP A 734 -7.35 36.28 -41.72
N GLU A 735 -7.67 37.16 -40.78
CA GLU A 735 -7.22 37.00 -39.39
C GLU A 735 -7.80 35.73 -38.77
N GLU A 736 -9.07 35.49 -39.03
CA GLU A 736 -9.75 34.30 -38.53
C GLU A 736 -9.13 33.03 -39.12
N ALA A 737 -8.76 33.11 -40.39
CA ALA A 737 -8.15 31.97 -41.07
C ALA A 737 -6.82 31.60 -40.43
N LYS A 738 -6.07 32.61 -39.99
CA LYS A 738 -4.79 32.36 -39.33
C LYS A 738 -5.02 31.78 -37.93
N ILE A 739 -6.01 32.32 -37.22
CA ILE A 739 -6.36 31.84 -35.89
C ILE A 739 -6.83 30.39 -35.95
N ARG A 740 -7.76 30.12 -36.85
CA ARG A 740 -8.35 28.80 -37.00
C ARG A 740 -7.29 27.75 -37.29
N ALA A 741 -6.37 28.08 -38.19
CA ALA A 741 -5.30 27.17 -38.58
C ALA A 741 -4.34 26.92 -37.43
N TRP A 742 -4.06 27.97 -36.65
CA TRP A 742 -3.14 27.85 -35.52
C TRP A 742 -3.70 26.94 -34.43
N VAL A 743 -5.00 27.09 -34.17
CA VAL A 743 -5.66 26.28 -33.14
C VAL A 743 -5.52 24.80 -33.43
N LEU A 744 -5.76 24.41 -34.68
CA LEU A 744 -5.69 23.01 -35.08
C LEU A 744 -4.31 22.40 -34.87
N GLN A 745 -3.27 23.22 -34.98
CA GLN A 745 -1.90 22.72 -34.85
C GLN A 745 -1.51 22.50 -33.39
N ASN A 746 -1.89 23.43 -32.52
CA ASN A 746 -1.43 23.40 -31.13
C ASN A 746 -2.39 22.74 -30.14
N VAL A 747 -3.62 22.49 -30.55
CA VAL A 747 -4.62 21.90 -29.65
C VAL A 747 -4.16 20.54 -29.16
N ARG A 748 -4.13 20.36 -27.84
CA ARG A 748 -3.55 19.16 -27.24
C ARG A 748 -4.61 18.31 -26.53
N GLY A 749 -4.75 17.06 -26.96
CA GLY A 749 -5.72 16.16 -26.36
C GLY A 749 -5.76 14.78 -26.99
N THR A 750 -6.80 14.02 -26.65
CA THR A 750 -6.93 12.63 -27.10
C THR A 750 -8.39 12.23 -27.32
N VAL A 751 -8.67 11.57 -28.45
CA VAL A 751 -9.99 10.99 -28.69
C VAL A 751 -9.85 9.48 -28.93
N GLN A 752 -10.59 8.68 -28.18
CA GLN A 752 -10.43 7.23 -28.16
C GLN A 752 -10.70 6.59 -29.53
N ALA A 753 -11.96 6.52 -29.90
CA ALA A 753 -12.38 6.19 -31.28
C ALA A 753 -11.97 4.81 -31.80
N ASP A 754 -11.24 4.05 -30.99
CA ASP A 754 -10.77 2.73 -31.41
C ASP A 754 -11.96 1.81 -31.72
N ILE A 755 -12.22 1.58 -33.00
CA ILE A 755 -13.38 0.79 -33.42
C ILE A 755 -13.08 -0.71 -33.40
N LEU A 756 -11.84 -1.08 -33.66
CA LEU A 756 -11.44 -2.48 -33.62
C LEU A 756 -11.71 -3.10 -32.26
N LYS A 757 -11.64 -2.29 -31.21
CA LYS A 757 -11.92 -2.77 -29.86
C LYS A 757 -13.42 -2.70 -29.56
N GLU A 758 -14.17 -1.99 -30.39
CA GLU A 758 -15.61 -1.91 -30.21
C GLU A 758 -16.26 -3.24 -30.51
N ASP A 759 -15.89 -3.80 -31.66
CA ASP A 759 -16.37 -5.12 -32.05
C ASP A 759 -15.93 -6.13 -31.01
N GLN A 760 -14.69 -6.03 -30.58
CA GLN A 760 -14.09 -7.01 -29.67
C GLN A 760 -14.49 -6.82 -28.21
N GLY A 761 -14.61 -5.57 -27.75
CA GLY A 761 -14.65 -5.31 -26.33
C GLY A 761 -15.73 -4.41 -25.74
N GLN A 762 -15.84 -3.17 -26.21
CA GLN A 762 -16.70 -2.20 -25.53
C GLN A 762 -18.13 -2.12 -26.09
N ASN A 763 -18.30 -2.49 -27.35
CA ASN A 763 -19.61 -2.52 -28.00
C ASN A 763 -20.27 -1.15 -28.09
N THR A 764 -19.52 -0.17 -28.59
CA THR A 764 -20.05 1.17 -28.75
C THR A 764 -20.03 1.55 -30.24
N CYS A 765 -19.85 0.55 -31.09
CA CYS A 765 -19.89 0.77 -32.53
C CYS A 765 -21.34 0.86 -32.99
N ILE A 766 -21.72 2.01 -33.54
CA ILE A 766 -23.11 2.24 -33.96
C ILE A 766 -23.30 2.08 -35.46
N PHE A 767 -22.41 2.70 -36.24
CA PHE A 767 -22.42 2.54 -37.68
C PHE A 767 -21.86 1.16 -38.03
N SER A 768 -21.82 0.82 -39.32
CA SER A 768 -21.21 -0.43 -39.74
C SER A 768 -19.70 -0.39 -39.44
N THR A 769 -19.14 -1.56 -39.15
CA THR A 769 -17.76 -1.67 -38.71
C THR A 769 -16.76 -1.05 -39.70
N GLU A 770 -16.98 -1.33 -40.97
CA GLU A 770 -16.15 -0.84 -42.06
C GLU A 770 -16.27 0.68 -42.24
N PHE A 771 -17.48 1.20 -42.03
CA PHE A 771 -17.71 2.63 -42.19
C PHE A 771 -16.98 3.42 -41.12
N SER A 772 -16.95 2.88 -39.90
CA SER A 772 -16.27 3.55 -38.79
C SER A 772 -14.78 3.67 -39.08
N LEU A 773 -14.18 2.58 -39.55
CA LEU A 773 -12.77 2.57 -39.88
C LEU A 773 -12.48 3.52 -41.04
N LYS A 774 -13.42 3.61 -41.98
CA LYS A 774 -13.31 4.53 -43.10
C LYS A 774 -13.22 5.98 -42.60
N VAL A 775 -14.14 6.35 -41.71
CA VAL A 775 -14.19 7.71 -41.19
C VAL A 775 -13.00 7.96 -40.26
N MET A 776 -12.55 6.93 -39.57
CA MET A 776 -11.42 7.07 -38.65
C MET A 776 -10.17 7.48 -39.43
N GLY A 777 -10.01 6.93 -40.62
CA GLY A 777 -8.91 7.30 -41.49
C GLY A 777 -9.07 8.73 -41.99
N ASP A 778 -10.31 9.11 -42.29
CA ASP A 778 -10.63 10.47 -42.72
C ASP A 778 -10.14 11.48 -41.69
N ILE A 779 -10.29 11.14 -40.42
CA ILE A 779 -9.84 12.00 -39.33
C ILE A 779 -8.32 12.16 -39.36
N GLN A 780 -7.62 11.06 -39.53
CA GLN A 780 -6.16 11.09 -39.55
C GLN A 780 -5.64 11.83 -40.77
N GLU A 781 -6.34 11.68 -41.90
CA GLU A 781 -5.95 12.40 -43.10
C GLU A 781 -6.18 13.90 -42.90
N TYR A 782 -7.28 14.27 -42.25
CA TYR A 782 -7.56 15.67 -41.92
C TYR A 782 -6.45 16.22 -41.03
N PHE A 783 -6.04 15.42 -40.06
CA PHE A 783 -4.99 15.82 -39.12
C PHE A 783 -3.68 16.12 -39.82
N VAL A 784 -3.31 15.27 -40.77
CA VAL A 784 -2.06 15.43 -41.51
C VAL A 784 -2.07 16.70 -42.35
N HIS A 785 -3.19 16.94 -43.03
CA HIS A 785 -3.31 18.09 -43.91
C HIS A 785 -3.21 19.42 -43.15
N HIS A 786 -3.74 19.44 -41.93
CA HIS A 786 -3.74 20.67 -41.13
C HIS A 786 -2.68 20.64 -40.05
N GLN A 787 -1.78 19.66 -40.13
CA GLN A 787 -0.64 19.54 -39.21
C GLN A 787 -1.07 19.49 -37.74
N VAL A 788 -2.18 18.80 -37.47
CA VAL A 788 -2.64 18.58 -36.11
C VAL A 788 -1.72 17.57 -35.43
N ARG A 789 -0.58 18.06 -34.93
CA ARG A 789 0.47 17.18 -34.43
C ARG A 789 0.46 17.04 -32.91
N ASN A 790 -0.53 17.63 -32.25
CA ASN A 790 -0.61 17.57 -30.80
C ASN A 790 -1.78 16.75 -30.28
N PHE A 791 -2.66 16.34 -31.19
CA PHE A 791 -3.84 15.58 -30.81
C PHE A 791 -3.71 14.13 -31.25
N TYR A 792 -4.08 13.20 -30.36
CA TYR A 792 -4.08 11.78 -30.69
C TYR A 792 -5.39 11.39 -31.38
N SER A 793 -5.29 10.90 -32.61
CA SER A 793 -6.46 10.60 -33.41
C SER A 793 -7.19 9.34 -32.94
N VAL A 794 -6.47 8.50 -32.21
CA VAL A 794 -7.05 7.27 -31.69
C VAL A 794 -6.26 6.74 -30.50
N SER A 795 -6.97 6.38 -29.44
CA SER A 795 -6.34 5.72 -28.31
C SER A 795 -6.58 4.22 -28.39
N ILE A 796 -5.66 3.52 -29.04
CA ILE A 796 -5.74 2.07 -29.20
C ILE A 796 -5.77 1.41 -27.84
N SER A 797 -6.94 0.89 -27.46
CA SER A 797 -7.18 0.50 -26.08
C SER A 797 -7.31 -1.00 -25.87
N GLY A 798 -7.17 -1.40 -24.61
CA GLY A 798 -7.35 -2.77 -24.19
C GLY A 798 -7.99 -2.85 -22.82
N TYR A 799 -8.10 -1.69 -22.17
CA TYR A 799 -8.77 -1.59 -20.89
C TYR A 799 -10.15 -2.24 -20.95
N HIS A 800 -10.86 -1.97 -22.04
CA HIS A 800 -12.24 -2.40 -22.19
C HIS A 800 -12.31 -3.89 -22.45
N ILE A 801 -11.40 -4.37 -23.29
CA ILE A 801 -11.20 -5.78 -23.54
C ILE A 801 -10.88 -6.53 -22.23
N ALA A 802 -10.08 -5.88 -21.39
CA ALA A 802 -9.70 -6.47 -20.11
C ALA A 802 -10.87 -6.52 -19.12
N GLU A 803 -11.59 -5.43 -19.00
CA GLU A 803 -12.71 -5.37 -18.08
C GLU A 803 -13.81 -6.35 -18.50
N ALA A 804 -13.86 -6.68 -19.78
CA ALA A 804 -14.79 -7.68 -20.27
C ALA A 804 -14.44 -9.07 -19.76
N GLY A 805 -13.19 -9.24 -19.35
CA GLY A 805 -12.76 -10.49 -18.74
C GLY A 805 -11.39 -11.01 -19.19
N ALA A 806 -10.84 -10.38 -20.22
CA ALA A 806 -9.55 -10.82 -20.77
C ALA A 806 -8.41 -10.68 -19.75
N ASN A 807 -7.59 -11.72 -19.66
CA ASN A 807 -6.41 -11.69 -18.80
C ASN A 807 -5.35 -10.75 -19.40
N PRO A 808 -4.36 -10.32 -18.59
CA PRO A 808 -3.39 -9.33 -19.06
C PRO A 808 -2.69 -9.68 -20.38
N ILE A 809 -2.39 -10.95 -20.61
CA ILE A 809 -1.72 -11.34 -21.85
C ILE A 809 -2.65 -11.10 -23.04
N SER A 810 -3.89 -11.54 -22.92
CA SER A 810 -4.87 -11.33 -23.97
C SER A 810 -5.08 -9.86 -24.27
N GLN A 811 -5.22 -9.06 -23.21
CA GLN A 811 -5.42 -7.62 -23.35
C GLN A 811 -4.29 -6.98 -24.13
N LEU A 812 -3.06 -7.23 -23.69
CA LEU A 812 -1.89 -6.62 -24.30
C LEU A 812 -1.74 -7.07 -25.75
N ALA A 813 -1.90 -8.36 -25.99
CA ALA A 813 -1.74 -8.93 -27.32
C ALA A 813 -2.78 -8.37 -28.30
N PHE A 814 -4.05 -8.46 -27.92
CA PHE A 814 -5.13 -7.95 -28.75
C PHE A 814 -4.94 -6.47 -29.08
N THR A 815 -4.55 -5.69 -28.08
CA THR A 815 -4.44 -4.25 -28.23
C THR A 815 -3.30 -3.86 -29.16
N LEU A 816 -2.13 -4.47 -28.98
CA LEU A 816 -1.02 -4.23 -29.88
C LEU A 816 -1.37 -4.69 -31.29
N ALA A 817 -2.09 -5.79 -31.37
CA ALA A 817 -2.55 -6.31 -32.66
C ALA A 817 -3.47 -5.30 -33.34
N ASN A 818 -4.44 -4.77 -32.60
CA ASN A 818 -5.34 -3.75 -33.14
C ASN A 818 -4.55 -2.53 -33.62
N GLY A 819 -3.58 -2.12 -32.81
CA GLY A 819 -2.75 -0.97 -33.16
C GLY A 819 -1.99 -1.20 -34.45
N PHE A 820 -1.39 -2.37 -34.57
CA PHE A 820 -0.63 -2.72 -35.77
C PHE A 820 -1.54 -2.81 -36.99
N THR A 821 -2.80 -3.18 -36.75
CA THR A 821 -3.78 -3.25 -37.83
C THR A 821 -4.04 -1.86 -38.41
N TYR A 822 -4.20 -0.87 -37.54
CA TYR A 822 -4.36 0.51 -37.97
C TYR A 822 -3.16 0.97 -38.79
N VAL A 823 -1.97 0.55 -38.35
CA VAL A 823 -0.75 0.91 -39.05
C VAL A 823 -0.76 0.34 -40.46
N GLU A 824 -1.03 -0.95 -40.59
CA GLU A 824 -1.13 -1.61 -41.89
C GLU A 824 -2.21 -0.97 -42.74
N ALA A 825 -3.31 -0.59 -42.09
CA ALA A 825 -4.45 0.01 -42.78
C ALA A 825 -4.09 1.37 -43.38
N TYR A 826 -3.39 2.19 -42.60
CA TYR A 826 -3.01 3.53 -43.07
C TYR A 826 -1.84 3.49 -44.06
N LEU A 827 -1.02 2.44 -44.00
CA LEU A 827 0.07 2.27 -44.95
C LEU A 827 -0.48 1.88 -46.32
N ALA A 828 -1.49 1.02 -46.32
CA ALA A 828 -2.13 0.57 -47.56
C ALA A 828 -2.94 1.72 -48.15
N ARG A 829 -3.15 2.74 -47.33
CA ARG A 829 -3.97 3.90 -47.63
C ARG A 829 -3.09 5.09 -48.05
N GLY A 830 -1.78 4.88 -48.04
CA GLY A 830 -0.86 5.84 -48.62
C GLY A 830 -0.45 6.99 -47.73
N MET A 831 -0.13 6.69 -46.47
CA MET A 831 0.39 7.71 -45.56
C MET A 831 1.76 7.26 -45.04
N HIS A 832 2.70 8.18 -44.97
CA HIS A 832 4.03 7.87 -44.47
C HIS A 832 3.94 7.41 -43.02
N ILE A 833 4.72 6.40 -42.66
CA ILE A 833 4.66 5.83 -41.32
C ILE A 833 4.96 6.90 -40.27
N ASP A 834 5.80 7.87 -40.62
CA ASP A 834 6.15 8.94 -39.69
C ASP A 834 5.10 10.04 -39.64
N ASP A 835 4.01 9.87 -40.38
CA ASP A 835 2.95 10.87 -40.42
C ASP A 835 1.79 10.57 -39.49
N PHE A 836 1.61 9.31 -39.13
CA PHE A 836 0.48 8.93 -38.26
C PHE A 836 0.92 8.17 -37.02
N ALA A 837 2.07 7.52 -37.08
CA ALA A 837 2.57 6.76 -35.94
C ALA A 837 2.76 7.62 -34.67
N PRO A 838 3.20 8.90 -34.83
CA PRO A 838 3.26 9.77 -33.65
C PRO A 838 1.89 10.26 -33.17
N ASN A 839 0.82 9.95 -33.88
CA ASN A 839 -0.52 10.32 -33.43
C ASN A 839 -1.25 9.17 -32.75
N LEU A 840 -0.53 8.08 -32.48
CA LEU A 840 -1.16 6.91 -31.89
C LEU A 840 -0.95 6.84 -30.39
N SER A 841 -2.05 6.88 -29.65
CA SER A 841 -2.03 6.76 -28.20
C SER A 841 -2.54 5.38 -27.79
N PHE A 842 -2.09 4.90 -26.64
CA PHE A 842 -2.57 3.61 -26.14
C PHE A 842 -3.24 3.73 -24.78
N PHE A 843 -4.04 2.72 -24.45
CA PHE A 843 -4.81 2.70 -23.22
C PHE A 843 -4.84 1.28 -22.69
N PHE A 844 -4.40 1.10 -21.45
CA PHE A 844 -4.41 -0.21 -20.84
C PHE A 844 -5.09 -0.23 -19.48
N SER A 845 -5.26 -1.43 -18.95
CA SER A 845 -5.84 -1.64 -17.63
C SER A 845 -4.82 -2.30 -16.71
N ASN A 846 -4.75 -1.86 -15.47
CA ASN A 846 -3.88 -2.50 -14.48
C ASN A 846 -4.68 -3.22 -13.39
N GLY A 847 -4.47 -4.53 -13.28
CA GLY A 847 -5.17 -5.32 -12.28
C GLY A 847 -4.23 -5.89 -11.24
N MET A 848 -4.63 -7.00 -10.62
CA MET A 848 -3.85 -7.60 -9.55
C MET A 848 -2.87 -8.65 -10.08
N ASP A 849 -3.14 -9.17 -11.27
CA ASP A 849 -2.31 -10.22 -11.87
C ASP A 849 -0.84 -9.77 -11.96
N PRO A 850 0.09 -10.72 -11.79
CA PRO A 850 1.53 -10.43 -11.85
C PRO A 850 1.95 -9.74 -13.14
N GLU A 851 1.35 -10.15 -14.26
CA GLU A 851 1.76 -9.67 -15.57
C GLU A 851 1.55 -8.17 -15.74
N TYR A 852 0.61 -7.60 -15.00
CA TYR A 852 0.30 -6.17 -15.13
C TYR A 852 1.49 -5.30 -14.74
N SER A 853 2.35 -5.84 -13.89
CA SER A 853 3.53 -5.12 -13.41
C SER A 853 4.47 -4.74 -14.56
N VAL A 854 4.53 -5.59 -15.57
CA VAL A 854 5.43 -5.37 -16.70
C VAL A 854 4.70 -5.16 -18.01
N LEU A 855 3.41 -4.88 -17.93
CA LEU A 855 2.59 -4.73 -19.13
C LEU A 855 3.07 -3.57 -19.98
N GLY A 856 3.28 -2.42 -19.34
CA GLY A 856 3.67 -1.22 -20.06
C GLY A 856 5.01 -1.34 -20.74
N ARG A 857 6.01 -1.86 -20.02
CA ARG A 857 7.36 -1.95 -20.54
C ARG A 857 7.43 -2.91 -21.72
N VAL A 858 6.61 -3.97 -21.69
CA VAL A 858 6.55 -4.91 -22.80
C VAL A 858 5.96 -4.24 -24.03
N ALA A 859 4.88 -3.50 -23.83
CA ALA A 859 4.23 -2.79 -24.93
C ALA A 859 5.18 -1.78 -25.57
N ARG A 860 6.03 -1.17 -24.75
CA ARG A 860 6.96 -0.18 -25.24
C ARG A 860 8.06 -0.79 -26.12
N ARG A 861 8.54 -1.97 -25.73
CA ARG A 861 9.63 -2.61 -26.44
C ARG A 861 9.16 -3.20 -27.77
N ILE A 862 8.04 -3.93 -27.72
CA ILE A 862 7.47 -4.55 -28.91
C ILE A 862 7.20 -3.50 -29.98
N TRP A 863 6.70 -2.34 -29.54
CA TRP A 863 6.43 -1.25 -30.46
C TRP A 863 7.72 -0.70 -31.03
N ALA A 864 8.63 -0.30 -30.15
CA ALA A 864 9.88 0.33 -30.55
C ALA A 864 10.68 -0.53 -31.54
N VAL A 865 10.83 -1.80 -31.22
CA VAL A 865 11.60 -2.71 -32.07
C VAL A 865 10.96 -2.89 -33.44
N THR A 866 9.65 -3.14 -33.46
CA THR A 866 8.94 -3.34 -34.71
C THR A 866 8.90 -2.08 -35.55
N MET A 867 8.61 -0.94 -34.91
CA MET A 867 8.53 0.33 -35.64
C MET A 867 9.86 0.69 -36.27
N ARG A 868 10.96 0.28 -35.64
CA ARG A 868 12.29 0.58 -36.16
C ARG A 868 12.71 -0.42 -37.23
N ASP A 869 12.74 -1.70 -36.87
CA ASP A 869 13.23 -2.74 -37.76
C ASP A 869 12.25 -3.03 -38.90
N LYS A 870 10.99 -3.28 -38.58
CA LYS A 870 10.00 -3.67 -39.58
C LYS A 870 9.54 -2.50 -40.45
N TYR A 871 9.06 -1.43 -39.81
CA TYR A 871 8.44 -0.32 -40.54
C TYR A 871 9.40 0.83 -40.83
N GLY A 872 10.60 0.78 -40.24
CA GLY A 872 11.62 1.76 -40.50
C GLY A 872 11.24 3.19 -40.17
N ALA A 873 10.44 3.36 -39.12
CA ALA A 873 9.99 4.69 -38.73
C ALA A 873 11.04 5.39 -37.88
N ASN A 874 10.81 6.67 -37.60
CA ASN A 874 11.78 7.48 -36.87
C ASN A 874 11.61 7.34 -35.35
N ASP A 875 12.41 8.10 -34.61
CA ASP A 875 12.45 8.01 -33.16
C ASP A 875 11.12 8.36 -32.50
N ARG A 876 10.47 9.41 -32.99
CA ARG A 876 9.22 9.87 -32.39
C ARG A 876 8.12 8.83 -32.56
N SER A 877 8.26 7.97 -33.56
CA SER A 877 7.27 6.94 -33.84
C SER A 877 7.49 5.68 -33.01
N GLN A 878 8.75 5.38 -32.69
CA GLN A 878 9.10 4.19 -31.93
C GLN A 878 8.67 4.30 -30.47
N LYS A 879 8.29 5.50 -30.06
CA LYS A 879 7.93 5.75 -28.67
C LYS A 879 6.43 5.56 -28.43
N LEU A 880 6.08 4.44 -27.80
CA LEU A 880 4.68 4.15 -27.47
C LEU A 880 4.28 4.84 -26.17
N LYS A 881 3.37 5.80 -26.27
CA LYS A 881 2.85 6.48 -25.09
C LYS A 881 1.49 5.90 -24.74
N TYR A 882 1.22 5.72 -23.46
CA TYR A 882 -0.02 5.07 -23.06
C TYR A 882 -0.61 5.61 -21.75
N HIS A 883 -1.91 5.44 -21.59
CA HIS A 883 -2.63 5.79 -20.38
C HIS A 883 -3.03 4.50 -19.68
N ILE A 884 -2.82 4.45 -18.36
CA ILE A 884 -3.24 3.29 -17.56
C ILE A 884 -4.33 3.68 -16.58
N GLN A 885 -5.42 2.91 -16.59
CA GLN A 885 -6.49 3.07 -15.63
C GLN A 885 -6.60 1.81 -14.77
N THR A 886 -6.72 1.98 -13.46
CA THR A 886 -6.80 0.84 -12.56
C THR A 886 -8.06 0.02 -12.86
N SER A 887 -7.96 -1.29 -12.65
CA SER A 887 -9.05 -2.21 -13.00
C SER A 887 -10.29 -1.95 -12.18
N GLY A 888 -11.41 -1.70 -12.86
CA GLY A 888 -12.67 -1.46 -12.20
C GLY A 888 -13.36 -2.73 -11.79
N ARG A 889 -13.08 -3.83 -12.49
CA ARG A 889 -13.72 -5.09 -12.18
C ARG A 889 -13.05 -5.74 -10.96
N SER A 890 -11.85 -5.27 -10.64
CA SER A 890 -11.10 -5.78 -9.49
C SER A 890 -11.65 -5.21 -8.19
N LEU A 891 -12.54 -4.22 -8.30
CA LEU A 891 -13.17 -3.61 -7.13
C LEU A 891 -14.57 -4.18 -6.93
N HIS A 892 -15.04 -4.20 -5.68
CA HIS A 892 -16.28 -4.91 -5.38
C HIS A 892 -17.29 -4.09 -4.60
N ALA A 893 -18.53 -4.58 -4.59
CA ALA A 893 -19.61 -3.94 -3.87
C ALA A 893 -19.60 -4.36 -2.41
N GLN A 894 -19.04 -5.54 -2.13
CA GLN A 894 -18.87 -6.00 -0.75
C GLN A 894 -17.61 -5.41 -0.14
N GLU A 895 -17.74 -4.84 1.06
CA GLU A 895 -16.62 -4.20 1.77
C GLU A 895 -15.91 -3.18 0.90
N ILE A 896 -16.60 -2.10 0.58
CA ILE A 896 -16.11 -1.13 -0.40
C ILE A 896 -14.86 -0.38 0.07
N ASP A 897 -14.56 -0.46 1.37
CA ASP A 897 -13.36 0.17 1.91
C ASP A 897 -12.08 -0.54 1.45
N PHE A 898 -12.20 -1.83 1.12
CA PHE A 898 -11.06 -2.63 0.71
C PHE A 898 -10.55 -2.20 -0.67
N ASN A 899 -11.43 -1.61 -1.46
CA ASN A 899 -11.09 -1.27 -2.85
C ASN A 899 -9.94 -0.26 -2.96
N ASP A 900 -9.83 0.63 -1.96
CA ASP A 900 -8.75 1.61 -1.94
C ASP A 900 -7.40 0.92 -1.80
N ILE A 901 -7.38 -0.23 -1.15
CA ILE A 901 -6.15 -1.01 -1.01
C ILE A 901 -5.71 -1.55 -2.36
N ARG A 902 -6.67 -2.12 -3.09
CA ARG A 902 -6.38 -2.70 -4.41
C ARG A 902 -6.00 -1.61 -5.41
N THR A 903 -6.67 -0.47 -5.32
CA THR A 903 -6.45 0.62 -6.26
C THR A 903 -5.09 1.26 -6.02
N THR A 904 -4.62 1.19 -4.77
CA THR A 904 -3.30 1.70 -4.43
C THR A 904 -2.21 0.85 -5.07
N LEU A 905 -2.28 -0.46 -4.84
CA LEU A 905 -1.30 -1.40 -5.39
C LEU A 905 -1.24 -1.31 -6.91
N GLN A 906 -2.40 -1.14 -7.55
CA GLN A 906 -2.45 -1.06 -9.00
C GLN A 906 -1.87 0.26 -9.49
N ALA A 907 -2.13 1.33 -8.74
CA ALA A 907 -1.57 2.64 -9.09
C ALA A 907 -0.06 2.64 -8.94
N LEU A 908 0.44 1.86 -7.98
CA LEU A 908 1.87 1.85 -7.69
C LEU A 908 2.68 1.26 -8.86
N ILE A 909 2.31 0.07 -9.31
CA ILE A 909 3.06 -0.58 -10.38
C ILE A 909 2.93 0.18 -11.70
N ALA A 910 1.89 1.00 -11.80
CA ALA A 910 1.71 1.84 -12.97
C ALA A 910 2.77 2.93 -13.01
N ILE A 911 2.96 3.60 -11.87
CA ILE A 911 3.94 4.68 -11.76
C ILE A 911 5.37 4.15 -11.78
N TYR A 912 5.58 3.01 -11.12
CA TYR A 912 6.88 2.35 -11.16
C TYR A 912 7.31 2.10 -12.59
N ASP A 913 6.37 1.58 -13.40
CA ASP A 913 6.66 1.20 -14.77
C ASP A 913 6.56 2.41 -15.71
N ASN A 914 6.65 3.61 -15.13
CA ASN A 914 6.78 4.85 -15.87
C ASN A 914 5.71 5.05 -16.95
N CYS A 915 4.45 5.04 -16.52
CA CYS A 915 3.34 5.31 -17.42
C CYS A 915 3.29 6.80 -17.77
N ASN A 916 2.48 7.15 -18.76
CA ASN A 916 2.38 8.53 -19.21
C ASN A 916 1.16 9.24 -18.66
N SER A 917 0.19 8.45 -18.22
CA SER A 917 -1.07 8.98 -17.72
C SER A 917 -1.80 7.93 -16.88
N LEU A 918 -2.30 8.35 -15.72
CA LEU A 918 -2.91 7.42 -14.78
C LEU A 918 -4.27 7.89 -14.27
N HIS A 919 -5.26 7.01 -14.34
CA HIS A 919 -6.54 7.25 -13.69
C HIS A 919 -6.73 6.31 -12.52
N THR A 920 -7.25 6.86 -11.42
CA THR A 920 -7.48 6.08 -10.22
C THR A 920 -8.96 5.93 -9.94
N ASN A 921 -9.38 4.72 -9.60
CA ASN A 921 -10.78 4.44 -9.34
C ASN A 921 -11.18 4.71 -7.89
N ALA A 922 -12.44 5.10 -7.71
CA ALA A 922 -12.98 5.39 -6.39
C ALA A 922 -13.27 4.12 -5.61
N TYR A 923 -13.50 4.25 -4.31
CA TYR A 923 -13.80 3.09 -3.48
C TYR A 923 -15.21 2.57 -3.73
N ASP A 924 -16.13 3.47 -4.08
CA ASP A 924 -17.50 3.06 -4.38
C ASP A 924 -17.67 2.75 -5.86
N GLU A 925 -16.60 2.25 -6.45
CA GLU A 925 -16.53 1.90 -7.86
C GLU A 925 -17.66 0.97 -8.34
N ALA A 926 -18.01 0.01 -7.51
CA ALA A 926 -19.00 -1.00 -7.90
C ALA A 926 -20.43 -0.46 -7.87
N ILE A 927 -20.64 0.62 -7.11
CA ILE A 927 -21.99 1.12 -6.87
C ILE A 927 -22.34 2.36 -7.68
N THR A 928 -21.41 3.31 -7.77
CA THR A 928 -21.71 4.58 -8.43
C THR A 928 -20.51 5.28 -9.05
N THR A 929 -20.80 6.22 -9.94
CA THR A 929 -19.84 7.22 -10.39
C THR A 929 -19.30 7.94 -9.16
N PRO A 930 -17.97 8.20 -9.12
CA PRO A 930 -17.29 8.85 -8.00
C PRO A 930 -18.04 10.06 -7.42
N THR A 931 -18.25 10.02 -6.10
CA THR A 931 -18.84 11.15 -5.39
C THR A 931 -17.74 12.18 -5.12
N ALA A 932 -18.13 13.33 -4.60
CA ALA A 932 -17.17 14.40 -4.31
C ALA A 932 -16.14 13.93 -3.29
N GLU A 933 -16.60 13.19 -2.29
CA GLU A 933 -15.72 12.64 -1.25
C GLU A 933 -14.94 11.44 -1.79
N SER A 934 -15.55 10.74 -2.74
CA SER A 934 -15.00 9.51 -3.28
C SER A 934 -13.86 9.78 -4.25
N VAL A 935 -13.98 10.85 -5.02
CA VAL A 935 -12.98 11.19 -6.02
C VAL A 935 -11.72 11.74 -5.37
N ARG A 936 -11.85 12.24 -4.14
CA ARG A 936 -10.68 12.78 -3.44
C ARG A 936 -9.81 11.66 -2.89
N ARG A 937 -10.44 10.59 -2.41
CA ARG A 937 -9.70 9.43 -1.95
C ARG A 937 -8.97 8.78 -3.11
N ALA A 938 -9.59 8.77 -4.28
CA ALA A 938 -8.95 8.23 -5.47
C ALA A 938 -7.80 9.13 -5.90
N LEU A 939 -8.01 10.44 -5.79
CA LEU A 939 -7.02 11.42 -6.22
C LEU A 939 -5.87 11.48 -5.23
N ALA A 940 -6.13 11.08 -3.99
CA ALA A 940 -5.11 11.09 -2.96
C ALA A 940 -4.11 9.96 -3.14
N ILE A 941 -4.57 8.85 -3.69
CA ILE A 941 -3.72 7.70 -3.94
C ILE A 941 -2.53 8.09 -4.79
N GLN A 942 -2.79 8.85 -5.85
CA GLN A 942 -1.71 9.31 -6.73
C GLN A 942 -0.82 10.33 -6.04
N LEU A 943 -1.46 11.26 -5.32
CA LEU A 943 -0.72 12.31 -4.62
C LEU A 943 0.21 11.73 -3.56
N ILE A 944 -0.25 10.73 -2.84
CA ILE A 944 0.56 10.11 -1.80
C ILE A 944 1.76 9.38 -2.41
N ILE A 945 1.51 8.58 -3.45
CA ILE A 945 2.60 7.85 -4.09
C ILE A 945 3.60 8.80 -4.73
N ASN A 946 3.11 9.79 -5.46
CA ASN A 946 3.99 10.71 -6.18
C ASN A 946 4.78 11.64 -5.27
N ARG A 947 4.18 12.07 -4.16
CA ARG A 947 4.85 13.04 -3.29
C ARG A 947 5.46 12.40 -2.04
N GLU A 948 4.70 11.53 -1.36
CA GLU A 948 5.14 10.99 -0.08
C GLU A 948 6.00 9.74 -0.21
N TRP A 949 5.63 8.85 -1.13
CA TRP A 949 6.25 7.53 -1.21
C TRP A 949 7.72 7.62 -1.60
N GLY A 950 8.55 6.91 -0.85
CA GLY A 950 10.00 7.02 -0.96
C GLY A 950 10.59 6.40 -2.21
N VAL A 951 10.25 5.15 -2.47
CA VAL A 951 10.77 4.43 -3.63
C VAL A 951 10.44 5.17 -4.92
N ALA A 952 9.32 5.88 -4.92
CA ALA A 952 8.86 6.61 -6.10
C ALA A 952 9.78 7.78 -6.46
N LYS A 953 10.66 8.18 -5.54
CA LYS A 953 11.61 9.24 -5.81
C LYS A 953 12.65 8.79 -6.84
N CYS A 954 12.66 7.49 -7.10
CA CYS A 954 13.47 6.91 -8.17
C CYS A 954 12.56 6.61 -9.35
N GLU A 955 13.06 6.85 -10.57
CA GLU A 955 12.20 6.78 -11.74
C GLU A 955 12.33 5.46 -12.51
N ASN A 956 13.31 4.64 -12.16
CA ASN A 956 13.42 3.30 -12.75
C ASN A 956 13.63 2.19 -11.73
N PRO A 957 12.74 2.11 -10.71
CA PRO A 957 12.96 1.14 -9.64
C PRO A 957 12.78 -0.31 -10.12
N ASN A 958 12.01 -0.49 -11.19
CA ASN A 958 11.78 -1.82 -11.74
C ASN A 958 13.05 -2.43 -12.31
N GLN A 959 13.88 -1.61 -12.95
CA GLN A 959 15.04 -2.10 -13.69
C GLN A 959 16.05 -2.80 -12.81
N GLY A 960 16.52 -3.95 -13.28
CA GLY A 960 17.46 -4.77 -12.56
C GLY A 960 16.82 -5.97 -11.91
N SER A 961 15.59 -5.81 -11.45
CA SER A 961 14.86 -6.86 -10.75
C SER A 961 14.81 -8.15 -11.55
N PHE A 962 15.27 -9.24 -10.94
CA PHE A 962 15.29 -10.54 -11.59
C PHE A 962 13.87 -10.97 -11.99
N LEU A 963 12.92 -10.73 -11.09
CA LEU A 963 11.53 -11.07 -11.36
C LEU A 963 10.96 -10.25 -12.52
N ILE A 964 11.21 -8.95 -12.51
CA ILE A 964 10.69 -8.06 -13.55
C ILE A 964 11.24 -8.42 -14.92
N GLU A 965 12.54 -8.65 -15.00
CA GLU A 965 13.17 -8.94 -16.29
C GLU A 965 12.70 -10.28 -16.83
N GLU A 966 12.54 -11.27 -15.95
CA GLU A 966 12.06 -12.57 -16.38
C GLU A 966 10.60 -12.49 -16.82
N LEU A 967 9.78 -11.78 -16.05
CA LEU A 967 8.38 -11.59 -16.38
C LEU A 967 8.21 -10.82 -17.68
N THR A 968 9.07 -9.83 -17.88
CA THR A 968 9.05 -9.03 -19.10
C THR A 968 9.29 -9.91 -20.32
N ASP A 969 10.26 -10.81 -20.21
CA ASP A 969 10.59 -11.72 -21.31
C ASP A 969 9.46 -12.69 -21.57
N LEU A 970 8.87 -13.24 -20.50
CA LEU A 970 7.79 -14.21 -20.62
C LEU A 970 6.56 -13.62 -21.29
N VAL A 971 6.09 -12.49 -20.77
CA VAL A 971 4.92 -11.81 -21.29
C VAL A 971 5.11 -11.44 -22.77
N GLU A 972 6.28 -10.92 -23.10
CA GLU A 972 6.61 -10.52 -24.47
C GLU A 972 6.43 -11.68 -25.44
N GLU A 973 7.04 -12.82 -25.13
CA GLU A 973 6.93 -14.00 -25.96
C GLU A 973 5.49 -14.52 -26.02
N ALA A 974 4.80 -14.48 -24.87
CA ALA A 974 3.40 -14.88 -24.80
C ALA A 974 2.56 -14.06 -25.76
N VAL A 975 2.83 -12.76 -25.82
CA VAL A 975 2.14 -11.86 -26.72
C VAL A 975 2.45 -12.21 -28.17
N LEU A 976 3.72 -12.44 -28.46
CA LEU A 976 4.16 -12.79 -29.82
C LEU A 976 3.47 -14.06 -30.33
N GLN A 977 3.28 -15.03 -29.45
CA GLN A 977 2.63 -16.26 -29.82
C GLN A 977 1.16 -16.01 -30.15
N GLU A 978 0.55 -15.07 -29.44
CA GLU A 978 -0.84 -14.72 -29.69
C GLU A 978 -0.97 -13.98 -31.02
N PHE A 979 0.06 -13.21 -31.38
CA PHE A 979 0.11 -12.56 -32.69
C PHE A 979 0.00 -13.62 -33.77
N GLU A 980 0.76 -14.70 -33.60
CA GLU A 980 0.81 -15.78 -34.56
C GLU A 980 -0.53 -16.51 -34.67
N ARG A 981 -1.23 -16.63 -33.54
CA ARG A 981 -2.55 -17.26 -33.54
C ARG A 981 -3.56 -16.43 -34.32
N ILE A 982 -3.48 -15.11 -34.17
CA ILE A 982 -4.36 -14.20 -34.89
C ILE A 982 -4.00 -14.18 -36.37
N ALA A 983 -2.70 -14.27 -36.65
CA ALA A 983 -2.19 -14.21 -38.02
C ALA A 983 -2.67 -15.39 -38.87
N GLU A 984 -2.78 -16.56 -38.24
CA GLU A 984 -3.22 -17.76 -38.97
C GLU A 984 -4.75 -17.83 -39.00
N ARG A 985 -5.40 -16.76 -38.53
CA ARG A 985 -6.84 -16.65 -38.64
C ARG A 985 -7.22 -15.51 -39.59
N GLY A 986 -6.20 -14.98 -40.28
CA GLY A 986 -6.43 -13.97 -41.29
C GLY A 986 -6.20 -12.55 -40.80
N GLY A 987 -5.42 -12.41 -39.74
CA GLY A 987 -5.18 -11.10 -39.15
C GLY A 987 -6.29 -10.72 -38.19
N VAL A 988 -6.22 -9.52 -37.65
CA VAL A 988 -7.21 -9.06 -36.68
C VAL A 988 -8.61 -9.06 -37.28
N LEU A 989 -8.73 -8.52 -38.49
CA LEU A 989 -10.01 -8.48 -39.18
C LEU A 989 -10.53 -9.90 -39.47
N GLY A 990 -9.62 -10.76 -39.91
CA GLY A 990 -9.97 -12.13 -40.22
C GLY A 990 -10.44 -12.90 -38.99
N ALA A 991 -9.85 -12.58 -37.86
CA ALA A 991 -10.23 -13.23 -36.60
C ALA A 991 -11.60 -12.72 -36.14
N MET A 992 -11.81 -11.40 -36.24
CA MET A 992 -13.07 -10.77 -35.88
C MET A 992 -14.24 -11.35 -36.67
N GLU A 993 -13.94 -11.75 -37.90
CA GLU A 993 -14.93 -12.38 -38.77
C GLU A 993 -15.45 -13.67 -38.14
N THR A 994 -14.55 -14.40 -37.50
CA THR A 994 -14.88 -15.66 -36.82
C THR A 994 -15.38 -15.41 -35.41
N GLY A 995 -15.06 -14.25 -34.87
CA GLY A 995 -15.39 -13.93 -33.49
C GLY A 995 -14.39 -14.55 -32.54
N TYR A 996 -13.13 -14.65 -33.00
CA TYR A 996 -12.07 -15.25 -32.22
C TYR A 996 -11.82 -14.48 -30.93
N GLN A 997 -11.63 -13.17 -31.05
CA GLN A 997 -11.36 -12.33 -29.88
C GLN A 997 -12.51 -12.40 -28.89
N ARG A 998 -13.71 -12.11 -29.37
CA ARG A 998 -14.89 -12.14 -28.52
C ARG A 998 -15.05 -13.53 -27.87
N GLY A 999 -14.76 -14.57 -28.65
CA GLY A 999 -14.82 -15.93 -28.13
C GLY A 999 -13.85 -16.13 -26.97
N LYS A 1000 -12.61 -15.72 -27.16
CA LYS A 1000 -11.56 -15.92 -26.17
C LYS A 1000 -11.78 -15.06 -24.94
N ILE A 1001 -12.21 -13.81 -25.14
CA ILE A 1001 -12.49 -12.92 -24.02
C ILE A 1001 -13.58 -13.50 -23.12
N GLN A 1002 -14.65 -13.99 -23.73
CA GLN A 1002 -15.76 -14.54 -22.97
C GLN A 1002 -15.37 -15.85 -22.27
N GLU A 1003 -14.50 -16.64 -22.88
CA GLU A 1003 -13.98 -17.86 -22.24
C GLU A 1003 -13.20 -17.51 -20.98
N GLU A 1004 -12.32 -16.52 -21.09
CA GLU A 1004 -11.48 -16.12 -19.97
C GLU A 1004 -12.30 -15.46 -18.87
N SER A 1005 -13.34 -14.74 -19.27
CA SER A 1005 -14.26 -14.10 -18.32
C SER A 1005 -14.98 -15.16 -17.50
N LEU A 1006 -15.38 -16.25 -18.15
CA LEU A 1006 -16.07 -17.34 -17.49
C LEU A 1006 -15.12 -18.06 -16.53
N TYR A 1007 -13.91 -18.34 -17.01
CA TYR A 1007 -12.91 -19.02 -16.20
C TYR A 1007 -12.60 -18.24 -14.93
N TYR A 1008 -12.49 -16.92 -15.05
CA TYR A 1008 -12.28 -16.07 -13.89
C TYR A 1008 -13.48 -16.15 -12.94
N GLU A 1009 -14.66 -15.93 -13.51
CA GLU A 1009 -15.88 -15.87 -12.72
C GLU A 1009 -16.21 -17.20 -12.06
N GLN A 1010 -15.91 -18.28 -12.75
CA GLN A 1010 -16.14 -19.59 -12.17
C GLN A 1010 -15.31 -19.73 -10.90
N LEU A 1011 -14.13 -19.10 -10.90
CA LEU A 1011 -13.21 -19.19 -9.77
C LEU A 1011 -13.55 -18.21 -8.65
N LYS A 1012 -14.08 -17.03 -9.01
CA LYS A 1012 -14.38 -16.01 -8.02
C LYS A 1012 -15.45 -16.50 -7.06
N HIS A 1013 -16.47 -17.14 -7.62
CA HIS A 1013 -17.56 -17.73 -6.84
C HIS A 1013 -17.09 -19.02 -6.19
N ASP A 1014 -16.24 -19.76 -6.91
CA ASP A 1014 -15.65 -20.99 -6.41
C ASP A 1014 -14.95 -20.77 -5.07
N GLY A 1015 -13.85 -20.03 -5.13
CA GLY A 1015 -13.04 -19.80 -3.95
C GLY A 1015 -11.59 -20.06 -4.26
N THR A 1016 -11.33 -20.80 -5.34
CA THR A 1016 -9.97 -21.14 -5.74
C THR A 1016 -9.15 -19.86 -5.92
N LEU A 1017 -9.81 -18.83 -6.42
CA LEU A 1017 -9.22 -17.51 -6.54
C LEU A 1017 -9.72 -16.62 -5.42
N PRO A 1018 -8.91 -16.44 -4.37
CA PRO A 1018 -9.33 -15.69 -3.18
C PRO A 1018 -9.59 -14.21 -3.48
N ILE A 1019 -10.72 -13.71 -3.01
CA ILE A 1019 -11.04 -12.30 -3.10
C ILE A 1019 -11.48 -11.83 -1.72
N ILE A 1020 -10.62 -11.07 -1.05
CA ILE A 1020 -10.85 -10.68 0.34
C ILE A 1020 -12.12 -9.85 0.51
N GLY A 1021 -13.01 -10.33 1.36
CA GLY A 1021 -14.27 -9.66 1.62
C GLY A 1021 -15.40 -10.13 0.71
N VAL A 1022 -15.07 -11.05 -0.20
CA VAL A 1022 -16.06 -11.55 -1.15
C VAL A 1022 -16.28 -13.06 -1.00
N ASN A 1023 -15.27 -13.86 -1.31
CA ASN A 1023 -15.38 -15.31 -1.17
C ASN A 1023 -14.63 -15.81 0.06
N THR A 1024 -13.92 -14.91 0.71
CA THR A 1024 -13.22 -15.23 1.96
C THR A 1024 -13.14 -13.98 2.84
N PHE A 1025 -12.98 -14.19 4.14
CA PHE A 1025 -12.91 -13.09 5.11
C PHE A 1025 -14.14 -12.19 5.02
N ARG A 1026 -15.31 -12.81 5.04
CA ARG A 1026 -16.57 -12.09 5.02
C ARG A 1026 -16.78 -11.37 6.35
N ASN A 1027 -17.62 -10.34 6.33
CA ASN A 1027 -17.94 -9.59 7.53
C ASN A 1027 -18.90 -10.37 8.42
N PRO A 1028 -18.59 -10.47 9.73
CA PRO A 1028 -19.45 -11.14 10.70
C PRO A 1028 -20.87 -10.56 10.76
N ASN A 1029 -21.03 -9.32 10.31
CA ASN A 1029 -22.36 -8.71 10.18
C ASN A 1029 -23.09 -9.26 8.96
N GLY A 1030 -22.42 -9.19 7.80
CA GLY A 1030 -22.96 -9.74 6.58
C GLY A 1030 -23.56 -8.71 5.65
N ASP A 1031 -23.23 -7.44 5.87
CA ASP A 1031 -23.81 -6.35 5.09
C ASP A 1031 -22.76 -5.57 4.32
N PRO A 1032 -22.85 -5.57 2.98
CA PRO A 1032 -22.00 -4.77 2.09
C PRO A 1032 -22.47 -3.32 1.98
N THR A 1033 -21.76 -2.41 2.64
CA THR A 1033 -22.18 -1.01 2.76
C THR A 1033 -23.60 -0.95 3.34
N PRO A 1034 -23.74 -1.26 4.65
CA PRO A 1034 -25.04 -1.40 5.31
C PRO A 1034 -25.89 -0.13 5.28
N GLN A 1035 -25.29 1.00 5.58
CA GLN A 1035 -26.01 2.27 5.57
C GLN A 1035 -26.26 2.76 4.15
N THR A 1036 -26.84 3.96 4.02
CA THR A 1036 -27.12 4.54 2.72
C THR A 1036 -25.94 5.37 2.21
N LEU A 1037 -25.29 4.88 1.15
CA LEU A 1037 -24.19 5.59 0.52
C LEU A 1037 -24.74 6.60 -0.49
N GLU A 1038 -24.03 7.72 -0.66
CA GLU A 1038 -24.46 8.74 -1.61
C GLU A 1038 -24.20 8.28 -3.05
N LEU A 1039 -25.14 8.59 -3.93
CA LEU A 1039 -25.04 8.13 -5.32
C LEU A 1039 -24.96 9.29 -6.30
N ALA A 1040 -24.30 9.04 -7.42
CA ALA A 1040 -24.14 10.05 -8.46
C ALA A 1040 -25.13 9.83 -9.59
N ARG A 1041 -26.31 10.45 -9.46
CA ARG A 1041 -27.32 10.39 -10.50
C ARG A 1041 -27.61 11.80 -10.99
N SER A 1042 -28.40 11.92 -12.06
CA SER A 1042 -28.68 13.23 -12.64
C SER A 1042 -29.99 13.80 -12.12
N SER A 1043 -30.01 15.12 -11.95
CA SER A 1043 -31.19 15.84 -11.49
C SER A 1043 -32.29 15.87 -12.55
N GLU A 1044 -33.54 15.95 -12.10
CA GLU A 1044 -34.67 16.05 -13.00
C GLU A 1044 -34.61 17.35 -13.80
N ASP A 1045 -34.22 18.43 -13.12
CA ASP A 1045 -34.07 19.72 -13.76
C ASP A 1045 -33.00 19.67 -14.85
N GLU A 1046 -31.96 18.89 -14.59
CA GLU A 1046 -30.86 18.74 -15.54
C GLU A 1046 -31.34 18.07 -16.83
N LYS A 1047 -32.23 17.09 -16.69
CA LYS A 1047 -32.78 16.40 -17.85
C LYS A 1047 -33.65 17.36 -18.66
N GLN A 1048 -34.52 18.09 -17.96
CA GLN A 1048 -35.39 19.06 -18.61
C GLN A 1048 -34.58 20.20 -19.22
N SER A 1049 -33.45 20.51 -18.62
CA SER A 1049 -32.55 21.53 -19.16
C SER A 1049 -32.02 21.11 -20.52
N GLN A 1050 -31.50 19.89 -20.60
CA GLN A 1050 -30.95 19.35 -21.84
C GLN A 1050 -32.00 19.30 -22.95
N LEU A 1051 -33.23 18.94 -22.58
CA LEU A 1051 -34.32 18.86 -23.55
C LEU A 1051 -34.64 20.26 -24.11
N HIS A 1052 -34.66 21.24 -23.22
CA HIS A 1052 -35.00 22.60 -23.63
C HIS A 1052 -33.87 23.25 -24.42
N ARG A 1053 -32.62 22.97 -24.03
CA ARG A 1053 -31.46 23.47 -24.77
C ARG A 1053 -31.44 22.90 -26.18
N LEU A 1054 -31.80 21.63 -26.30
CA LEU A 1054 -31.80 20.94 -27.59
C LEU A 1054 -32.85 21.54 -28.54
N THR A 1055 -34.08 21.67 -28.05
CA THR A 1055 -35.15 22.22 -28.87
C THR A 1055 -34.89 23.68 -29.20
N GLU A 1056 -34.09 24.34 -28.37
CA GLU A 1056 -33.71 25.73 -28.62
C GLU A 1056 -32.61 25.79 -29.67
N PHE A 1057 -31.65 24.87 -29.58
CA PHE A 1057 -30.59 24.75 -30.57
C PHE A 1057 -31.17 24.43 -31.94
N HIS A 1058 -32.10 23.47 -31.96
CA HIS A 1058 -32.74 23.04 -33.20
C HIS A 1058 -33.49 24.18 -33.87
N GLY A 1059 -34.19 24.98 -33.07
CA GLY A 1059 -34.93 26.12 -33.60
C GLY A 1059 -34.01 27.17 -34.19
N ALA A 1060 -32.80 27.25 -33.67
CA ALA A 1060 -31.83 28.25 -34.10
C ALA A 1060 -31.31 27.99 -35.51
N HIS A 1061 -31.08 26.71 -35.82
CA HIS A 1061 -30.53 26.34 -37.12
C HIS A 1061 -31.54 25.53 -37.93
N GLN A 1062 -32.82 25.84 -37.75
CA GLN A 1062 -33.89 25.11 -38.42
C GLN A 1062 -33.80 25.23 -39.94
N ALA A 1063 -33.26 26.34 -40.41
CA ALA A 1063 -33.15 26.59 -41.85
C ALA A 1063 -32.05 25.77 -42.50
N ASP A 1064 -30.88 25.73 -41.86
CA ASP A 1064 -29.69 25.12 -42.45
C ASP A 1064 -29.53 23.65 -42.08
N ALA A 1065 -30.44 23.12 -41.27
CA ALA A 1065 -30.32 21.77 -40.76
C ALA A 1065 -30.41 20.71 -41.85
N GLU A 1066 -31.54 20.68 -42.55
CA GLU A 1066 -31.77 19.68 -43.59
C GLU A 1066 -30.72 19.77 -44.69
N ALA A 1067 -30.32 21.01 -45.02
CA ALA A 1067 -29.35 21.25 -46.07
C ALA A 1067 -27.98 20.66 -45.73
N MET A 1068 -27.54 20.89 -44.49
CA MET A 1068 -26.25 20.40 -44.02
C MET A 1068 -26.20 18.89 -43.98
N LEU A 1069 -27.27 18.28 -43.46
CA LEU A 1069 -27.36 16.82 -43.38
C LEU A 1069 -27.31 16.19 -44.76
N ALA A 1070 -27.97 16.83 -45.72
CA ALA A 1070 -27.95 16.36 -47.10
C ALA A 1070 -26.53 16.40 -47.66
N ARG A 1071 -25.81 17.46 -47.34
CA ARG A 1071 -24.40 17.58 -47.75
C ARG A 1071 -23.57 16.47 -47.12
N LEU A 1072 -23.89 16.11 -45.89
CA LEU A 1072 -23.16 15.08 -45.16
C LEU A 1072 -23.33 13.71 -45.80
N ARG A 1073 -24.55 13.38 -46.21
CA ARG A 1073 -24.81 12.10 -46.84
C ARG A 1073 -24.15 12.03 -48.21
N GLN A 1074 -24.18 13.16 -48.94
CA GLN A 1074 -23.54 13.23 -50.24
C GLN A 1074 -22.03 13.06 -50.13
N ALA A 1075 -21.49 13.40 -48.96
CA ALA A 1075 -20.06 13.24 -48.71
C ALA A 1075 -19.72 11.75 -48.60
N VAL A 1076 -20.66 10.97 -48.10
CA VAL A 1076 -20.45 9.52 -47.97
C VAL A 1076 -20.69 8.84 -49.32
N ILE A 1077 -21.71 9.29 -50.03
CA ILE A 1077 -22.03 8.73 -51.34
C ILE A 1077 -20.91 8.99 -52.34
N ASP A 1078 -20.52 10.26 -52.48
CA ASP A 1078 -19.46 10.63 -53.41
C ASP A 1078 -18.09 10.20 -52.89
N ASN A 1079 -18.07 9.58 -51.72
CA ASN A 1079 -16.85 9.05 -51.10
C ASN A 1079 -15.78 10.12 -50.89
N ARG A 1080 -16.19 11.24 -50.31
CA ARG A 1080 -15.24 12.28 -49.92
C ARG A 1080 -14.88 12.12 -48.45
N ASN A 1081 -14.27 13.14 -47.86
CA ASN A 1081 -13.89 13.09 -46.46
C ASN A 1081 -15.05 13.46 -45.54
N VAL A 1082 -15.49 12.48 -44.74
CA VAL A 1082 -16.66 12.67 -43.87
C VAL A 1082 -16.38 13.63 -42.73
N PHE A 1083 -15.19 13.53 -42.13
CA PHE A 1083 -14.86 14.38 -40.99
C PHE A 1083 -14.78 15.85 -41.39
N ALA A 1084 -14.28 16.11 -42.58
CA ALA A 1084 -14.13 17.48 -43.07
C ALA A 1084 -15.49 18.18 -43.14
N VAL A 1085 -16.54 17.40 -43.42
CA VAL A 1085 -17.89 17.93 -43.46
C VAL A 1085 -18.44 18.08 -42.04
N LEU A 1086 -18.06 17.16 -41.17
CA LEU A 1086 -18.48 17.20 -39.77
C LEU A 1086 -18.00 18.47 -39.07
N MET A 1087 -16.86 18.99 -39.50
CA MET A 1087 -16.32 20.22 -38.94
C MET A 1087 -17.26 21.40 -39.17
N ASP A 1088 -18.14 21.26 -40.16
CA ASP A 1088 -19.15 22.28 -40.45
C ASP A 1088 -20.51 21.84 -39.93
N ALA A 1089 -20.74 20.54 -39.93
CA ALA A 1089 -22.06 19.99 -39.61
C ALA A 1089 -22.47 20.23 -38.16
N VAL A 1090 -21.51 20.13 -37.24
CA VAL A 1090 -21.81 20.23 -35.81
C VAL A 1090 -22.16 21.64 -35.37
N ARG A 1091 -22.17 22.58 -36.32
CA ARG A 1091 -22.52 23.96 -36.02
C ARG A 1091 -24.00 24.24 -36.19
N VAL A 1092 -24.68 23.37 -36.94
CA VAL A 1092 -26.10 23.57 -37.22
C VAL A 1092 -26.91 22.30 -36.95
N CYS A 1093 -26.22 21.23 -36.56
CA CYS A 1093 -26.88 19.96 -36.33
C CYS A 1093 -26.53 19.37 -34.96
N SER A 1094 -27.49 18.65 -34.38
CA SER A 1094 -27.26 17.98 -33.10
C SER A 1094 -26.63 16.61 -33.33
N LEU A 1095 -26.15 16.00 -32.25
CA LEU A 1095 -25.50 14.70 -32.30
C LEU A 1095 -26.41 13.64 -32.93
N GLY A 1096 -27.66 13.61 -32.47
CA GLY A 1096 -28.63 12.66 -32.98
C GLY A 1096 -28.95 12.86 -34.46
N GLN A 1097 -29.10 14.12 -34.86
CA GLN A 1097 -29.39 14.45 -36.24
C GLN A 1097 -28.32 13.90 -37.17
N ILE A 1098 -27.07 14.10 -36.79
CA ILE A 1098 -25.93 13.65 -37.58
C ILE A 1098 -25.86 12.13 -37.64
N THR A 1099 -26.05 11.49 -36.49
CA THR A 1099 -25.99 10.03 -36.40
C THR A 1099 -27.04 9.38 -37.29
N HIS A 1100 -28.28 9.82 -37.16
CA HIS A 1100 -29.36 9.24 -37.93
C HIS A 1100 -29.23 9.54 -39.42
N ALA A 1101 -28.60 10.67 -39.74
CA ALA A 1101 -28.34 11.00 -41.13
C ALA A 1101 -27.34 10.03 -41.71
N LEU A 1102 -26.31 9.71 -40.93
CA LEU A 1102 -25.28 8.77 -41.36
C LEU A 1102 -25.82 7.34 -41.46
N PHE A 1103 -26.80 7.03 -40.62
CA PHE A 1103 -27.46 5.73 -40.67
C PHE A 1103 -28.05 5.46 -42.06
N GLU A 1104 -28.57 6.49 -42.71
CA GLU A 1104 -29.18 6.30 -44.02
C GLU A 1104 -28.14 6.04 -45.11
N VAL A 1105 -26.87 6.27 -44.79
CA VAL A 1105 -25.83 6.24 -45.81
C VAL A 1105 -24.59 5.46 -45.35
N GLY A 1106 -24.50 5.16 -44.06
CA GLY A 1106 -23.36 4.45 -43.51
C GLY A 1106 -23.74 3.14 -42.84
N GLY A 1107 -25.04 2.91 -42.67
CA GLY A 1107 -25.54 1.66 -42.14
C GLY A 1107 -25.40 1.53 -40.64
N GLN A 1108 -25.97 0.47 -40.09
CA GLN A 1108 -25.90 0.22 -38.65
C GLN A 1108 -25.06 -1.01 -38.36
N TYR A 1109 -24.46 -1.04 -37.17
CA TYR A 1109 -23.59 -2.14 -36.75
C TYR A 1109 -24.35 -3.45 -36.66
N ARG A 1110 -23.74 -4.52 -37.17
CA ARG A 1110 -24.30 -5.86 -37.06
C ARG A 1110 -23.61 -6.60 -35.93
N ARG A 1111 -24.35 -6.81 -34.83
CA ARG A 1111 -23.81 -7.43 -33.62
C ARG A 1111 -23.17 -8.80 -33.89
N ASN A 1112 -22.25 -9.21 -33.04
CA ASN A 1112 -21.44 -10.39 -33.30
C ASN A 1112 -21.35 -11.38 -32.14
N MET A 1113 -22.42 -11.45 -31.35
CA MET A 1113 -22.54 -12.44 -30.27
C MET A 1113 -21.46 -12.32 -29.19
N GLY B 42 11.88 42.28 37.09
CA GLY B 42 11.95 41.44 38.26
C GLY B 42 10.76 41.62 39.18
N PRO B 43 10.45 40.60 39.99
CA PRO B 43 9.33 40.65 40.94
C PRO B 43 9.66 41.48 42.18
N ALA B 44 8.64 41.82 42.97
CA ALA B 44 8.83 42.62 44.17
C ALA B 44 9.46 41.82 45.30
N ASN B 45 8.97 40.60 45.50
CA ASN B 45 9.50 39.72 46.53
C ASN B 45 10.41 38.65 45.94
N LYS B 46 11.03 37.86 46.81
CA LYS B 46 11.78 36.69 46.38
C LYS B 46 10.79 35.59 45.98
N VAL B 47 10.50 35.50 44.68
CA VAL B 47 9.49 34.56 44.20
C VAL B 47 10.07 33.20 43.83
N ARG B 48 9.55 32.15 44.46
CA ARG B 48 10.04 30.80 44.24
C ARG B 48 8.96 29.87 43.68
N PHE B 49 9.37 28.98 42.77
CA PHE B 49 8.47 28.03 42.14
C PHE B 49 8.97 26.60 42.28
N VAL B 50 8.03 25.65 42.30
CA VAL B 50 8.39 24.24 42.17
C VAL B 50 7.74 23.72 40.89
N THR B 51 8.57 23.24 39.96
CA THR B 51 8.09 22.76 38.68
C THR B 51 8.38 21.27 38.49
N ALA B 52 7.44 20.56 37.86
CA ALA B 52 7.59 19.14 37.61
C ALA B 52 6.56 18.64 36.60
N ALA B 53 6.74 17.42 36.14
CA ALA B 53 5.73 16.75 35.31
C ALA B 53 5.01 15.71 36.16
N SER B 54 3.73 15.48 35.85
CA SER B 54 2.87 14.62 36.67
C SER B 54 3.39 13.20 36.78
N LEU B 55 2.75 12.41 37.66
CA LEU B 55 3.16 11.03 37.90
C LEU B 55 3.08 10.19 36.63
N PHE B 56 4.13 9.43 36.37
CA PHE B 56 4.24 8.56 35.19
C PHE B 56 4.16 9.35 33.89
N ASP B 57 4.48 10.64 33.95
CA ASP B 57 4.48 11.48 32.77
C ASP B 57 5.92 11.80 32.35
N GLY B 58 6.25 11.44 31.11
CA GLY B 58 7.59 11.62 30.60
C GLY B 58 7.78 12.90 29.82
N HIS B 59 6.66 13.54 29.46
CA HIS B 59 6.71 14.78 28.69
C HIS B 59 7.15 15.95 29.54
N ASP B 60 8.35 16.47 29.27
CA ASP B 60 8.87 17.62 29.99
C ASP B 60 9.19 18.78 29.05
N ALA B 61 8.95 18.58 27.76
CA ALA B 61 9.21 19.60 26.74
C ALA B 61 8.47 20.88 27.06
N SER B 62 7.24 20.74 27.55
CA SER B 62 6.42 21.88 27.90
C SER B 62 6.95 22.57 29.16
N ILE B 63 7.11 21.81 30.23
CA ILE B 63 7.51 22.36 31.52
C ILE B 63 8.93 22.92 31.50
N ASN B 64 9.76 22.41 30.61
CA ASN B 64 11.15 22.87 30.55
C ASN B 64 11.26 24.29 30.00
N ILE B 65 10.42 24.62 29.03
CA ILE B 65 10.50 25.95 28.43
C ILE B 65 9.79 26.97 29.30
N MET B 66 9.04 26.49 30.29
CA MET B 66 8.36 27.38 31.24
C MET B 66 9.29 27.79 32.37
N ARG B 67 10.06 26.84 32.88
CA ARG B 67 10.99 27.14 33.98
C ARG B 67 12.13 27.99 33.47
N ARG B 68 12.29 28.05 32.15
CA ARG B 68 13.31 28.90 31.56
C ARG B 68 12.83 30.34 31.51
N ILE B 69 11.56 30.54 31.17
CA ILE B 69 10.99 31.88 31.17
C ILE B 69 10.85 32.37 32.61
N LEU B 70 10.47 31.46 33.51
CA LEU B 70 10.37 31.80 34.93
C LEU B 70 11.70 32.30 35.46
N GLN B 71 12.75 31.56 35.15
CA GLN B 71 14.10 31.89 35.62
C GLN B 71 14.58 33.21 35.04
N SER B 72 14.23 33.47 33.78
CA SER B 72 14.69 34.67 33.09
C SER B 72 13.97 35.91 33.60
N GLN B 73 12.74 35.73 34.09
CA GLN B 73 11.97 36.84 34.62
C GLN B 73 12.37 37.14 36.07
N GLY B 74 13.18 36.28 36.65
CA GLY B 74 13.74 36.54 37.97
C GLY B 74 13.19 35.70 39.10
N CYS B 75 12.85 34.45 38.80
CA CYS B 75 12.30 33.56 39.82
C CYS B 75 13.26 32.42 40.14
N GLU B 76 13.40 32.10 41.42
CA GLU B 76 14.14 30.92 41.83
C GLU B 76 13.25 29.70 41.56
N VAL B 77 13.74 28.77 40.74
CA VAL B 77 12.93 27.63 40.33
C VAL B 77 13.52 26.31 40.82
N ILE B 78 12.83 25.67 41.76
CA ILE B 78 13.24 24.35 42.20
C ILE B 78 12.65 23.30 41.27
N HIS B 79 13.42 22.90 40.26
CA HIS B 79 12.93 21.98 39.25
C HIS B 79 13.06 20.54 39.71
N LEU B 80 11.96 19.79 39.64
CA LEU B 80 11.93 18.41 40.12
C LEU B 80 12.05 17.39 38.99
N GLY B 81 11.95 17.87 37.75
CA GLY B 81 11.99 16.98 36.60
C GLY B 81 10.67 16.28 36.36
N HIS B 82 10.71 15.22 35.57
CA HIS B 82 9.50 14.48 35.18
C HIS B 82 9.14 13.41 36.20
N ASN B 83 7.97 12.79 36.00
CA ASN B 83 7.51 11.68 36.82
C ASN B 83 7.52 11.97 38.32
N ARG B 84 6.60 12.82 38.77
CA ARG B 84 6.52 13.18 40.17
C ARG B 84 5.11 12.98 40.70
N SER B 85 4.98 12.18 41.76
CA SER B 85 3.70 12.00 42.41
C SER B 85 3.30 13.27 43.16
N VAL B 86 2.02 13.39 43.47
CA VAL B 86 1.54 14.53 44.24
C VAL B 86 2.25 14.60 45.58
N GLN B 87 2.43 13.45 46.22
CA GLN B 87 3.13 13.37 47.50
C GLN B 87 4.54 13.94 47.42
N GLU B 88 5.17 13.82 46.24
CA GLU B 88 6.51 14.35 46.03
C GLU B 88 6.50 15.86 45.88
N VAL B 89 5.71 16.35 44.91
CA VAL B 89 5.66 17.77 44.58
C VAL B 89 5.23 18.62 45.78
N VAL B 90 4.23 18.15 46.51
CA VAL B 90 3.72 18.90 47.66
C VAL B 90 4.75 18.97 48.78
N THR B 91 5.40 17.85 49.07
CA THR B 91 6.44 17.80 50.09
C THR B 91 7.57 18.77 49.75
N ALA B 92 7.94 18.80 48.49
CA ALA B 92 8.98 19.70 48.01
C ALA B 92 8.58 21.16 48.21
N ALA B 93 7.41 21.52 47.68
CA ALA B 93 6.93 22.90 47.76
C ALA B 93 6.81 23.38 49.21
N LEU B 94 6.49 22.47 50.11
CA LEU B 94 6.31 22.82 51.51
C LEU B 94 7.63 23.07 52.23
N GLN B 95 8.66 22.31 51.87
CA GLN B 95 9.96 22.48 52.49
C GLN B 95 10.69 23.68 51.90
N GLU B 96 10.49 23.92 50.62
CA GLU B 96 11.10 25.06 49.94
C GLU B 96 10.36 26.35 50.28
N ASP B 97 9.12 26.20 50.76
CA ASP B 97 8.22 27.32 51.03
C ASP B 97 8.11 28.24 49.83
N VAL B 98 7.51 27.74 48.75
CA VAL B 98 7.35 28.49 47.52
C VAL B 98 6.00 29.17 47.46
N GLN B 99 5.84 30.09 46.50
CA GLN B 99 4.57 30.76 46.29
C GLN B 99 3.74 30.05 45.23
N GLY B 100 4.42 29.32 44.35
CA GLY B 100 3.75 28.70 43.22
C GLY B 100 4.24 27.32 42.82
N ILE B 101 3.32 26.53 42.27
CA ILE B 101 3.64 25.20 41.77
C ILE B 101 3.17 25.09 40.31
N ALA B 102 4.07 24.69 39.43
CA ALA B 102 3.74 24.51 38.02
C ALA B 102 3.88 23.04 37.62
N ILE B 103 2.78 22.46 37.16
CA ILE B 103 2.75 21.04 36.80
C ILE B 103 2.30 20.84 35.35
N SER B 104 2.98 19.96 34.64
CA SER B 104 2.55 19.58 33.29
C SER B 104 1.98 18.16 33.32
N SER B 105 0.74 18.00 32.84
CA SER B 105 0.11 16.68 32.80
C SER B 105 -0.41 16.35 31.41
N TYR B 106 0.33 15.52 30.69
CA TYR B 106 -0.04 15.14 29.32
C TYR B 106 -0.51 13.71 29.20
N GLN B 107 -0.51 12.98 30.32
CA GLN B 107 -0.90 11.58 30.32
C GLN B 107 -2.38 11.39 30.63
N GLY B 108 -3.04 12.47 31.02
CA GLY B 108 -4.41 12.39 31.48
C GLY B 108 -4.42 12.05 32.96
N GLY B 109 -5.61 11.84 33.52
CA GLY B 109 -5.74 11.61 34.94
C GLY B 109 -5.38 12.87 35.69
N HIS B 110 -5.46 14.00 35.00
CA HIS B 110 -5.03 15.28 35.54
C HIS B 110 -6.05 15.87 36.50
N VAL B 111 -7.33 15.55 36.29
CA VAL B 111 -8.38 16.03 37.18
C VAL B 111 -8.19 15.47 38.58
N GLU B 112 -7.99 14.16 38.66
CA GLU B 112 -7.75 13.49 39.93
C GLU B 112 -6.42 13.97 40.54
N TYR B 113 -5.42 14.15 39.68
CA TYR B 113 -4.09 14.56 40.12
C TYR B 113 -4.10 15.92 40.82
N PHE B 114 -4.63 16.92 40.13
CA PHE B 114 -4.65 18.28 40.67
C PHE B 114 -5.58 18.41 41.88
N LYS B 115 -6.70 17.71 41.84
CA LYS B 115 -7.61 17.70 42.99
C LYS B 115 -6.89 17.17 44.23
N TYR B 116 -6.19 16.05 44.06
CA TYR B 116 -5.39 15.46 45.12
C TYR B 116 -4.40 16.48 45.66
N MET B 117 -3.71 17.17 44.75
CA MET B 117 -2.69 18.13 45.13
C MET B 117 -3.29 19.30 45.92
N ILE B 118 -4.38 19.86 45.40
CA ILE B 118 -5.07 20.95 46.07
C ILE B 118 -5.48 20.53 47.48
N ASP B 119 -6.02 19.32 47.60
CA ASP B 119 -6.43 18.77 48.90
C ASP B 119 -5.26 18.61 49.84
N LEU B 120 -4.18 18.01 49.33
CA LEU B 120 -3.02 17.71 50.15
C LEU B 120 -2.33 18.98 50.64
N LEU B 121 -2.40 20.03 49.82
CA LEU B 121 -1.79 21.32 50.18
C LEU B 121 -2.53 21.98 51.33
N ARG B 122 -3.85 21.98 51.25
CA ARG B 122 -4.69 22.61 52.28
C ARG B 122 -4.58 21.87 53.60
N GLU B 123 -4.41 20.55 53.53
CA GLU B 123 -4.35 19.71 54.71
C GLU B 123 -3.06 19.94 55.51
N HIS B 124 -1.99 20.31 54.81
CA HIS B 124 -0.67 20.41 55.44
C HIS B 124 -0.07 21.82 55.39
N GLY B 125 -0.94 22.83 55.50
CA GLY B 125 -0.49 24.21 55.60
C GLY B 125 0.18 24.77 54.36
N GLY B 126 -0.50 24.67 53.23
CA GLY B 126 0.02 25.18 51.98
C GLY B 126 -1.09 25.74 51.12
N GLU B 127 -2.17 26.16 51.78
CA GLU B 127 -3.35 26.68 51.09
C GLU B 127 -3.04 27.97 50.32
N HIS B 128 -2.07 28.73 50.82
CA HIS B 128 -1.71 30.00 50.20
C HIS B 128 -0.81 29.82 48.98
N ILE B 129 -0.34 28.60 48.78
CA ILE B 129 0.45 28.26 47.60
C ILE B 129 -0.45 28.08 46.39
N GLN B 130 -0.14 28.80 45.31
CA GLN B 130 -0.95 28.71 44.10
C GLN B 130 -0.46 27.63 43.14
N VAL B 131 -1.39 26.90 42.53
CA VAL B 131 -1.04 25.81 41.64
C VAL B 131 -1.41 26.11 40.19
N PHE B 132 -0.44 26.00 39.29
CA PHE B 132 -0.67 26.22 37.88
C PHE B 132 -0.42 24.95 37.08
N GLY B 133 -1.11 24.79 35.96
CA GLY B 133 -0.98 23.59 35.18
C GLY B 133 -1.17 23.78 33.68
N GLY B 134 -0.86 22.73 32.93
CA GLY B 134 -1.05 22.73 31.50
C GLY B 134 -0.85 21.33 30.94
N GLY B 135 -1.58 21.00 29.90
CA GLY B 135 -1.45 19.69 29.27
C GLY B 135 -1.77 19.75 27.79
N GLY B 136 -1.76 20.95 27.25
CA GLY B 136 -2.11 21.14 25.85
C GLY B 136 -3.57 20.80 25.63
N GLY B 137 -3.84 19.99 24.61
CA GLY B 137 -5.20 19.64 24.25
C GLY B 137 -5.81 18.55 25.12
N VAL B 138 -4.98 17.89 25.92
CA VAL B 138 -5.43 16.80 26.76
C VAL B 138 -6.44 17.29 27.81
N ILE B 139 -6.16 18.44 28.42
CA ILE B 139 -7.10 19.04 29.37
C ILE B 139 -8.14 19.88 28.66
N VAL B 140 -9.29 19.28 28.41
CA VAL B 140 -10.40 19.96 27.71
C VAL B 140 -10.94 21.14 28.53
N PRO B 141 -11.55 22.13 27.86
CA PRO B 141 -12.10 23.33 28.50
C PRO B 141 -12.96 23.06 29.74
N ASP B 142 -13.83 22.06 29.70
CA ASP B 142 -14.69 21.75 30.83
C ASP B 142 -13.88 21.38 32.07
N GLU B 143 -12.84 20.60 31.87
CA GLU B 143 -12.00 20.13 32.98
C GLU B 143 -11.18 21.29 33.56
N ILE B 144 -10.91 22.30 32.74
CA ILE B 144 -10.20 23.48 33.22
C ILE B 144 -11.07 24.28 34.17
N ARG B 145 -12.30 24.54 33.76
CA ARG B 145 -13.25 25.28 34.59
C ARG B 145 -13.50 24.54 35.90
N GLU B 146 -13.54 23.21 35.81
CA GLU B 146 -13.76 22.38 36.99
C GLU B 146 -12.58 22.50 37.95
N LEU B 147 -11.37 22.31 37.43
CA LEU B 147 -10.17 22.34 38.25
C LEU B 147 -9.90 23.73 38.82
N GLN B 148 -10.14 24.77 38.02
CA GLN B 148 -9.93 26.14 38.48
C GLN B 148 -10.97 26.49 39.54
N ALA B 149 -12.16 25.92 39.42
CA ALA B 149 -13.20 26.12 40.43
C ALA B 149 -12.86 25.38 41.71
N TYR B 150 -12.13 24.29 41.58
CA TYR B 150 -11.77 23.46 42.72
C TYR B 150 -10.75 24.17 43.62
N GLY B 151 -9.79 24.83 43.00
CA GLY B 151 -8.76 25.54 43.74
C GLY B 151 -7.54 25.90 42.91
N VAL B 152 -7.36 25.21 41.79
CA VAL B 152 -6.24 25.48 40.88
C VAL B 152 -6.29 26.94 40.41
N ALA B 153 -5.14 27.62 40.53
CA ALA B 153 -5.04 29.02 40.13
C ALA B 153 -5.40 29.22 38.66
N ARG B 154 -4.61 28.61 37.78
CA ARG B 154 -4.85 28.69 36.34
C ARG B 154 -4.37 27.42 35.65
N ILE B 155 -5.11 26.98 34.64
CA ILE B 155 -4.62 25.97 33.72
C ILE B 155 -4.68 26.50 32.31
N TYR B 156 -3.53 26.48 31.63
CA TYR B 156 -3.41 27.13 30.33
C TYR B 156 -3.63 26.16 29.16
N SER B 157 -4.54 26.54 28.27
CA SER B 157 -4.82 25.77 27.07
C SER B 157 -3.93 26.27 25.93
N PRO B 158 -3.82 25.48 24.85
CA PRO B 158 -3.05 25.94 23.69
C PRO B 158 -3.58 27.26 23.12
N GLU B 159 -4.87 27.51 23.29
CA GLU B 159 -5.48 28.76 22.85
C GLU B 159 -5.05 29.92 23.75
N ASP B 160 -4.83 29.64 25.03
CA ASP B 160 -4.33 30.64 25.97
C ASP B 160 -2.91 31.04 25.60
N GLY B 161 -2.12 30.05 25.18
CA GLY B 161 -0.75 30.29 24.79
C GLY B 161 -0.67 31.18 23.57
N GLN B 162 -1.62 31.02 22.66
CA GLN B 162 -1.65 31.81 21.44
C GLN B 162 -2.01 33.27 21.72
N ARG B 163 -3.00 33.47 22.57
CA ARG B 163 -3.45 34.83 22.89
C ARG B 163 -2.43 35.57 23.74
N MET B 164 -1.96 34.91 24.80
CA MET B 164 -1.09 35.56 25.77
C MET B 164 0.38 35.57 25.35
N GLY B 165 0.77 34.57 24.58
CA GLY B 165 2.18 34.39 24.25
C GLY B 165 2.87 33.64 25.38
N LEU B 166 4.04 33.09 25.10
CA LEU B 166 4.76 32.31 26.10
C LEU B 166 5.18 33.18 27.30
N ALA B 167 5.72 34.36 27.02
CA ALA B 167 6.11 35.27 28.08
C ALA B 167 4.89 35.79 28.82
N GLY B 168 3.78 35.92 28.09
CA GLY B 168 2.54 36.41 28.66
C GLY B 168 1.98 35.52 29.76
N MET B 169 2.02 34.21 29.53
CA MET B 169 1.57 33.24 30.52
C MET B 169 2.41 33.34 31.79
N ILE B 170 3.72 33.31 31.62
CA ILE B 170 4.63 33.30 32.76
C ILE B 170 4.56 34.63 33.53
N THR B 171 4.37 35.72 32.80
CA THR B 171 4.18 37.02 33.44
C THR B 171 2.95 36.99 34.32
N ASP B 172 1.85 36.47 33.78
CA ASP B 172 0.61 36.32 34.52
C ASP B 172 0.82 35.40 35.73
N MET B 173 1.53 34.31 35.50
CA MET B 173 1.78 33.31 36.53
C MET B 173 2.66 33.89 37.64
N ALA B 174 3.65 34.69 37.25
CA ALA B 174 4.58 35.26 38.22
C ALA B 174 3.92 36.37 39.03
N GLN B 175 3.20 37.26 38.36
CA GLN B 175 2.56 38.39 39.01
C GLN B 175 1.57 37.94 40.09
N ARG B 176 0.99 36.76 39.89
CA ARG B 176 0.09 36.17 40.88
C ARG B 176 0.84 35.74 42.13
N CYS B 177 2.01 35.13 41.93
CA CYS B 177 2.79 34.58 43.04
C CYS B 177 3.71 35.63 43.69
N ASP B 178 3.61 36.87 43.24
CA ASP B 178 4.44 37.93 43.77
C ASP B 178 3.93 38.39 45.13
N ILE B 179 4.09 37.53 46.14
CA ILE B 179 3.62 37.83 47.50
C ILE B 179 4.71 37.60 48.54
N ASP B 180 4.62 38.34 49.64
CA ASP B 180 5.62 38.23 50.72
C ASP B 180 5.22 37.13 51.70
N LEU B 181 6.02 36.07 51.75
CA LEU B 181 5.71 34.91 52.58
C LEU B 181 6.20 35.04 54.02
N THR B 182 6.84 36.16 54.34
CA THR B 182 7.43 36.33 55.65
C THR B 182 6.37 36.54 56.73
N ARG B 183 5.14 36.82 56.30
CA ARG B 183 4.04 37.01 57.23
C ARG B 183 3.61 35.68 57.88
N TYR B 184 3.89 34.58 57.18
CA TYR B 184 3.52 33.25 57.67
C TYR B 184 4.62 32.68 58.56
N ALA B 185 5.71 33.42 58.71
CA ALA B 185 6.85 32.96 59.50
C ALA B 185 6.55 33.03 61.01
N PRO B 186 7.04 32.03 61.75
CA PRO B 186 6.86 31.99 63.21
C PRO B 186 7.62 33.13 63.90
N THR B 187 7.09 33.62 65.01
CA THR B 187 7.72 34.70 65.76
C THR B 187 8.48 34.15 66.96
N THR B 188 8.17 32.92 67.36
CA THR B 188 8.90 32.25 68.44
C THR B 188 9.39 30.89 67.98
N LEU B 189 10.40 30.36 68.66
CA LEU B 189 11.03 29.10 68.27
C LEU B 189 10.25 27.88 68.75
N ASP B 190 9.16 28.11 69.46
CA ASP B 190 8.38 27.03 70.06
C ASP B 190 7.95 25.96 69.04
N THR B 191 7.41 26.41 67.92
CA THR B 191 6.95 25.50 66.87
C THR B 191 8.11 24.71 66.28
N VAL B 192 9.19 25.41 65.92
CA VAL B 192 10.32 24.80 65.22
C VAL B 192 11.03 23.73 66.05
N VAL B 193 11.34 24.07 67.30
CA VAL B 193 12.05 23.17 68.19
C VAL B 193 11.22 21.91 68.47
N ALA B 194 9.91 22.09 68.54
CA ALA B 194 8.98 20.99 68.80
C ALA B 194 9.06 19.91 67.72
N GLY B 195 9.49 20.30 66.52
CA GLY B 195 9.65 19.36 65.43
C GLY B 195 8.84 19.71 64.21
N ASP B 196 8.15 20.85 64.25
CA ASP B 196 7.36 21.33 63.13
C ASP B 196 8.29 21.62 61.95
N ARG B 197 8.16 20.82 60.89
CA ARG B 197 9.04 20.95 59.74
C ARG B 197 8.54 22.03 58.78
N ARG B 198 7.26 22.34 58.85
CA ARG B 198 6.69 23.39 58.03
C ARG B 198 7.04 24.76 58.60
N ALA B 199 7.01 24.88 59.92
CA ALA B 199 7.41 26.12 60.59
C ALA B 199 8.89 26.39 60.34
N LEU B 200 9.69 25.32 60.34
CA LEU B 200 11.11 25.43 60.05
C LEU B 200 11.32 25.98 58.64
N ALA B 201 10.55 25.45 57.69
CA ALA B 201 10.67 25.86 56.30
C ALA B 201 10.32 27.34 56.11
N GLN B 202 9.41 27.84 56.96
CA GLN B 202 8.97 29.22 56.87
C GLN B 202 9.88 30.15 57.66
N LEU B 203 10.44 29.65 58.76
CA LEU B 203 11.40 30.41 59.55
C LEU B 203 12.66 30.69 58.72
N ILE B 204 12.99 29.75 57.84
CA ILE B 204 14.13 29.89 56.94
C ILE B 204 13.88 30.99 55.93
N THR B 205 12.65 31.02 55.38
CA THR B 205 12.29 32.05 54.41
C THR B 205 12.32 33.43 55.07
N ALA B 206 12.08 33.46 56.38
CA ALA B 206 12.19 34.70 57.13
C ALA B 206 13.65 35.09 57.35
N LEU B 207 14.46 34.11 57.74
CA LEU B 207 15.88 34.35 57.98
C LEU B 207 16.62 34.73 56.70
N GLU B 208 16.28 34.05 55.60
CA GLU B 208 16.95 34.27 54.32
C GLU B 208 16.68 35.68 53.79
N ASN B 209 15.46 36.16 54.02
CA ASN B 209 15.06 37.48 53.54
C ASN B 209 15.38 38.58 54.54
N GLY B 210 15.96 38.20 55.67
CA GLY B 210 16.39 39.16 56.68
C GLY B 210 15.26 39.89 57.37
N LYS B 211 14.07 39.28 57.39
CA LYS B 211 12.93 39.89 58.06
C LYS B 211 12.68 39.27 59.43
N ALA B 212 13.65 38.51 59.93
CA ALA B 212 13.55 37.91 61.25
C ALA B 212 14.04 38.90 62.32
N ASP B 213 13.36 38.91 63.46
CA ASP B 213 13.71 39.82 64.55
C ASP B 213 15.07 39.47 65.14
N PRO B 214 15.89 40.51 65.40
CA PRO B 214 17.25 40.35 65.96
C PRO B 214 17.29 39.56 67.28
N GLU B 215 16.31 39.77 68.15
CA GLU B 215 16.25 39.05 69.42
C GLU B 215 15.93 37.58 69.18
N LEU B 216 15.20 37.30 68.11
CA LEU B 216 14.86 35.92 67.73
C LEU B 216 16.07 35.22 67.12
N VAL B 217 16.86 35.95 66.35
CA VAL B 217 18.04 35.41 65.70
C VAL B 217 19.08 34.95 66.70
N SER B 218 19.43 35.83 67.63
CA SER B 218 20.41 35.51 68.67
C SER B 218 19.91 34.39 69.58
N ALA B 219 18.60 34.35 69.80
CA ALA B 219 17.99 33.29 70.59
C ALA B 219 18.08 31.96 69.88
N LEU B 220 18.08 32.02 68.55
CA LEU B 220 18.18 30.82 67.72
C LEU B 220 19.60 30.25 67.75
N HIS B 221 20.59 31.14 67.63
CA HIS B 221 21.99 30.74 67.67
C HIS B 221 22.37 30.22 69.06
N ALA B 222 21.76 30.81 70.09
CA ALA B 222 22.03 30.40 71.47
C ALA B 222 21.59 28.96 71.71
N GLN B 223 20.45 28.59 71.14
CA GLN B 223 19.95 27.23 71.28
C GLN B 223 20.60 26.30 70.27
N ALA B 224 21.15 26.88 69.20
CA ALA B 224 21.87 26.11 68.20
C ALA B 224 23.22 25.67 68.75
N LYS B 225 23.81 26.50 69.60
CA LYS B 225 25.09 26.18 70.23
C LYS B 225 24.91 25.02 71.21
N ALA B 226 23.86 25.10 72.02
CA ALA B 226 23.57 24.07 73.01
C ALA B 226 23.06 22.79 72.34
N ALA B 227 22.61 22.92 71.09
CA ALA B 227 22.08 21.78 70.34
C ALA B 227 23.17 20.74 70.08
N ALA B 228 24.36 21.23 69.78
CA ALA B 228 25.54 20.40 69.53
C ALA B 228 25.27 19.34 68.46
N VAL B 229 25.15 19.77 67.21
CA VAL B 229 25.00 18.83 66.10
C VAL B 229 26.06 19.09 65.03
N PRO B 230 26.57 18.01 64.41
CA PRO B 230 27.62 18.12 63.40
C PRO B 230 27.11 18.72 62.09
N VAL B 231 27.92 19.57 61.46
CA VAL B 231 27.55 20.18 60.19
C VAL B 231 28.57 19.84 59.10
N LEU B 232 28.18 18.95 58.19
CA LEU B 232 29.05 18.55 57.09
C LEU B 232 28.88 19.47 55.88
N GLY B 233 29.98 20.07 55.45
CA GLY B 233 29.96 20.92 54.28
C GLY B 233 30.49 20.19 53.06
N ILE B 234 29.77 20.28 51.95
CA ILE B 234 30.19 19.65 50.71
C ILE B 234 30.35 20.70 49.62
N THR B 235 31.59 20.99 49.24
CA THR B 235 31.85 21.98 48.20
C THR B 235 32.66 21.33 47.08
N GLY B 236 32.89 22.08 46.01
CA GLY B 236 33.65 21.56 44.89
C GLY B 236 33.34 22.26 43.58
N THR B 237 34.07 21.89 42.53
CA THR B 237 33.92 22.48 41.22
C THR B 237 32.54 22.23 40.65
N GLY B 238 32.14 23.03 39.66
CA GLY B 238 30.81 22.92 39.09
C GLY B 238 30.59 21.63 38.32
N GLY B 239 29.49 20.95 38.64
CA GLY B 239 29.11 19.74 37.94
C GLY B 239 29.98 18.53 38.25
N ALA B 240 30.75 18.61 39.32
CA ALA B 240 31.64 17.53 39.70
C ALA B 240 30.86 16.32 40.20
N GLY B 241 29.72 16.57 40.83
CA GLY B 241 28.87 15.50 41.34
C GLY B 241 28.50 15.70 42.79
N LYS B 242 28.56 16.95 43.25
CA LYS B 242 28.31 17.28 44.65
C LYS B 242 26.92 16.83 45.12
N SER B 243 25.92 17.07 44.29
CA SER B 243 24.56 16.68 44.62
C SER B 243 24.41 15.15 44.57
N SER B 244 24.91 14.54 43.51
CA SER B 244 24.81 13.09 43.31
C SER B 244 25.51 12.33 44.43
N LEU B 245 26.66 12.86 44.87
CA LEU B 245 27.42 12.22 45.93
C LEU B 245 26.71 12.41 47.26
N THR B 246 26.12 13.58 47.47
CA THR B 246 25.38 13.88 48.69
C THR B 246 24.23 12.89 48.86
N ASP B 247 23.47 12.69 47.78
CA ASP B 247 22.34 11.76 47.77
C ASP B 247 22.81 10.36 48.13
N GLU B 248 23.86 9.89 47.47
CA GLU B 248 24.40 8.56 47.72
C GLU B 248 24.87 8.39 49.16
N LEU B 249 25.54 9.40 49.70
CA LEU B 249 26.01 9.37 51.07
C LEU B 249 24.83 9.27 52.05
N ILE B 250 23.75 9.98 51.75
CA ILE B 250 22.55 9.92 52.57
C ILE B 250 21.97 8.52 52.53
N ARG B 251 21.98 7.92 51.35
CA ARG B 251 21.45 6.57 51.17
C ARG B 251 22.28 5.56 51.96
N ARG B 252 23.57 5.82 52.09
CA ARG B 252 24.42 5.00 52.95
C ARG B 252 24.01 5.16 54.41
N PHE B 253 23.74 6.40 54.82
CA PHE B 253 23.32 6.69 56.18
C PHE B 253 22.03 5.97 56.55
N ARG B 254 21.12 5.87 55.59
CA ARG B 254 19.83 5.24 55.84
C ARG B 254 19.97 3.72 55.96
N LEU B 255 20.69 3.12 55.01
CA LEU B 255 20.90 1.68 55.02
C LEU B 255 21.71 1.21 56.23
N ASP B 256 22.64 2.05 56.65
CA ASP B 256 23.55 1.70 57.73
C ASP B 256 22.88 1.81 59.10
N GLN B 257 21.94 2.73 59.22
CA GLN B 257 21.36 3.06 60.53
C GLN B 257 19.85 2.80 60.62
N ASP B 258 19.31 2.08 59.64
CA ASP B 258 17.87 1.79 59.61
C ASP B 258 17.01 3.05 59.68
N ASP B 259 17.41 4.08 58.94
CA ASP B 259 16.69 5.35 58.88
C ASP B 259 16.45 5.95 60.26
N ALA B 260 17.42 5.80 61.16
CA ALA B 260 17.26 6.32 62.52
C ALA B 260 17.81 7.74 62.65
N LEU B 261 18.46 8.22 61.60
CA LEU B 261 19.07 9.55 61.64
C LEU B 261 18.18 10.61 61.01
N SER B 262 18.08 11.75 61.69
CA SER B 262 17.36 12.90 61.16
C SER B 262 18.33 13.84 60.47
N ILE B 263 18.30 13.84 59.14
CA ILE B 263 19.27 14.60 58.36
C ILE B 263 18.65 15.84 57.71
N ALA B 264 19.35 16.98 57.82
CA ALA B 264 18.90 18.21 57.20
C ALA B 264 19.86 18.60 56.06
N VAL B 265 19.30 18.80 54.86
CA VAL B 265 20.11 19.11 53.70
C VAL B 265 19.87 20.53 53.19
N ILE B 266 20.94 21.32 53.11
CA ILE B 266 20.84 22.68 52.60
C ILE B 266 21.69 22.85 51.33
N SER B 267 21.04 22.77 50.17
CA SER B 267 21.75 22.88 48.90
C SER B 267 21.69 24.29 48.34
N ILE B 268 22.83 24.79 47.89
CA ILE B 268 22.93 26.13 47.34
C ILE B 268 23.36 26.11 45.89
N ASP B 269 22.64 26.84 45.04
CA ASP B 269 22.97 26.95 43.63
C ASP B 269 23.04 28.41 43.23
N PRO B 270 23.87 28.72 42.22
CA PRO B 270 24.12 30.14 41.92
C PRO B 270 22.92 30.81 41.25
N SER B 271 22.71 32.07 41.59
CA SER B 271 21.72 32.86 40.88
C SER B 271 22.43 33.70 39.82
N ARG B 272 21.86 33.75 38.62
CA ARG B 272 22.47 34.54 37.56
C ARG B 272 22.15 36.01 37.77
N ARG B 273 23.18 36.84 37.68
CA ARG B 273 23.04 38.26 38.00
C ARG B 273 22.16 39.00 36.99
N LYS B 274 22.25 38.61 35.73
CA LYS B 274 21.47 39.24 34.68
C LYS B 274 19.98 38.92 34.84
N SER B 275 19.66 37.63 34.90
CA SER B 275 18.29 37.16 35.06
C SER B 275 17.68 37.67 36.37
N GLY B 276 18.46 37.61 37.44
CA GLY B 276 17.98 37.95 38.76
C GLY B 276 17.51 36.71 39.48
N GLY B 277 17.12 35.70 38.69
CA GLY B 277 16.60 34.46 39.23
C GLY B 277 17.66 33.38 39.32
N ALA B 278 17.22 32.14 39.50
CA ALA B 278 18.14 31.01 39.65
C ALA B 278 17.46 29.70 39.31
N LEU B 279 18.27 28.71 38.94
CA LEU B 279 17.77 27.37 38.72
C LEU B 279 18.24 26.46 39.86
N LEU B 280 17.51 26.44 40.96
CA LEU B 280 17.89 25.58 42.08
C LEU B 280 17.75 24.12 41.66
N GLY B 281 18.78 23.61 40.99
CA GLY B 281 18.73 22.26 40.44
C GLY B 281 19.62 21.28 41.17
N ASP B 282 19.36 21.10 42.46
CA ASP B 282 20.08 20.10 43.24
C ASP B 282 19.11 19.03 43.73
N ARG B 283 17.89 19.47 44.05
CA ARG B 283 16.87 18.57 44.59
C ARG B 283 16.47 17.50 43.57
N ILE B 284 16.59 17.83 42.29
CA ILE B 284 16.21 16.94 41.21
C ILE B 284 17.07 15.66 41.19
N ARG B 285 18.28 15.77 41.72
CA ARG B 285 19.22 14.65 41.74
C ARG B 285 19.02 13.76 42.97
N MET B 286 18.34 14.30 43.97
CA MET B 286 18.15 13.60 45.23
C MET B 286 17.04 12.56 45.18
N ASN B 287 17.42 11.29 45.29
CA ASN B 287 16.44 10.20 45.29
C ASN B 287 16.24 9.59 46.67
N ALA B 288 17.20 9.80 47.56
CA ALA B 288 17.18 9.14 48.86
C ALA B 288 16.62 10.04 49.96
N ILE B 289 16.15 11.22 49.59
CA ILE B 289 15.68 12.18 50.57
C ILE B 289 14.19 12.06 50.83
N ASN B 290 13.55 11.10 50.17
CA ASN B 290 12.10 10.90 50.34
C ASN B 290 11.78 10.05 51.56
N HIS B 291 11.73 10.71 52.71
CA HIS B 291 11.51 10.05 53.99
C HIS B 291 11.28 11.12 55.05
N PRO B 292 10.37 10.85 56.00
CA PRO B 292 10.04 11.82 57.06
C PRO B 292 11.24 12.33 57.86
N ASN B 293 12.28 11.52 58.00
CA ASN B 293 13.45 11.93 58.77
C ASN B 293 14.44 12.78 57.97
N ILE B 294 14.12 13.02 56.70
CA ILE B 294 14.99 13.84 55.85
C ILE B 294 14.30 15.15 55.48
N PHE B 295 15.04 16.25 55.58
CA PHE B 295 14.53 17.57 55.23
C PHE B 295 15.51 18.27 54.31
N MET B 296 15.02 18.86 53.23
CA MET B 296 15.90 19.57 52.31
C MET B 296 15.32 20.91 51.86
N ARG B 297 16.17 21.93 51.91
CA ARG B 297 15.81 23.28 51.46
C ARG B 297 16.82 23.77 50.43
N SER B 298 16.32 24.32 49.33
CA SER B 298 17.20 24.83 48.27
C SER B 298 17.34 26.34 48.34
N LEU B 299 18.57 26.82 48.47
CA LEU B 299 18.82 28.25 48.57
C LEU B 299 19.54 28.79 47.33
N ALA B 300 19.15 29.99 46.90
CA ALA B 300 19.88 30.69 45.86
C ALA B 300 20.95 31.57 46.50
N THR B 301 22.09 31.72 45.84
CA THR B 301 23.18 32.53 46.36
C THR B 301 22.79 33.98 46.57
N ARG B 302 22.13 34.56 45.58
CA ARG B 302 21.71 35.96 45.63
C ARG B 302 22.88 36.90 45.92
N GLU B 303 24.09 36.44 45.60
CA GLU B 303 25.28 37.24 45.77
C GLU B 303 26.20 37.05 44.57
N ALA B 304 26.82 38.14 44.13
CA ALA B 304 27.62 38.16 42.91
C ALA B 304 28.68 37.06 42.85
N GLY B 305 29.60 37.07 43.81
CA GLY B 305 30.76 36.19 43.74
C GLY B 305 30.77 35.00 44.69
N SER B 306 29.87 35.01 45.65
CA SER B 306 29.84 33.97 46.69
C SER B 306 29.36 32.64 46.15
N GLU B 307 29.80 31.56 46.78
CA GLU B 307 29.32 30.22 46.44
C GLU B 307 28.33 29.72 47.50
N ILE B 308 27.96 30.60 48.42
CA ILE B 308 26.95 30.29 49.43
C ILE B 308 25.99 31.46 49.62
N SER B 309 24.84 31.19 50.24
CA SER B 309 23.90 32.25 50.59
C SER B 309 24.45 33.09 51.73
N GLN B 310 24.22 34.39 51.70
CA GLN B 310 24.73 35.29 52.72
C GLN B 310 24.00 35.13 54.05
N ALA B 311 23.02 34.23 54.09
CA ALA B 311 22.24 33.99 55.30
C ALA B 311 22.39 32.54 55.77
N LEU B 312 23.41 31.86 55.26
CA LEU B 312 23.66 30.46 55.60
C LEU B 312 23.87 30.18 57.10
N PRO B 313 24.57 31.06 57.84
CA PRO B 313 24.73 30.73 59.26
C PRO B 313 23.41 30.73 60.03
N ASP B 314 22.46 31.56 59.61
CA ASP B 314 21.14 31.59 60.24
C ASP B 314 20.36 30.31 59.93
N VAL B 315 20.39 29.91 58.66
CA VAL B 315 19.67 28.73 58.20
C VAL B 315 20.21 27.47 58.85
N ILE B 316 21.53 27.36 58.96
CA ILE B 316 22.17 26.24 59.61
C ILE B 316 21.76 26.16 61.08
N ALA B 317 21.83 27.31 61.76
CA ALA B 317 21.46 27.40 63.16
C ALA B 317 20.01 26.98 63.39
N ALA B 318 19.15 27.30 62.43
CA ALA B 318 17.73 26.94 62.51
C ALA B 318 17.57 25.43 62.48
N CYS B 319 18.36 24.76 61.66
CA CYS B 319 18.31 23.30 61.56
C CYS B 319 18.90 22.63 62.78
N LYS B 320 19.95 23.23 63.34
CA LYS B 320 20.58 22.70 64.55
C LYS B 320 19.59 22.72 65.71
N ALA B 321 18.80 23.78 65.79
CA ALA B 321 17.83 23.95 66.86
C ALA B 321 16.64 23.00 66.70
N ALA B 322 16.41 22.57 65.46
CA ALA B 322 15.28 21.68 65.17
C ALA B 322 15.61 20.23 65.50
N ARG B 323 16.69 20.02 66.25
CA ARG B 323 17.10 18.72 66.74
C ARG B 323 17.34 17.69 65.62
N PHE B 324 18.04 18.10 64.57
CA PHE B 324 18.49 17.18 63.54
C PHE B 324 19.79 16.51 63.98
N ASP B 325 19.97 15.25 63.60
CA ASP B 325 21.18 14.52 63.99
C ASP B 325 22.40 14.95 63.18
N LEU B 326 22.16 15.51 62.00
CA LEU B 326 23.23 15.92 61.09
C LEU B 326 22.74 16.95 60.08
N VAL B 327 23.54 17.98 59.84
CA VAL B 327 23.21 18.98 58.83
C VAL B 327 24.24 18.95 57.70
N ILE B 328 23.78 18.74 56.48
CA ILE B 328 24.66 18.68 55.32
C ILE B 328 24.43 19.88 54.41
N VAL B 329 25.52 20.57 54.04
CA VAL B 329 25.43 21.77 53.22
C VAL B 329 26.19 21.61 51.91
N GLU B 330 25.48 21.78 50.79
CA GLU B 330 26.13 21.79 49.48
C GLU B 330 26.22 23.20 48.92
N THR B 331 27.41 23.61 48.54
CA THR B 331 27.62 24.92 47.94
C THR B 331 27.38 24.87 46.44
N SER B 332 27.49 26.02 45.79
CA SER B 332 27.39 26.08 44.33
C SER B 332 28.75 25.73 43.75
N GLY B 333 28.86 25.66 42.42
CA GLY B 333 30.14 25.36 41.80
C GLY B 333 31.20 26.41 42.12
N ILE B 334 32.34 25.97 42.65
CA ILE B 334 33.39 26.91 43.06
C ILE B 334 34.57 26.94 42.11
N GLY B 335 35.54 27.80 42.41
CA GLY B 335 36.74 27.91 41.60
C GLY B 335 37.97 27.38 42.32
N GLN B 336 39.10 28.07 42.17
CA GLN B 336 40.34 27.68 42.83
C GLN B 336 40.52 28.42 44.15
N GLY B 337 40.19 29.71 44.15
CA GLY B 337 40.39 30.54 45.32
C GLY B 337 39.25 30.49 46.33
N ASP B 338 38.17 29.79 45.99
CA ASP B 338 36.99 29.74 46.84
C ASP B 338 37.11 28.67 47.95
N ALA B 339 36.72 29.05 49.16
CA ALA B 339 36.64 28.14 50.30
C ALA B 339 35.79 28.77 51.39
N ALA B 340 34.65 29.33 51.00
CA ALA B 340 33.80 30.09 51.91
C ALA B 340 32.95 29.19 52.80
N ILE B 341 32.99 27.89 52.53
CA ILE B 341 32.17 26.93 53.26
C ILE B 341 32.83 26.51 54.57
N VAL B 342 34.16 26.63 54.62
CA VAL B 342 34.96 26.14 55.74
C VAL B 342 34.61 26.70 57.12
N PRO B 343 34.41 28.03 57.25
CA PRO B 343 34.17 28.51 58.62
C PRO B 343 32.76 28.23 59.15
N HIS B 344 31.85 27.79 58.30
CA HIS B 344 30.46 27.59 58.71
C HIS B 344 30.14 26.14 59.05
N VAL B 345 31.05 25.22 58.71
CA VAL B 345 30.80 23.81 58.92
C VAL B 345 31.83 23.19 59.87
N ASP B 346 31.51 22.01 60.40
CA ASP B 346 32.41 21.30 61.31
C ASP B 346 33.30 20.33 60.54
N LEU B 347 32.84 19.90 59.38
CA LEU B 347 33.62 19.06 58.47
C LEU B 347 33.40 19.48 57.03
N SER B 348 34.47 19.50 56.24
CA SER B 348 34.36 19.92 54.85
C SER B 348 34.83 18.83 53.89
N LEU B 349 34.11 18.70 52.77
CA LEU B 349 34.42 17.70 51.76
C LEU B 349 34.54 18.34 50.37
N TYR B 350 35.75 18.29 49.81
CA TYR B 350 35.99 18.85 48.49
C TYR B 350 35.77 17.79 47.40
N VAL B 351 34.89 18.09 46.46
CA VAL B 351 34.57 17.17 45.38
C VAL B 351 35.14 17.66 44.06
N MET B 352 35.87 16.78 43.37
CA MET B 352 36.48 17.14 42.09
C MET B 352 36.42 15.98 41.09
N THR B 353 36.78 16.27 39.86
CA THR B 353 36.86 15.24 38.81
C THR B 353 38.32 15.02 38.44
N PRO B 354 38.65 13.87 37.82
CA PRO B 354 40.02 13.60 37.41
C PRO B 354 40.61 14.66 36.48
N GLU B 355 39.76 15.40 35.79
CA GLU B 355 40.21 16.47 34.91
C GLU B 355 40.40 17.78 35.67
N PHE B 356 41.64 18.15 35.97
CA PHE B 356 41.92 19.40 36.67
C PHE B 356 43.11 20.14 36.06
N GLY B 357 43.54 19.70 34.89
CA GLY B 357 44.68 20.31 34.22
C GLY B 357 45.97 19.63 34.62
N ALA B 358 47.02 20.42 34.81
CA ALA B 358 48.30 19.87 35.22
C ALA B 358 48.29 19.52 36.71
N ALA B 359 49.28 18.75 37.15
CA ALA B 359 49.38 18.40 38.56
C ALA B 359 49.82 19.62 39.39
N SER B 360 50.35 20.63 38.71
CA SER B 360 50.80 21.86 39.35
C SER B 360 49.61 22.73 39.75
N GLN B 361 48.45 22.46 39.16
CA GLN B 361 47.24 23.23 39.46
C GLN B 361 46.79 23.01 40.89
N LEU B 362 47.08 21.84 41.43
CA LEU B 362 46.63 21.47 42.77
C LEU B 362 47.26 22.34 43.87
N GLU B 363 48.34 23.03 43.51
CA GLU B 363 48.99 23.94 44.45
C GLU B 363 48.29 25.29 44.48
N LYS B 364 47.33 25.48 43.58
CA LYS B 364 46.57 26.73 43.51
C LYS B 364 45.21 26.59 44.18
N ILE B 365 44.76 25.35 44.35
CA ILE B 365 43.45 25.08 44.93
C ILE B 365 43.43 25.28 46.43
N ASP B 366 42.81 26.37 46.86
CA ASP B 366 42.76 26.75 48.26
C ASP B 366 42.03 25.71 49.11
N MET B 367 41.12 24.96 48.49
CA MET B 367 40.27 24.06 49.25
C MET B 367 41.02 22.80 49.71
N LEU B 368 42.09 22.45 48.99
CA LEU B 368 42.90 21.28 49.35
C LEU B 368 43.69 21.53 50.63
N ASP B 369 43.63 22.77 51.12
CA ASP B 369 44.35 23.16 52.32
C ASP B 369 43.48 23.03 53.56
N PHE B 370 42.16 23.04 53.35
CA PHE B 370 41.21 23.06 54.47
C PHE B 370 40.36 21.79 54.56
N ALA B 371 40.13 21.15 53.42
CA ALA B 371 39.25 20.00 53.33
C ALA B 371 39.68 18.86 54.28
N ASP B 372 38.73 18.33 55.03
CA ASP B 372 38.98 17.19 55.91
C ASP B 372 38.91 15.90 55.10
N PHE B 373 38.15 15.95 54.01
CA PHE B 373 38.02 14.84 53.09
C PHE B 373 38.01 15.35 51.66
N VAL B 374 38.65 14.62 50.76
CA VAL B 374 38.62 14.95 49.34
C VAL B 374 38.05 13.79 48.55
N ALA B 375 37.03 14.07 47.74
CA ALA B 375 36.40 13.05 46.93
C ALA B 375 36.65 13.31 45.46
N ILE B 376 37.43 12.45 44.83
CA ILE B 376 37.63 12.52 43.39
C ILE B 376 36.55 11.72 42.70
N ASN B 377 35.41 12.38 42.45
CA ASN B 377 34.26 11.73 41.86
C ASN B 377 34.46 11.51 40.36
N LYS B 378 33.49 10.84 39.73
CA LYS B 378 33.58 10.46 38.32
C LYS B 378 34.86 9.70 38.07
N PHE B 379 35.12 8.70 38.92
CA PHE B 379 36.36 7.95 38.86
C PHE B 379 36.38 6.99 37.68
N ASP B 380 35.29 6.96 36.92
CA ASP B 380 35.20 6.13 35.73
C ASP B 380 35.84 6.83 34.54
N ARG B 381 36.13 8.12 34.70
CA ARG B 381 36.71 8.91 33.62
C ARG B 381 38.19 8.60 33.45
N LYS B 382 38.72 8.89 32.26
CA LYS B 382 40.12 8.62 31.96
C LYS B 382 41.05 9.41 32.86
N GLY B 383 42.08 8.74 33.39
CA GLY B 383 43.09 9.40 34.19
C GLY B 383 42.74 9.56 35.65
N ALA B 384 41.73 8.82 36.09
CA ALA B 384 41.29 8.87 37.48
C ALA B 384 42.36 8.35 38.42
N GLN B 385 43.06 7.30 37.99
CA GLN B 385 44.08 6.67 38.83
C GLN B 385 45.21 7.64 39.13
N ASP B 386 45.75 8.25 38.09
CA ASP B 386 46.84 9.19 38.25
C ASP B 386 46.37 10.46 38.97
N ALA B 387 45.10 10.80 38.80
CA ALA B 387 44.53 11.97 39.45
C ALA B 387 44.53 11.77 40.96
N TRP B 388 44.27 10.54 41.40
CA TRP B 388 44.26 10.23 42.82
C TRP B 388 45.65 10.32 43.41
N ARG B 389 46.63 9.86 42.63
CA ARG B 389 48.04 9.95 43.01
C ARG B 389 48.43 11.37 43.34
N ASP B 390 48.07 12.29 42.44
CA ASP B 390 48.46 13.68 42.56
C ASP B 390 47.79 14.37 43.74
N VAL B 391 46.48 14.18 43.87
CA VAL B 391 45.73 14.80 44.95
C VAL B 391 46.18 14.27 46.31
N ALA B 392 46.44 12.97 46.38
CA ALA B 392 46.90 12.35 47.63
C ALA B 392 48.21 12.96 48.09
N LYS B 393 49.16 13.07 47.18
CA LYS B 393 50.47 13.63 47.50
C LYS B 393 50.36 15.10 47.84
N GLN B 394 49.40 15.79 47.21
CA GLN B 394 49.21 17.21 47.45
C GLN B 394 48.63 17.47 48.83
N VAL B 395 47.69 16.63 49.24
CA VAL B 395 47.08 16.77 50.56
C VAL B 395 48.11 16.42 51.63
N GLN B 396 48.94 15.42 51.34
CA GLN B 396 50.01 15.03 52.24
C GLN B 396 50.98 16.19 52.47
N ARG B 397 51.26 16.91 51.39
CA ARG B 397 52.17 18.06 51.43
C ARG B 397 51.56 19.23 52.19
N ASN B 398 50.25 19.41 52.05
CA ASN B 398 49.56 20.51 52.71
C ASN B 398 49.42 20.28 54.21
N ARG B 399 49.48 19.02 54.64
CA ARG B 399 49.34 18.68 56.05
C ARG B 399 50.68 18.40 56.71
N GLU B 400 51.73 18.38 55.90
CA GLU B 400 53.08 18.11 56.37
C GLU B 400 53.17 16.76 57.09
N GLN B 401 52.36 15.80 56.66
CA GLN B 401 52.40 14.45 57.22
C GLN B 401 53.34 13.57 56.42
N TRP B 402 54.63 13.89 56.47
CA TRP B 402 55.62 13.14 55.69
C TRP B 402 55.83 11.75 56.29
N HIS B 403 55.58 11.60 57.58
CA HIS B 403 55.72 10.31 58.25
C HIS B 403 54.54 9.39 57.99
N SER B 404 53.59 9.87 57.19
CA SER B 404 52.44 9.05 56.79
C SER B 404 52.56 8.63 55.33
N ARG B 405 51.80 7.61 54.95
CA ARG B 405 51.76 7.17 53.56
C ARG B 405 50.77 8.01 52.78
N ALA B 406 51.08 8.28 51.51
CA ALA B 406 50.21 9.08 50.66
C ALA B 406 48.84 8.41 50.49
N GLU B 407 48.85 7.09 50.48
CA GLU B 407 47.63 6.31 50.29
C GLU B 407 46.73 6.33 51.51
N ASP B 408 47.25 6.84 52.63
CA ASP B 408 46.48 6.88 53.88
C ASP B 408 45.74 8.20 54.06
N MET B 409 46.01 9.17 53.20
CA MET B 409 45.34 10.46 53.27
C MET B 409 43.84 10.30 52.99
N PRO B 410 43.01 11.19 53.57
CA PRO B 410 41.56 11.13 53.40
C PRO B 410 41.09 11.49 51.98
N VAL B 411 41.84 11.09 50.96
CA VAL B 411 41.44 11.32 49.58
C VAL B 411 40.79 10.05 49.02
N TYR B 412 39.55 10.19 48.57
CA TYR B 412 38.78 9.04 48.11
C TYR B 412 38.39 9.13 46.64
N GLY B 413 38.43 8.00 45.96
CA GLY B 413 37.99 7.92 44.58
C GLY B 413 36.59 7.33 44.51
N THR B 414 35.62 8.15 44.15
CA THR B 414 34.22 7.73 44.17
C THR B 414 33.58 7.76 42.79
N GLN B 415 32.49 7.01 42.65
CA GLN B 415 31.67 7.04 41.44
C GLN B 415 30.19 7.06 41.84
N ALA B 416 29.65 8.25 42.06
CA ALA B 416 28.29 8.42 42.57
C ALA B 416 27.23 7.95 41.56
N SER B 417 27.59 7.96 40.29
CA SER B 417 26.65 7.57 39.24
C SER B 417 26.36 6.06 39.25
N ARG B 418 27.27 5.26 39.79
CA ARG B 418 27.01 3.82 39.81
C ARG B 418 26.46 3.34 41.15
N PHE B 419 25.39 2.54 41.07
CA PHE B 419 24.73 2.00 42.25
C PHE B 419 25.67 1.13 43.07
N ASN B 420 25.57 1.26 44.39
CA ASN B 420 26.34 0.44 45.31
C ASN B 420 27.85 0.56 45.08
N ASP B 421 28.31 1.77 44.74
CA ASP B 421 29.73 1.95 44.49
C ASP B 421 30.53 1.75 45.78
N ASP B 422 31.51 0.86 45.73
CA ASP B 422 32.33 0.57 46.89
C ASP B 422 33.18 1.78 47.28
N GLY B 423 33.52 2.60 46.29
CA GLY B 423 34.27 3.83 46.53
C GLY B 423 33.52 4.77 47.45
N VAL B 424 32.26 5.03 47.11
CA VAL B 424 31.41 5.92 47.91
C VAL B 424 31.26 5.39 49.33
N THR B 425 31.10 4.07 49.44
CA THR B 425 30.96 3.42 50.74
C THR B 425 32.23 3.62 51.57
N MET B 426 33.39 3.56 50.92
CA MET B 426 34.65 3.81 51.60
C MET B 426 34.71 5.23 52.16
N LEU B 427 34.26 6.19 51.35
CA LEU B 427 34.19 7.59 51.79
C LEU B 427 33.21 7.72 52.96
N TYR B 428 32.10 7.00 52.87
CA TYR B 428 31.10 7.02 53.94
C TYR B 428 31.67 6.50 55.24
N GLN B 429 32.38 5.37 55.16
CA GLN B 429 32.99 4.77 56.35
C GLN B 429 33.93 5.76 57.03
N GLY B 430 34.65 6.53 56.21
CA GLY B 430 35.54 7.55 56.72
C GLY B 430 34.81 8.68 57.40
N LEU B 431 33.74 9.15 56.77
CA LEU B 431 32.95 10.25 57.32
C LEU B 431 32.29 9.88 58.64
N VAL B 432 31.87 8.63 58.75
CA VAL B 432 31.25 8.13 59.98
C VAL B 432 32.24 8.17 61.14
N GLY B 433 33.44 7.65 60.91
CA GLY B 433 34.47 7.65 61.92
C GLY B 433 34.84 9.04 62.38
N ALA B 434 34.78 10.00 61.46
CA ALA B 434 35.10 11.38 61.78
C ALA B 434 33.96 12.05 62.54
N LEU B 435 32.73 11.75 62.15
CA LEU B 435 31.56 12.28 62.83
C LEU B 435 31.37 11.64 64.19
N GLY B 436 31.85 10.41 64.32
CA GLY B 436 31.75 9.68 65.58
C GLY B 436 32.57 10.35 66.66
N ALA B 437 33.80 10.72 66.32
CA ALA B 437 34.70 11.39 67.25
C ALA B 437 34.19 12.79 67.59
N ARG B 438 33.41 13.38 66.69
CA ARG B 438 32.89 14.72 66.89
C ARG B 438 31.51 14.70 67.54
N GLY B 439 31.29 13.73 68.42
CA GLY B 439 30.05 13.63 69.17
C GLY B 439 28.82 13.37 68.33
N MET B 440 28.71 12.16 67.81
CA MET B 440 27.52 11.75 67.08
C MET B 440 27.25 10.27 67.31
N SER B 441 26.35 9.97 68.23
CA SER B 441 26.03 8.59 68.58
C SER B 441 25.45 7.84 67.40
N LEU B 442 26.10 6.73 67.05
CA LEU B 442 25.70 5.90 65.90
C LEU B 442 25.79 4.41 66.24
N LYS B 443 24.80 3.64 65.80
CA LYS B 443 24.83 2.19 65.98
C LYS B 443 25.90 1.57 65.09
N PRO B 444 26.45 0.42 65.50
CA PRO B 444 27.37 -0.32 64.64
C PRO B 444 26.72 -0.65 63.29
N GLY B 445 27.36 -0.22 62.21
CA GLY B 445 26.77 -0.27 60.88
C GLY B 445 26.40 -1.66 60.37
N THR B 446 25.55 -1.68 59.36
CA THR B 446 25.15 -2.92 58.72
C THR B 446 25.77 -3.03 57.33
N LEU B 447 26.57 -2.03 56.96
CA LEU B 447 27.24 -1.99 55.68
C LEU B 447 28.57 -2.72 55.74
N PRO B 448 29.03 -3.27 54.61
CA PRO B 448 30.37 -3.88 54.62
C PRO B 448 31.46 -2.84 54.93
N ASN B 449 32.25 -3.09 55.96
CA ASN B 449 33.31 -2.16 56.35
C ASN B 449 34.50 -2.30 55.42
N LEU B 450 34.41 -1.69 54.24
CA LEU B 450 35.42 -1.84 53.20
C LEU B 450 36.67 -1.02 53.46
N GLU B 451 37.84 -1.61 53.21
CA GLU B 451 39.09 -0.86 53.31
C GLU B 451 39.57 -0.45 51.93
N GLY B 452 40.35 0.63 51.88
CA GLY B 452 40.80 1.20 50.63
C GLY B 452 40.28 2.62 50.47
N ARG B 453 40.74 3.31 49.44
CA ARG B 453 40.34 4.70 49.21
C ARG B 453 39.75 4.89 47.83
N ILE B 454 39.89 3.87 46.99
CA ILE B 454 39.59 4.00 45.58
C ILE B 454 38.53 3.00 45.12
N SER B 455 37.56 3.48 44.34
CA SER B 455 36.53 2.63 43.75
C SER B 455 37.15 1.59 42.82
N THR B 456 36.55 0.41 42.75
CA THR B 456 37.07 -0.63 41.87
C THR B 456 36.31 -0.66 40.55
N GLY B 457 35.38 0.28 40.41
CA GLY B 457 34.56 0.38 39.22
C GLY B 457 33.79 -0.89 38.97
N GLN B 458 33.41 -1.57 40.05
CA GLN B 458 32.73 -2.86 39.93
C GLN B 458 31.35 -2.67 39.34
N ASN B 459 30.86 -3.69 38.64
CA ASN B 459 29.54 -3.68 38.03
C ASN B 459 29.35 -2.65 36.91
N VAL B 460 30.37 -2.47 36.08
CA VAL B 460 30.16 -1.76 34.82
C VAL B 460 29.66 -2.80 33.82
N ILE B 461 28.69 -2.42 32.99
CA ILE B 461 28.03 -3.39 32.16
C ILE B 461 28.91 -3.80 30.98
N VAL B 462 29.39 -2.81 30.23
CA VAL B 462 30.34 -3.05 29.15
C VAL B 462 31.72 -2.59 29.58
N PRO B 463 32.68 -3.52 29.66
CA PRO B 463 34.04 -3.18 30.08
C PRO B 463 34.69 -2.16 29.16
N PRO B 464 35.43 -1.20 29.73
CA PRO B 464 36.10 -0.12 29.00
C PRO B 464 37.05 -0.65 27.92
N ALA B 465 37.49 -1.90 28.08
CA ALA B 465 38.29 -2.56 27.07
C ALA B 465 37.51 -2.71 25.76
N ARG B 466 36.21 -2.98 25.88
CA ARG B 466 35.35 -3.21 24.72
C ARG B 466 34.62 -1.93 24.32
N SER B 467 35.09 -0.79 24.83
CA SER B 467 34.39 0.48 24.65
C SER B 467 34.06 0.83 23.20
N ARG B 468 34.97 0.50 22.29
CA ARG B 468 34.80 0.85 20.88
C ARG B 468 34.29 -0.34 20.06
N TYR B 469 33.39 -1.13 20.66
CA TYR B 469 32.86 -2.32 20.01
C TYR B 469 32.12 -2.00 18.72
N LEU B 470 31.36 -0.91 18.72
CA LEU B 470 30.60 -0.50 17.54
C LEU B 470 31.52 -0.14 16.38
N ALA B 471 32.64 0.48 16.70
CA ALA B 471 33.62 0.84 15.68
C ALA B 471 34.23 -0.42 15.06
N GLU B 472 34.51 -1.41 15.90
CA GLU B 472 35.05 -2.68 15.46
C GLU B 472 34.09 -3.39 14.52
N LEU B 473 32.80 -3.29 14.85
CA LEU B 473 31.76 -3.89 14.03
C LEU B 473 31.71 -3.26 12.65
N ALA B 474 31.83 -1.93 12.62
CA ALA B 474 31.86 -1.20 11.35
C ALA B 474 33.02 -1.70 10.49
N ASP B 475 34.18 -1.86 11.10
CA ASP B 475 35.35 -2.37 10.40
C ASP B 475 35.11 -3.77 9.85
N THR B 476 34.46 -4.61 10.66
CA THR B 476 34.19 -5.99 10.27
C THR B 476 33.36 -6.05 8.99
N VAL B 477 32.34 -5.20 8.91
CA VAL B 477 31.47 -5.15 7.74
C VAL B 477 32.24 -4.63 6.52
N ARG B 478 32.90 -3.49 6.68
CA ARG B 478 33.66 -2.89 5.58
C ARG B 478 34.74 -3.85 5.08
N ALA B 479 35.33 -4.60 6.00
CA ALA B 479 36.35 -5.58 5.64
C ALA B 479 35.75 -6.69 4.79
N TYR B 480 34.54 -7.10 5.15
CA TYR B 480 33.84 -8.14 4.40
C TYR B 480 33.63 -7.73 2.95
N HIS B 481 33.18 -6.50 2.75
CA HIS B 481 32.92 -5.97 1.41
C HIS B 481 34.20 -5.85 0.59
N ARG B 482 35.30 -5.45 1.24
CA ARG B 482 36.58 -5.36 0.56
C ARG B 482 36.97 -6.72 -0.01
N ARG B 483 36.62 -7.78 0.70
CA ARG B 483 36.94 -9.12 0.26
C ARG B 483 36.08 -9.53 -0.93
N VAL B 484 34.81 -9.14 -0.90
CA VAL B 484 33.90 -9.44 -2.01
C VAL B 484 34.45 -8.86 -3.30
N VAL B 485 34.91 -7.61 -3.24
CA VAL B 485 35.51 -6.96 -4.40
C VAL B 485 36.70 -7.75 -4.92
N ALA B 486 37.61 -8.09 -4.01
CA ALA B 486 38.86 -8.77 -4.36
C ALA B 486 38.62 -10.16 -4.93
N GLN B 487 37.78 -10.94 -4.24
CA GLN B 487 37.50 -12.31 -4.67
C GLN B 487 36.75 -12.32 -6.01
N SER B 488 35.94 -11.29 -6.24
CA SER B 488 35.22 -11.17 -7.50
C SER B 488 36.18 -10.93 -8.66
N LYS B 489 37.12 -10.01 -8.45
CA LYS B 489 38.10 -9.69 -9.47
C LYS B 489 38.90 -10.93 -9.84
N LEU B 490 39.22 -11.74 -8.83
CA LEU B 490 39.94 -12.99 -9.05
C LEU B 490 39.09 -13.98 -9.83
N ALA B 491 37.86 -14.18 -9.39
CA ALA B 491 36.93 -15.10 -10.04
C ALA B 491 36.65 -14.69 -11.48
N ARG B 492 36.63 -13.38 -11.72
CA ARG B 492 36.40 -12.84 -13.06
C ARG B 492 37.60 -13.12 -13.96
N GLU B 493 38.79 -12.75 -13.49
CA GLU B 493 40.02 -12.96 -14.24
C GLU B 493 40.23 -14.44 -14.53
N ARG B 494 39.96 -15.28 -13.54
CA ARG B 494 40.12 -16.73 -13.69
C ARG B 494 39.28 -17.24 -14.85
N GLN B 495 38.04 -16.77 -14.91
CA GLN B 495 37.13 -17.17 -15.99
C GLN B 495 37.61 -16.62 -17.33
N GLN B 496 37.99 -15.36 -17.34
CA GLN B 496 38.45 -14.71 -18.58
C GLN B 496 39.65 -15.42 -19.19
N LEU B 497 40.55 -15.91 -18.33
CA LEU B 497 41.73 -16.61 -18.80
C LEU B 497 41.36 -17.95 -19.44
N ARG B 498 40.67 -18.78 -18.68
CA ARG B 498 40.27 -20.11 -19.17
C ARG B 498 39.34 -19.98 -20.38
N ALA B 499 38.61 -18.87 -20.46
CA ALA B 499 37.77 -18.62 -21.61
C ALA B 499 38.62 -18.38 -22.85
N ALA B 500 39.63 -17.53 -22.72
CA ALA B 500 40.54 -17.23 -23.82
C ALA B 500 41.37 -18.46 -24.20
N HIS B 501 41.63 -19.31 -23.21
CA HIS B 501 42.40 -20.54 -23.43
C HIS B 501 41.65 -21.49 -24.36
N ASP B 502 40.34 -21.59 -24.15
CA ASP B 502 39.51 -22.47 -24.96
C ASP B 502 39.32 -21.90 -26.36
N MET B 503 39.37 -20.58 -26.47
CA MET B 503 39.19 -19.91 -27.75
C MET B 503 40.44 -19.99 -28.61
N LEU B 504 41.61 -19.99 -27.97
CA LEU B 504 42.87 -20.13 -28.68
C LEU B 504 43.00 -21.54 -29.25
N GLN B 505 42.62 -22.54 -28.46
CA GLN B 505 42.69 -23.92 -28.90
C GLN B 505 41.69 -24.19 -30.02
N GLY B 506 40.62 -23.40 -30.08
CA GLY B 506 39.63 -23.52 -31.12
C GLY B 506 40.11 -22.99 -32.46
N ALA B 507 41.16 -22.19 -32.42
CA ALA B 507 41.74 -21.61 -33.63
C ALA B 507 43.02 -22.35 -34.02
N GLY B 508 43.56 -23.12 -33.10
CA GLY B 508 44.75 -23.91 -33.36
C GLY B 508 45.91 -23.60 -32.42
N HIS B 509 46.03 -22.33 -32.06
CA HIS B 509 47.12 -21.88 -31.19
C HIS B 509 47.00 -22.47 -29.79
N GLU B 510 48.06 -23.11 -29.31
CA GLU B 510 48.08 -23.68 -27.98
C GLU B 510 49.08 -22.95 -27.09
N SER B 511 48.57 -22.04 -26.26
CA SER B 511 49.41 -21.31 -25.31
C SER B 511 49.01 -21.62 -23.87
N ALA B 512 49.78 -22.50 -23.23
CA ALA B 512 49.48 -22.91 -21.86
C ALA B 512 49.96 -21.87 -20.85
N ALA B 513 50.56 -20.79 -21.35
CA ALA B 513 50.96 -19.68 -20.50
C ALA B 513 49.74 -19.08 -19.83
N LEU B 514 48.61 -19.10 -20.54
CA LEU B 514 47.34 -18.64 -20.00
C LEU B 514 46.90 -19.49 -18.81
N GLU B 515 47.01 -20.80 -18.96
CA GLU B 515 46.57 -21.73 -17.92
C GLU B 515 47.38 -21.56 -16.63
N THR B 516 48.64 -21.18 -16.77
CA THR B 516 49.50 -20.94 -15.61
C THR B 516 48.98 -19.79 -14.78
N LEU B 517 48.48 -18.76 -15.45
CA LEU B 517 47.90 -17.59 -14.77
C LEU B 517 46.55 -17.93 -14.17
N ALA B 518 45.86 -18.89 -14.77
CA ALA B 518 44.54 -19.30 -14.29
C ALA B 518 44.67 -20.11 -13.00
N SER B 519 45.51 -21.14 -13.03
CA SER B 519 45.77 -21.99 -11.87
C SER B 519 46.33 -21.16 -10.72
N GLU B 520 47.01 -20.07 -11.07
CA GLU B 520 47.55 -19.13 -10.09
C GLU B 520 46.44 -18.45 -9.30
N ARG B 521 45.27 -18.30 -9.92
CA ARG B 521 44.15 -17.63 -9.28
C ARG B 521 43.19 -18.61 -8.60
N ASP B 522 43.37 -19.90 -8.87
CA ASP B 522 42.60 -20.93 -8.17
C ASP B 522 42.98 -20.95 -6.69
N VAL B 523 44.27 -20.72 -6.42
CA VAL B 523 44.78 -20.69 -5.06
C VAL B 523 44.45 -19.35 -4.40
N SER B 524 44.46 -18.29 -5.21
CA SER B 524 44.17 -16.95 -4.72
C SER B 524 42.75 -16.84 -4.18
N LEU B 525 41.81 -17.52 -4.84
CA LEU B 525 40.44 -17.60 -4.37
C LEU B 525 40.38 -18.35 -3.04
N GLY B 526 39.56 -17.86 -2.13
CA GLY B 526 39.40 -18.51 -0.84
C GLY B 526 38.74 -19.86 -0.96
N ALA B 527 38.74 -20.62 0.13
CA ALA B 527 38.11 -21.94 0.14
C ALA B 527 36.60 -21.81 0.05
N VAL B 528 36.05 -20.88 0.82
CA VAL B 528 34.61 -20.67 0.86
C VAL B 528 34.08 -20.12 -0.47
N GLU B 529 34.84 -19.19 -1.04
CA GLU B 529 34.44 -18.54 -2.30
C GLU B 529 34.49 -19.52 -3.47
N ARG B 530 35.49 -20.39 -3.46
CA ARG B 530 35.67 -21.35 -4.55
C ARG B 530 34.51 -22.34 -4.59
N LYS B 531 33.98 -22.69 -3.43
CA LYS B 531 32.89 -23.65 -3.35
C LYS B 531 31.56 -22.99 -3.68
N LEU B 532 31.47 -21.68 -3.45
CA LEU B 532 30.28 -20.92 -3.79
C LEU B 532 29.99 -20.97 -5.29
N LEU B 533 31.02 -20.68 -6.08
CA LEU B 533 30.91 -20.72 -7.53
C LEU B 533 30.71 -22.15 -8.03
N ALA B 534 31.29 -23.10 -7.31
CA ALA B 534 31.22 -24.51 -7.70
C ALA B 534 29.81 -25.05 -7.56
N MET B 535 29.08 -24.58 -6.55
CA MET B 535 27.73 -25.05 -6.28
C MET B 535 26.68 -24.26 -7.04
N TRP B 536 27.12 -23.22 -7.74
CA TRP B 536 26.19 -22.36 -8.48
C TRP B 536 25.37 -23.10 -9.55
N PRO B 537 26.01 -23.95 -10.38
CA PRO B 537 25.17 -24.64 -11.36
C PRO B 537 24.19 -25.62 -10.71
N GLN B 538 24.61 -26.25 -9.62
CA GLN B 538 23.75 -27.17 -8.88
C GLN B 538 22.64 -26.38 -8.21
N MET B 539 22.95 -25.16 -7.80
CA MET B 539 21.98 -24.27 -7.17
C MET B 539 20.89 -23.89 -8.17
N GLN B 540 21.28 -23.64 -9.41
CA GLN B 540 20.34 -23.23 -10.45
C GLN B 540 19.35 -24.34 -10.77
N GLN B 541 19.82 -25.58 -10.80
CA GLN B 541 18.96 -26.72 -11.11
C GLN B 541 17.91 -26.92 -10.01
N ALA B 542 18.28 -26.56 -8.79
CA ALA B 542 17.37 -26.71 -7.65
C ALA B 542 16.15 -25.81 -7.79
N TYR B 543 16.38 -24.53 -8.07
CA TYR B 543 15.31 -23.54 -8.15
C TYR B 543 14.68 -23.46 -9.55
N SER B 544 14.96 -24.45 -10.39
CA SER B 544 14.46 -24.45 -11.75
C SER B 544 13.17 -25.26 -11.90
N GLY B 545 13.11 -26.39 -11.21
CA GLY B 545 11.97 -27.28 -11.33
C GLY B 545 10.67 -26.75 -10.75
N ASP B 546 9.68 -27.64 -10.64
CA ASP B 546 8.40 -27.27 -10.05
C ASP B 546 8.42 -27.50 -8.53
N GLU B 547 9.43 -28.22 -8.06
CA GLU B 547 9.58 -28.47 -6.64
C GLU B 547 11.04 -28.36 -6.17
N TYR B 548 11.20 -28.32 -4.85
CA TYR B 548 12.52 -28.16 -4.23
C TYR B 548 12.76 -29.29 -3.24
N VAL B 549 13.58 -30.26 -3.63
CA VAL B 549 13.83 -31.44 -2.81
C VAL B 549 15.07 -31.28 -1.94
N VAL B 550 14.88 -31.41 -0.62
CA VAL B 550 15.97 -31.33 0.34
C VAL B 550 15.75 -32.32 1.48
N LYS B 551 16.71 -33.22 1.67
CA LYS B 551 16.56 -34.32 2.64
C LYS B 551 17.11 -33.98 4.03
N ILE B 552 16.20 -33.79 4.98
CA ILE B 552 16.57 -33.59 6.37
C ILE B 552 16.37 -34.89 7.15
N ARG B 553 17.26 -35.16 8.11
CA ARG B 553 17.26 -36.40 8.88
C ARG B 553 17.39 -37.62 7.96
N ASP B 554 16.39 -38.50 7.99
CA ASP B 554 16.38 -39.69 7.14
C ASP B 554 15.31 -39.59 6.07
N LYS B 555 14.44 -38.59 6.19
CA LYS B 555 13.37 -38.38 5.23
C LYS B 555 13.69 -37.26 4.26
N GLU B 556 12.67 -36.48 3.88
CA GLU B 556 12.85 -35.38 2.94
C GLU B 556 11.76 -34.31 3.10
N ILE B 557 12.05 -33.11 2.63
CA ILE B 557 11.10 -32.00 2.70
C ILE B 557 10.93 -31.32 1.34
N ARG B 558 9.83 -31.62 0.67
CA ARG B 558 9.54 -31.05 -0.64
C ARG B 558 8.77 -29.74 -0.53
N THR B 559 9.16 -28.76 -1.35
CA THR B 559 8.49 -27.47 -1.37
C THR B 559 8.18 -27.05 -2.81
N GLY B 560 6.95 -26.59 -3.04
CA GLY B 560 6.55 -26.12 -4.35
C GLY B 560 7.24 -24.80 -4.70
N LEU B 561 7.64 -24.65 -5.95
CA LEU B 561 8.33 -23.45 -6.38
C LEU B 561 7.45 -22.59 -7.28
N ILE B 562 6.39 -23.19 -7.81
CA ILE B 562 5.60 -22.55 -8.85
C ILE B 562 4.18 -22.21 -8.41
N SER B 563 3.79 -20.98 -8.66
CA SER B 563 2.38 -20.58 -8.56
C SER B 563 1.95 -20.09 -9.93
N THR B 564 0.87 -20.65 -10.45
CA THR B 564 0.43 -20.35 -11.81
C THR B 564 -0.69 -19.32 -11.85
N THR B 565 -0.57 -18.34 -12.72
CA THR B 565 -1.55 -17.27 -12.82
C THR B 565 -2.75 -17.69 -13.66
N LEU B 566 -3.77 -16.83 -13.68
CA LEU B 566 -4.96 -17.07 -14.48
C LEU B 566 -4.64 -17.12 -15.97
N SER B 567 -3.51 -16.51 -16.33
CA SER B 567 -3.07 -16.47 -17.71
C SER B 567 -2.27 -17.73 -18.07
N GLY B 568 -1.80 -18.43 -17.04
CA GLY B 568 -1.05 -19.65 -17.24
C GLY B 568 0.45 -19.42 -17.13
N THR B 569 0.83 -18.30 -16.53
CA THR B 569 2.23 -17.95 -16.37
C THR B 569 2.79 -18.54 -15.07
N LYS B 570 3.97 -19.16 -15.16
CA LYS B 570 4.61 -19.74 -13.99
C LYS B 570 5.43 -18.69 -13.24
N ILE B 571 4.98 -18.35 -12.03
CA ILE B 571 5.70 -17.37 -11.19
C ILE B 571 6.53 -18.09 -10.13
N ARG B 572 7.83 -18.17 -10.36
CA ARG B 572 8.73 -18.86 -9.44
C ARG B 572 8.82 -18.13 -8.10
N LYS B 573 8.84 -18.89 -7.00
CA LYS B 573 8.91 -18.31 -5.67
C LYS B 573 10.21 -17.55 -5.48
N VAL B 574 11.31 -18.12 -5.95
CA VAL B 574 12.61 -17.47 -5.86
C VAL B 574 13.25 -17.39 -7.23
N VAL B 575 13.48 -16.16 -7.69
CA VAL B 575 14.04 -15.93 -9.01
C VAL B 575 15.55 -15.71 -8.96
N LEU B 576 16.29 -16.56 -9.66
CA LEU B 576 17.75 -16.48 -9.68
C LEU B 576 18.23 -15.58 -10.81
N PRO B 577 19.41 -14.97 -10.64
CA PRO B 577 20.02 -14.14 -11.69
C PRO B 577 20.47 -14.96 -12.90
N ARG B 578 20.58 -14.29 -14.04
CA ARG B 578 21.06 -14.95 -15.25
C ARG B 578 22.39 -14.36 -15.73
N PHE B 579 23.33 -14.22 -14.80
CA PHE B 579 24.65 -13.70 -15.13
C PHE B 579 25.50 -14.76 -15.81
N GLU B 580 26.39 -14.32 -16.69
CA GLU B 580 27.37 -15.21 -17.30
C GLU B 580 28.72 -14.99 -16.65
N ASP B 581 29.00 -13.73 -16.30
CA ASP B 581 30.21 -13.36 -15.60
C ASP B 581 30.27 -13.99 -14.21
N GLU B 582 31.28 -14.82 -13.97
CA GLU B 582 31.43 -15.46 -12.67
C GLU B 582 31.80 -14.44 -11.60
N GLY B 583 32.30 -13.28 -12.03
CA GLY B 583 32.60 -12.20 -11.13
C GLY B 583 31.32 -11.64 -10.53
N GLU B 584 30.29 -11.54 -11.35
CA GLU B 584 28.98 -11.07 -10.91
C GLU B 584 28.27 -12.12 -10.07
N ILE B 585 28.44 -13.39 -10.44
CA ILE B 585 27.84 -14.49 -9.72
C ILE B 585 28.33 -14.53 -8.27
N LEU B 586 29.65 -14.50 -8.11
CA LEU B 586 30.25 -14.55 -6.78
C LEU B 586 29.89 -13.30 -5.98
N LYS B 587 29.99 -12.15 -6.63
CA LYS B 587 29.64 -10.87 -6.01
C LYS B 587 28.20 -10.91 -5.48
N TRP B 588 27.31 -11.51 -6.26
CA TRP B 588 25.91 -11.61 -5.86
C TRP B 588 25.73 -12.65 -4.75
N LEU B 589 26.46 -13.76 -4.86
CA LEU B 589 26.34 -14.83 -3.86
C LEU B 589 26.86 -14.40 -2.50
N MET B 590 27.79 -13.43 -2.50
CA MET B 590 28.41 -12.98 -1.26
C MET B 590 27.66 -11.81 -0.62
N ARG B 591 27.06 -10.97 -1.45
CA ARG B 591 26.39 -9.78 -0.94
C ARG B 591 24.89 -10.03 -0.71
N GLU B 592 24.26 -10.76 -1.63
CA GLU B 592 22.83 -11.05 -1.54
C GLU B 592 22.50 -12.45 -2.02
N ASN B 593 22.77 -13.46 -1.21
CA ASN B 593 22.43 -14.82 -1.62
C ASN B 593 20.92 -15.00 -1.59
N VAL B 594 20.44 -16.14 -2.10
CA VAL B 594 19.02 -16.45 -2.05
C VAL B 594 18.52 -16.46 -0.60
N PRO B 595 17.20 -16.29 -0.41
CA PRO B 595 16.65 -16.40 0.95
C PRO B 595 17.00 -17.73 1.60
N GLY B 596 17.56 -17.68 2.81
CA GLY B 596 17.92 -18.88 3.54
C GLY B 596 19.38 -19.25 3.42
N SER B 597 20.19 -18.30 2.96
CA SER B 597 21.62 -18.54 2.79
C SER B 597 22.41 -17.28 3.15
N PHE B 598 23.57 -17.46 3.77
CA PHE B 598 24.43 -16.34 4.18
C PHE B 598 24.73 -15.41 3.02
N PRO B 599 24.67 -14.09 3.26
CA PRO B 599 24.40 -13.44 4.55
C PRO B 599 22.93 -13.14 4.82
N TYR B 600 22.04 -13.98 4.29
CA TYR B 600 20.61 -13.89 4.57
C TYR B 600 20.01 -12.52 4.26
N THR B 601 20.54 -11.85 3.25
CA THR B 601 20.07 -10.50 2.90
C THR B 601 18.60 -10.54 2.46
N ALA B 602 18.23 -11.58 1.72
CA ALA B 602 16.89 -11.68 1.17
C ALA B 602 15.95 -12.47 2.08
N GLY B 603 16.38 -12.71 3.31
CA GLY B 603 15.58 -13.44 4.27
C GLY B 603 16.36 -14.56 4.94
N VAL B 604 15.97 -14.91 6.16
CA VAL B 604 16.68 -15.91 6.93
C VAL B 604 16.21 -17.34 6.64
N PHE B 605 15.01 -17.46 6.09
CA PHE B 605 14.47 -18.78 5.76
C PHE B 605 14.43 -19.00 4.25
N ALA B 606 14.48 -20.27 3.84
CA ALA B 606 14.47 -20.62 2.42
C ALA B 606 13.19 -20.13 1.74
N PHE B 607 12.05 -20.55 2.28
CA PHE B 607 10.76 -20.13 1.74
C PHE B 607 9.83 -19.69 2.86
N LYS B 608 8.88 -18.84 2.53
CA LYS B 608 7.97 -18.30 3.52
C LYS B 608 7.04 -19.38 4.06
N ARG B 609 6.60 -19.17 5.30
CA ARG B 609 5.63 -20.04 5.95
C ARG B 609 4.29 -20.01 5.20
N GLU B 610 3.61 -21.14 5.17
CA GLU B 610 2.29 -21.19 4.54
C GLU B 610 1.18 -21.23 5.60
N GLY B 611 0.29 -20.24 5.55
CA GLY B 611 -0.80 -20.14 6.50
C GLY B 611 -0.83 -18.80 7.20
N ASP B 613 -0.99 -18.38 10.69
CA ASP B 613 -0.06 -17.25 10.78
C ASP B 613 0.21 -16.88 12.23
N PRO B 614 1.44 -16.44 12.53
CA PRO B 614 1.84 -16.04 13.89
C PRO B 614 1.26 -14.68 14.30
N THR B 615 0.00 -14.43 13.96
CA THR B 615 -0.69 -13.23 14.38
C THR B 615 -1.20 -13.42 15.81
N ARG B 616 -0.38 -13.02 16.78
CA ARG B 616 -0.68 -13.22 18.19
C ARG B 616 -2.01 -12.60 18.59
N MET B 617 -2.61 -13.15 19.65
CA MET B 617 -3.88 -12.67 20.16
C MET B 617 -3.64 -11.77 21.37
N PHE B 618 -3.70 -10.45 21.15
CA PHE B 618 -3.36 -9.47 22.19
C PHE B 618 -4.56 -9.12 23.06
N ALA B 619 -4.33 -9.06 24.36
CA ALA B 619 -5.37 -8.72 25.32
C ALA B 619 -4.79 -8.26 26.65
N GLY B 620 -5.36 -7.21 27.23
CA GLY B 620 -4.89 -6.70 28.50
C GLY B 620 -5.66 -5.49 28.97
N GLU B 621 -6.63 -5.70 29.84
CA GLU B 621 -7.40 -4.60 30.41
C GLU B 621 -8.11 -5.04 31.69
N GLY B 622 -8.31 -4.12 32.61
CA GLY B 622 -8.95 -4.41 33.88
C GLY B 622 -8.07 -5.27 34.78
N ASP B 623 -8.71 -6.10 35.59
CA ASP B 623 -7.97 -7.01 36.47
C ASP B 623 -7.60 -8.29 35.74
N ALA B 624 -6.87 -9.17 36.41
CA ALA B 624 -6.38 -10.41 35.82
C ALA B 624 -7.53 -11.30 35.34
N PHE B 625 -8.68 -11.20 35.99
CA PHE B 625 -9.84 -11.99 35.62
C PHE B 625 -10.36 -11.62 34.24
N ARG B 626 -10.54 -10.32 33.99
CA ARG B 626 -11.09 -9.85 32.73
C ARG B 626 -10.15 -10.16 31.56
N THR B 627 -8.85 -9.91 31.76
CA THR B 627 -7.86 -10.16 30.72
C THR B 627 -7.81 -11.65 30.37
N ASN B 628 -7.96 -12.48 31.39
CA ASN B 628 -7.97 -13.93 31.19
C ASN B 628 -9.14 -14.39 30.32
N ARG B 629 -10.32 -13.86 30.61
CA ARG B 629 -11.52 -14.27 29.90
C ARG B 629 -11.37 -13.94 28.43
N ARG B 630 -10.82 -12.77 28.15
CA ARG B 630 -10.58 -12.36 26.77
C ARG B 630 -9.64 -13.33 26.09
N PHE B 631 -8.58 -13.71 26.81
CA PHE B 631 -7.63 -14.70 26.31
C PHE B 631 -8.32 -16.02 25.97
N LYS B 632 -9.15 -16.50 26.89
CA LYS B 632 -9.86 -17.76 26.68
C LYS B 632 -10.89 -17.65 25.56
N LEU B 633 -11.53 -16.49 25.46
CA LEU B 633 -12.56 -16.28 24.44
C LEU B 633 -11.97 -16.24 23.04
N VAL B 634 -10.95 -15.40 22.87
CA VAL B 634 -10.31 -15.24 21.57
C VAL B 634 -9.66 -16.54 21.10
N SER B 635 -8.97 -17.22 22.02
CA SER B 635 -8.25 -18.43 21.69
C SER B 635 -9.10 -19.69 21.79
N GLU B 636 -10.41 -19.53 21.70
CA GLU B 636 -11.31 -20.68 21.79
C GLU B 636 -11.17 -21.57 20.57
N GLY B 637 -10.92 -22.86 20.81
CA GLY B 637 -10.84 -23.85 19.76
C GLY B 637 -9.73 -23.60 18.75
N MET B 638 -8.56 -23.20 19.23
CA MET B 638 -7.41 -23.00 18.36
C MET B 638 -6.26 -23.91 18.78
N GLU B 639 -5.49 -24.36 17.79
CA GLU B 639 -4.39 -25.28 18.04
C GLU B 639 -3.29 -24.64 18.87
N ALA B 640 -2.74 -23.54 18.37
CA ALA B 640 -1.63 -22.87 19.06
C ALA B 640 -2.09 -21.66 19.86
N LYS B 641 -1.87 -21.70 21.17
CA LYS B 641 -2.18 -20.58 22.04
C LYS B 641 -0.99 -19.62 22.11
N ARG B 642 -1.11 -18.50 21.39
CA ARG B 642 -0.05 -17.50 21.37
C ARG B 642 -0.54 -16.19 22.00
N LEU B 643 -0.24 -16.00 23.28
CA LEU B 643 -0.74 -14.86 24.04
C LEU B 643 0.23 -13.69 24.08
N SER B 644 -0.32 -12.48 24.19
CA SER B 644 0.48 -11.28 24.31
C SER B 644 -0.11 -10.33 25.34
N THR B 645 0.59 -10.12 26.45
CA THR B 645 0.03 -9.41 27.59
C THR B 645 0.47 -7.95 27.69
N ALA B 646 -0.49 -7.07 27.91
CA ALA B 646 -0.21 -5.64 28.11
C ALA B 646 -0.58 -5.22 29.53
N PHE B 647 0.34 -4.58 30.23
CA PHE B 647 0.11 -4.20 31.62
C PHE B 647 -0.28 -2.73 31.76
N ASP B 648 -1.07 -2.41 32.79
CA ASP B 648 -1.47 -1.03 33.04
C ASP B 648 -0.26 -0.21 33.47
N SER B 649 -0.38 1.11 33.37
CA SER B 649 0.75 2.00 33.60
C SER B 649 1.33 1.85 35.00
N VAL B 650 0.50 1.46 35.96
CA VAL B 650 0.94 1.30 37.33
C VAL B 650 1.88 0.11 37.47
N THR B 651 1.54 -1.00 36.82
CA THR B 651 2.38 -2.20 36.85
C THR B 651 3.66 -1.98 36.05
N LEU B 652 3.54 -1.27 34.92
CA LEU B 652 4.68 -0.98 34.07
C LEU B 652 5.76 -0.20 34.80
N TYR B 653 5.38 0.49 35.87
CA TYR B 653 6.32 1.27 36.66
C TYR B 653 6.59 0.65 38.03
N GLY B 654 6.23 -0.64 38.16
CA GLY B 654 6.55 -1.42 39.34
C GLY B 654 5.83 -1.02 40.62
N GLU B 655 4.69 -0.37 40.49
CA GLU B 655 3.96 0.11 41.65
C GLU B 655 2.73 -0.74 41.94
N ASP B 656 2.36 -0.82 43.22
CA ASP B 656 1.11 -1.45 43.63
C ASP B 656 -0.04 -0.46 43.46
N PRO B 657 -1.25 -0.97 43.20
CA PRO B 657 -2.41 -0.07 43.13
C PRO B 657 -2.71 0.56 44.49
N HIS B 658 -3.25 1.77 44.52
CA HIS B 658 -3.50 2.43 45.80
C HIS B 658 -4.73 3.33 45.78
N GLU B 659 -5.17 3.73 46.97
CA GLU B 659 -6.30 4.64 47.13
C GLU B 659 -5.98 6.04 46.63
N ARG B 660 -4.69 6.40 46.67
CA ARG B 660 -4.22 7.69 46.19
C ARG B 660 -4.74 7.99 44.79
N PRO B 661 -5.26 9.21 44.58
CA PRO B 661 -5.70 9.64 43.24
C PRO B 661 -4.56 9.63 42.24
N ASP B 662 -3.34 9.80 42.74
CA ASP B 662 -2.10 9.61 41.98
C ASP B 662 -2.15 8.40 41.05
N ILE B 663 -2.55 7.29 41.64
CA ILE B 663 -2.41 5.97 41.02
C ILE B 663 -3.76 5.35 40.67
N TYR B 664 -4.76 5.59 41.52
CA TYR B 664 -6.05 4.91 41.42
C TYR B 664 -6.71 5.00 40.04
N GLY B 665 -6.72 6.19 39.46
CA GLY B 665 -7.35 6.41 38.17
C GLY B 665 -6.69 5.64 37.03
N LYS B 666 -5.46 5.20 37.27
CA LYS B 666 -4.68 4.53 36.22
C LYS B 666 -4.69 3.02 36.39
N VAL B 667 -5.19 2.53 37.51
CA VAL B 667 -5.22 1.10 37.79
C VAL B 667 -6.16 0.36 36.85
N GLY B 668 -5.65 -0.65 36.17
CA GLY B 668 -6.48 -1.47 35.30
C GLY B 668 -6.80 -0.82 33.97
N ASN B 669 -6.26 0.37 33.77
CA ASN B 669 -6.47 1.12 32.55
C ASN B 669 -5.25 1.00 31.62
N SER B 670 -5.51 0.80 30.33
CA SER B 670 -4.47 0.64 29.31
C SER B 670 -3.63 -0.62 29.50
N GLY B 671 -4.18 -1.60 30.23
CA GLY B 671 -3.48 -2.84 30.48
C GLY B 671 -3.96 -3.55 31.73
N VAL B 672 -3.62 -4.83 31.86
CA VAL B 672 -4.02 -5.61 33.02
C VAL B 672 -3.23 -5.19 34.26
N SER B 673 -3.92 -5.08 35.39
CA SER B 673 -3.27 -4.72 36.64
C SER B 673 -2.76 -5.96 37.37
N ILE B 674 -1.44 -6.15 37.36
CA ILE B 674 -0.81 -7.28 38.02
C ILE B 674 0.13 -6.81 39.13
N ALA B 675 -0.18 -7.19 40.36
CA ALA B 675 0.57 -6.68 41.52
C ALA B 675 1.18 -7.79 42.37
N THR B 676 0.56 -8.97 42.37
CA THR B 676 1.08 -10.09 43.15
C THR B 676 1.14 -11.36 42.31
N LEU B 677 1.83 -12.37 42.82
CA LEU B 677 1.92 -13.66 42.16
C LEU B 677 0.54 -14.27 41.98
N GLU B 678 -0.36 -14.01 42.93
CA GLU B 678 -1.72 -14.54 42.88
C GLU B 678 -2.49 -13.96 41.70
N ASP B 679 -2.21 -12.69 41.38
CA ASP B 679 -2.80 -12.05 40.21
C ASP B 679 -2.28 -12.70 38.94
N MET B 680 -0.97 -12.91 38.89
CA MET B 680 -0.31 -13.52 37.74
C MET B 680 -0.86 -14.93 37.47
N LYS B 681 -1.13 -15.67 38.53
CA LYS B 681 -1.68 -17.01 38.40
C LYS B 681 -3.07 -16.99 37.78
N VAL B 682 -3.89 -16.05 38.27
CA VAL B 682 -5.25 -15.88 37.74
C VAL B 682 -5.21 -15.49 36.26
N LEU B 683 -4.24 -14.66 35.91
CA LEU B 683 -4.09 -14.17 34.54
C LEU B 683 -3.98 -15.30 33.51
N TYR B 684 -3.21 -16.33 33.83
CA TYR B 684 -2.97 -17.41 32.88
C TYR B 684 -3.62 -18.72 33.29
N ASP B 685 -4.66 -18.64 34.10
CA ASP B 685 -5.39 -19.85 34.49
C ASP B 685 -6.05 -20.46 33.27
N GLY B 686 -5.97 -21.78 33.16
CA GLY B 686 -6.55 -22.49 32.03
C GLY B 686 -5.59 -22.62 30.87
N PHE B 687 -4.45 -21.94 30.97
CA PHE B 687 -3.42 -22.01 29.95
C PHE B 687 -2.22 -22.81 30.45
N ASP B 688 -1.95 -23.95 29.82
CA ASP B 688 -0.79 -24.75 30.17
C ASP B 688 0.48 -24.08 29.62
N LEU B 689 1.22 -23.44 30.51
CA LEU B 689 2.40 -22.67 30.10
C LEU B 689 3.55 -23.58 29.66
N THR B 690 3.56 -24.81 30.20
CA THR B 690 4.60 -25.77 29.88
C THR B 690 4.24 -26.61 28.66
N ASN B 691 3.07 -26.36 28.10
CA ASN B 691 2.64 -27.02 26.87
C ASN B 691 3.47 -26.53 25.69
N PRO B 692 3.89 -27.45 24.81
CA PRO B 692 4.77 -27.11 23.68
C PRO B 692 4.13 -26.16 22.66
N SER B 693 2.80 -26.12 22.60
CA SER B 693 2.13 -25.27 21.62
C SER B 693 1.50 -24.04 22.28
N THR B 694 2.04 -23.63 23.43
CA THR B 694 1.57 -22.46 24.14
C THR B 694 2.72 -21.53 24.50
N SER B 695 2.66 -20.30 24.01
CA SER B 695 3.71 -19.31 24.27
C SER B 695 3.11 -17.99 24.73
N VAL B 696 3.66 -17.43 25.80
CA VAL B 696 3.16 -16.17 26.35
C VAL B 696 4.15 -15.02 26.16
N SER B 697 3.65 -13.90 25.64
CA SER B 697 4.48 -12.74 25.31
C SER B 697 4.12 -11.47 26.07
N MET B 698 4.64 -11.33 27.29
CA MET B 698 4.42 -10.14 28.09
C MET B 698 5.30 -8.98 27.64
N THR B 699 4.79 -7.76 27.76
CA THR B 699 5.57 -6.58 27.40
C THR B 699 5.80 -5.70 28.64
N ILE B 700 6.93 -5.93 29.30
CA ILE B 700 7.28 -5.24 30.54
C ILE B 700 8.77 -4.91 30.53
N ASN B 701 9.14 -3.74 31.05
CA ASN B 701 10.53 -3.27 30.94
C ASN B 701 11.24 -3.05 32.27
N GLY B 702 10.89 -1.95 32.94
CA GLY B 702 11.48 -1.64 34.23
C GLY B 702 11.42 -2.76 35.25
N PRO B 703 10.20 -3.23 35.58
CA PRO B 703 10.02 -4.30 36.55
C PRO B 703 10.07 -5.68 35.93
N ALA B 704 10.61 -5.78 34.71
CA ALA B 704 10.65 -7.04 33.98
C ALA B 704 11.22 -8.23 34.78
N PRO B 705 12.32 -8.04 35.52
CA PRO B 705 12.79 -9.21 36.28
C PRO B 705 11.78 -9.68 37.33
N THR B 706 11.09 -8.75 37.97
CA THR B 706 10.11 -9.10 38.99
C THR B 706 8.92 -9.82 38.38
N ILE B 707 8.42 -9.29 37.26
CA ILE B 707 7.29 -9.90 36.57
C ILE B 707 7.65 -11.28 36.03
N LEU B 708 8.86 -11.41 35.50
CA LEU B 708 9.33 -12.68 34.97
C LEU B 708 9.33 -13.76 36.04
N ALA B 709 9.79 -13.40 37.25
CA ALA B 709 9.83 -14.33 38.37
C ALA B 709 8.42 -14.79 38.74
N MET B 710 7.46 -13.90 38.61
CA MET B 710 6.06 -14.26 38.86
C MET B 710 5.58 -15.27 37.83
N PHE B 711 5.90 -15.02 36.57
CA PHE B 711 5.50 -15.92 35.49
C PHE B 711 6.12 -17.31 35.68
N MET B 712 7.42 -17.35 35.94
CA MET B 712 8.11 -18.62 36.14
C MET B 712 7.49 -19.39 37.30
N ASN B 713 7.23 -18.69 38.40
CA ASN B 713 6.57 -19.30 39.55
C ASN B 713 5.19 -19.84 39.18
N THR B 714 4.49 -19.11 38.33
CA THR B 714 3.17 -19.54 37.88
C THR B 714 3.27 -20.83 37.08
N ALA B 715 4.18 -20.86 36.11
CA ALA B 715 4.39 -22.04 35.27
C ALA B 715 4.79 -23.25 36.10
N ILE B 716 5.61 -23.02 37.12
CA ILE B 716 6.04 -24.09 38.01
C ILE B 716 4.89 -24.61 38.86
N ASP B 717 4.14 -23.69 39.46
CA ASP B 717 3.02 -24.05 40.33
C ASP B 717 1.92 -24.79 39.58
N GLN B 718 1.79 -24.51 38.29
CA GLN B 718 0.79 -25.19 37.47
C GLN B 718 1.08 -26.69 37.39
N GLN B 719 2.35 -27.03 37.18
CA GLN B 719 2.75 -28.43 37.08
C GLN B 719 2.73 -29.13 38.43
N ILE B 720 2.93 -28.36 39.50
CA ILE B 720 2.81 -28.91 40.85
C ILE B 720 1.35 -29.25 41.13
N ASP B 721 0.46 -28.37 40.68
CA ASP B 721 -0.98 -28.60 40.82
C ASP B 721 -1.42 -29.77 39.95
N ARG B 722 -0.86 -29.87 38.75
CA ARG B 722 -1.19 -30.95 37.83
C ARG B 722 -0.74 -32.30 38.37
N PHE B 723 0.41 -32.30 39.05
CA PHE B 723 0.90 -33.52 39.69
C PHE B 723 0.00 -33.90 40.85
N ARG B 724 -0.40 -32.89 41.63
CA ARG B 724 -1.21 -33.10 42.82
C ARG B 724 -2.57 -33.68 42.48
N ALA B 725 -3.02 -33.44 41.25
CA ALA B 725 -4.31 -33.94 40.80
C ALA B 725 -4.20 -35.34 40.21
N ASP B 726 -3.09 -35.60 39.52
CA ASP B 726 -2.89 -36.89 38.85
C ASP B 726 -2.40 -37.96 39.83
N ASN B 727 -2.11 -37.56 41.06
CA ASN B 727 -1.62 -38.50 42.06
C ASN B 727 -2.37 -38.37 43.39
N GLY B 728 -3.17 -37.31 43.52
CA GLY B 728 -3.96 -37.09 44.71
C GLY B 728 -3.11 -36.85 45.95
N ARG B 729 -1.91 -36.31 45.75
CA ARG B 729 -0.98 -36.06 46.85
C ARG B 729 0.08 -35.04 46.43
N ASP B 730 0.66 -34.38 47.42
CA ASP B 730 1.77 -33.46 47.17
C ASP B 730 3.00 -34.23 46.74
N PRO B 731 3.78 -33.67 45.80
CA PRO B 731 5.04 -34.30 45.41
C PRO B 731 6.08 -34.24 46.52
N THR B 732 6.93 -35.24 46.61
CA THR B 732 7.99 -35.25 47.61
C THR B 732 9.01 -34.16 47.29
N ALA B 733 9.91 -33.90 48.23
CA ALA B 733 10.93 -32.87 48.05
C ALA B 733 11.79 -33.16 46.81
N ASP B 734 11.95 -34.44 46.50
CA ASP B 734 12.72 -34.85 45.34
C ASP B 734 11.89 -34.76 44.07
N GLU B 735 10.63 -35.19 44.15
CA GLU B 735 9.72 -35.14 43.02
C GLU B 735 9.48 -33.72 42.56
N GLU B 736 9.29 -32.82 43.52
CA GLU B 736 9.06 -31.41 43.24
C GLU B 736 10.29 -30.80 42.57
N ALA B 737 11.47 -31.22 43.02
CA ALA B 737 12.73 -30.72 42.46
C ALA B 737 12.85 -31.09 40.99
N LYS B 738 12.39 -32.28 40.63
CA LYS B 738 12.43 -32.74 39.24
C LYS B 738 11.42 -31.97 38.40
N ILE B 739 10.23 -31.77 38.97
CA ILE B 739 9.17 -31.01 38.30
C ILE B 739 9.60 -29.58 38.06
N ARG B 740 10.10 -28.93 39.11
CA ARG B 740 10.50 -27.53 39.05
C ARG B 740 11.58 -27.32 37.99
N ALA B 741 12.55 -28.22 37.96
CA ALA B 741 13.65 -28.14 37.01
C ALA B 741 13.16 -28.32 35.57
N TRP B 742 12.21 -29.24 35.39
CA TRP B 742 11.68 -29.54 34.07
C TRP B 742 10.91 -28.36 33.50
N VAL B 743 10.13 -27.70 34.35
CA VAL B 743 9.33 -26.55 33.94
C VAL B 743 10.21 -25.45 33.36
N LEU B 744 11.31 -25.16 34.05
CA LEU B 744 12.23 -24.10 33.63
C LEU B 744 12.82 -24.36 32.25
N GLN B 745 13.00 -25.63 31.90
CA GLN B 745 13.61 -25.98 30.63
C GLN B 745 12.64 -25.85 29.46
N ASN B 746 11.41 -26.28 29.66
CA ASN B 746 10.44 -26.37 28.57
C ASN B 746 9.49 -25.18 28.45
N VAL B 747 9.45 -24.32 29.47
CA VAL B 747 8.55 -23.17 29.45
C VAL B 747 8.85 -22.26 28.27
N ARG B 748 7.83 -22.02 27.47
CA ARG B 748 7.97 -21.19 26.29
C ARG B 748 7.29 -19.85 26.50
N GLY B 749 7.97 -18.77 26.14
CA GLY B 749 7.43 -17.44 26.31
C GLY B 749 8.44 -16.36 26.01
N THR B 750 7.99 -15.11 26.06
CA THR B 750 8.84 -13.97 25.70
C THR B 750 8.52 -12.75 26.53
N VAL B 751 9.56 -12.09 27.03
CA VAL B 751 9.41 -10.81 27.71
C VAL B 751 9.95 -9.71 26.81
N GLN B 752 9.07 -8.97 26.16
CA GLN B 752 9.48 -7.87 25.28
C GLN B 752 10.13 -6.76 26.11
N ALA B 753 11.35 -7.00 26.56
CA ALA B 753 12.04 -6.07 27.44
C ALA B 753 13.27 -5.45 26.79
N ASP B 754 13.15 -4.18 26.43
CA ASP B 754 14.30 -3.42 25.96
C ASP B 754 14.62 -2.32 26.97
N ILE B 755 15.59 -2.58 27.83
CA ILE B 755 15.98 -1.63 28.87
C ILE B 755 16.52 -0.33 28.28
N LEU B 756 17.35 -0.45 27.24
CA LEU B 756 18.07 0.70 26.69
C LEU B 756 17.17 1.75 26.06
N LYS B 757 16.15 1.32 25.32
CA LYS B 757 15.26 2.24 24.61
C LYS B 757 14.56 3.22 25.55
N GLU B 758 14.41 2.81 26.81
CA GLU B 758 13.67 3.58 27.80
C GLU B 758 14.28 4.96 28.02
N ASP B 759 15.61 5.03 28.02
CA ASP B 759 16.30 6.29 28.31
C ASP B 759 16.54 7.09 27.04
N GLN B 760 16.61 6.40 25.90
CA GLN B 760 17.02 7.02 24.65
C GLN B 760 15.96 7.93 24.02
N GLY B 761 14.69 7.64 24.24
CA GLY B 761 13.65 8.48 23.69
C GLY B 761 12.49 8.79 24.63
N GLN B 762 12.22 7.88 25.55
CA GLN B 762 10.94 7.89 26.25
C GLN B 762 10.88 8.60 27.60
N ASN B 763 11.94 8.49 28.40
CA ASN B 763 11.92 8.85 29.83
C ASN B 763 10.93 7.99 30.62
N THR B 764 11.00 6.68 30.40
CA THR B 764 10.11 5.72 31.05
C THR B 764 10.84 5.05 32.21
N CYS B 765 12.14 5.31 32.31
CA CYS B 765 13.01 4.66 33.28
C CYS B 765 12.50 4.75 34.72
N ILE B 766 12.50 3.61 35.40
CA ILE B 766 12.11 3.53 36.80
C ILE B 766 13.34 3.08 37.60
N PHE B 767 14.23 2.35 36.93
CA PHE B 767 15.51 1.93 37.49
C PHE B 767 16.63 2.64 36.76
N SER B 768 17.79 2.78 37.41
CA SER B 768 18.95 3.33 36.73
C SER B 768 19.43 2.36 35.67
N THR B 769 19.77 2.87 34.50
CA THR B 769 20.14 2.02 33.37
C THR B 769 21.19 0.98 33.73
N GLU B 770 22.20 1.37 34.50
CA GLU B 770 23.29 0.44 34.81
C GLU B 770 22.78 -0.73 35.67
N PHE B 771 21.92 -0.44 36.64
CA PHE B 771 21.40 -1.49 37.51
C PHE B 771 20.49 -2.43 36.74
N SER B 772 19.71 -1.88 35.82
CA SER B 772 18.79 -2.67 35.02
C SER B 772 19.56 -3.64 34.14
N LEU B 773 20.62 -3.15 33.50
CA LEU B 773 21.46 -3.99 32.65
C LEU B 773 22.16 -5.06 33.48
N LYS B 774 22.55 -4.70 34.70
CA LYS B 774 23.14 -5.65 35.63
C LYS B 774 22.19 -6.82 35.90
N VAL B 775 20.96 -6.50 36.27
CA VAL B 775 19.97 -7.53 36.60
C VAL B 775 19.56 -8.29 35.34
N MET B 776 19.57 -7.59 34.21
CA MET B 776 19.26 -8.22 32.92
C MET B 776 20.19 -9.40 32.67
N GLY B 777 21.47 -9.17 32.92
CA GLY B 777 22.47 -10.22 32.77
C GLY B 777 22.25 -11.34 33.75
N ASP B 778 21.85 -10.98 34.97
CA ASP B 778 21.56 -11.97 36.00
C ASP B 778 20.50 -12.95 35.52
N ILE B 779 19.51 -12.44 34.80
CA ILE B 779 18.44 -13.27 34.26
C ILE B 779 19.00 -14.26 33.25
N GLN B 780 19.84 -13.77 32.35
CA GLN B 780 20.42 -14.63 31.32
C GLN B 780 21.35 -15.66 31.94
N GLU B 781 22.04 -15.25 33.00
CA GLU B 781 22.91 -16.13 33.75
C GLU B 781 22.10 -17.25 34.38
N TYR B 782 20.97 -16.89 34.96
CA TYR B 782 20.06 -17.85 35.57
C TYR B 782 19.54 -18.83 34.53
N PHE B 783 19.20 -18.29 33.35
CA PHE B 783 18.67 -19.10 32.26
C PHE B 783 19.65 -20.17 31.81
N VAL B 784 20.91 -19.80 31.70
CA VAL B 784 21.95 -20.73 31.25
C VAL B 784 22.15 -21.85 32.25
N HIS B 785 22.19 -21.49 33.53
CA HIS B 785 22.42 -22.47 34.59
C HIS B 785 21.32 -23.51 34.66
N HIS B 786 20.07 -23.09 34.41
CA HIS B 786 18.94 -24.00 34.49
C HIS B 786 18.45 -24.46 33.12
N GLN B 787 19.25 -24.17 32.09
CA GLN B 787 18.98 -24.61 30.72
C GLN B 787 17.61 -24.16 30.23
N VAL B 788 17.22 -22.93 30.60
CA VAL B 788 16.00 -22.33 30.09
C VAL B 788 16.19 -21.95 28.61
N ARG B 789 16.03 -22.92 27.74
CA ARG B 789 16.38 -22.73 26.33
C ARG B 789 15.16 -22.43 25.45
N ASN B 790 14.00 -22.28 26.07
CA ASN B 790 12.78 -22.02 25.32
C ASN B 790 12.18 -20.63 25.56
N PHE B 791 12.69 -19.94 26.58
CA PHE B 791 12.16 -18.62 26.92
C PHE B 791 13.07 -17.49 26.43
N TYR B 792 12.47 -16.45 25.87
CA TYR B 792 13.20 -15.32 25.31
C TYR B 792 13.08 -14.09 26.21
N SER B 793 14.20 -13.64 26.77
CA SER B 793 14.18 -12.60 27.79
C SER B 793 14.48 -11.19 27.27
N VAL B 794 14.92 -11.10 26.02
CA VAL B 794 15.31 -9.80 25.47
C VAL B 794 14.74 -9.57 24.08
N SER B 795 14.10 -8.41 23.91
CA SER B 795 13.63 -7.98 22.59
C SER B 795 14.10 -6.57 22.30
N ILE B 796 14.98 -6.42 21.32
CA ILE B 796 15.49 -5.11 20.96
C ILE B 796 14.50 -4.40 20.05
N SER B 797 14.00 -3.25 20.49
CA SER B 797 13.05 -2.49 19.71
C SER B 797 13.63 -1.17 19.22
N GLY B 798 12.97 -0.59 18.24
CA GLY B 798 13.34 0.71 17.73
C GLY B 798 12.10 1.42 17.22
N TYR B 799 10.95 0.85 17.57
CA TYR B 799 9.68 1.43 17.15
C TYR B 799 9.51 2.78 17.78
N HIS B 800 9.78 2.84 19.08
CA HIS B 800 9.63 4.09 19.81
C HIS B 800 10.67 5.12 19.38
N ILE B 801 11.86 4.66 19.01
CA ILE B 801 12.91 5.60 18.61
C ILE B 801 12.51 6.32 17.33
N ALA B 802 11.92 5.59 16.40
CA ALA B 802 11.47 6.16 15.13
C ALA B 802 10.23 7.01 15.32
N GLU B 803 9.30 6.48 16.11
CA GLU B 803 8.04 7.14 16.45
C GLU B 803 8.27 8.47 17.16
N ALA B 804 9.42 8.57 17.80
CA ALA B 804 9.80 9.78 18.51
C ALA B 804 10.29 10.85 17.54
N GLY B 805 10.66 10.43 16.33
CA GLY B 805 11.08 11.37 15.30
C GLY B 805 12.31 10.97 14.50
N ALA B 806 13.00 9.93 14.94
CA ALA B 806 14.24 9.50 14.29
C ALA B 806 13.98 9.03 12.85
N ASN B 807 14.84 9.49 11.92
CA ASN B 807 14.76 9.04 10.54
C ASN B 807 15.24 7.58 10.44
N PRO B 808 14.90 6.88 9.33
CA PRO B 808 15.21 5.45 9.21
C PRO B 808 16.67 5.08 9.47
N ILE B 809 17.62 5.92 9.07
CA ILE B 809 19.02 5.61 9.31
C ILE B 809 19.32 5.61 10.81
N SER B 810 18.86 6.65 11.50
CA SER B 810 19.05 6.75 12.94
C SER B 810 18.41 5.58 13.67
N GLN B 811 17.18 5.24 13.28
CA GLN B 811 16.46 4.14 13.91
C GLN B 811 17.23 2.83 13.78
N LEU B 812 17.61 2.49 12.55
CA LEU B 812 18.31 1.24 12.29
C LEU B 812 19.66 1.19 13.01
N ALA B 813 20.40 2.30 12.94
CA ALA B 813 21.72 2.38 13.54
C ALA B 813 21.66 2.23 15.06
N PHE B 814 20.81 3.04 15.70
CA PHE B 814 20.66 3.00 17.14
C PHE B 814 20.22 1.62 17.61
N THR B 815 19.30 1.00 16.89
CA THR B 815 18.73 -0.29 17.30
C THR B 815 19.76 -1.41 17.20
N LEU B 816 20.49 -1.47 16.09
CA LEU B 816 21.54 -2.47 15.94
C LEU B 816 22.61 -2.23 16.99
N ALA B 817 22.89 -0.95 17.28
CA ALA B 817 23.85 -0.59 18.30
C ALA B 817 23.41 -1.10 19.67
N ASN B 818 22.14 -0.88 20.01
CA ASN B 818 21.60 -1.36 21.27
C ASN B 818 21.69 -2.88 21.36
N GLY B 819 21.36 -3.55 20.25
CA GLY B 819 21.44 -5.00 20.19
C GLY B 819 22.85 -5.52 20.43
N PHE B 820 23.82 -4.89 19.77
CA PHE B 820 25.21 -5.27 19.92
C PHE B 820 25.70 -5.01 21.35
N THR B 821 25.13 -3.99 21.98
CA THR B 821 25.45 -3.67 23.37
C THR B 821 25.06 -4.80 24.30
N TYR B 822 23.86 -5.34 24.10
CA TYR B 822 23.39 -6.48 24.86
C TYR B 822 24.32 -7.67 24.67
N VAL B 823 24.78 -7.85 23.44
CA VAL B 823 25.71 -8.94 23.12
C VAL B 823 26.99 -8.79 23.91
N GLU B 824 27.60 -7.60 23.83
CA GLU B 824 28.83 -7.33 24.58
C GLU B 824 28.60 -7.47 26.08
N ALA B 825 27.42 -7.06 26.53
CA ALA B 825 27.09 -7.12 27.94
C ALA B 825 27.02 -8.56 28.43
N TYR B 826 26.40 -9.42 27.62
CA TYR B 826 26.24 -10.81 27.98
C TYR B 826 27.56 -11.56 27.90
N LEU B 827 28.38 -11.18 26.93
CA LEU B 827 29.68 -11.84 26.75
C LEU B 827 30.59 -11.55 27.93
N ALA B 828 30.53 -10.32 28.42
CA ALA B 828 31.36 -9.92 29.56
C ALA B 828 30.92 -10.60 30.86
N ARG B 829 29.81 -11.32 30.83
CA ARG B 829 29.44 -12.11 31.99
C ARG B 829 30.03 -13.52 31.81
N GLY B 830 30.93 -13.64 30.83
CA GLY B 830 31.61 -14.89 30.56
C GLY B 830 30.74 -15.89 29.84
N MET B 831 29.73 -15.41 29.13
CA MET B 831 28.77 -16.30 28.49
C MET B 831 29.14 -16.58 27.04
N HIS B 832 28.59 -17.67 26.51
CA HIS B 832 28.84 -18.08 25.13
C HIS B 832 27.83 -17.42 24.21
N ILE B 833 28.28 -17.06 23.01
CA ILE B 833 27.47 -16.32 22.06
C ILE B 833 26.27 -17.13 21.55
N ASP B 834 26.45 -18.43 21.35
CA ASP B 834 25.41 -19.27 20.77
C ASP B 834 24.31 -19.62 21.77
N ASP B 835 24.40 -19.08 22.99
CA ASP B 835 23.43 -19.37 24.04
C ASP B 835 22.36 -18.30 24.16
N PHE B 836 22.66 -17.08 23.72
CA PHE B 836 21.69 -16.00 23.84
C PHE B 836 21.38 -15.30 22.51
N ALA B 837 22.29 -15.41 21.56
CA ALA B 837 22.11 -14.77 20.25
C ALA B 837 20.90 -15.24 19.45
N PRO B 838 20.69 -16.56 19.33
CA PRO B 838 19.58 -16.94 18.43
C PRO B 838 18.21 -16.44 18.91
N ASN B 839 18.10 -16.14 20.19
CA ASN B 839 16.82 -15.78 20.80
C ASN B 839 16.49 -14.29 20.68
N LEU B 840 17.52 -13.47 20.49
CA LEU B 840 17.33 -12.03 20.30
C LEU B 840 16.38 -11.70 19.15
N SER B 841 15.30 -11.01 19.47
CA SER B 841 14.33 -10.57 18.48
C SER B 841 14.46 -9.08 18.21
N PHE B 842 14.09 -8.64 17.02
CA PHE B 842 14.16 -7.22 16.68
C PHE B 842 12.79 -6.66 16.30
N PHE B 843 12.67 -5.34 16.36
CA PHE B 843 11.38 -4.67 16.21
C PHE B 843 11.53 -3.29 15.56
N PHE B 844 11.19 -3.17 14.28
CA PHE B 844 11.40 -1.92 13.53
C PHE B 844 10.10 -1.23 13.12
N SER B 845 10.24 -0.03 12.58
CA SER B 845 9.11 0.74 12.05
C SER B 845 9.28 0.99 10.55
N ASN B 846 8.19 0.88 9.79
CA ASN B 846 8.23 1.18 8.37
C ASN B 846 7.45 2.44 8.04
N GLY B 847 8.12 3.43 7.47
CA GLY B 847 7.48 4.67 7.09
C GLY B 847 7.46 4.89 5.58
N MET B 848 7.37 6.15 5.17
CA MET B 848 7.28 6.48 3.75
C MET B 848 8.66 6.72 3.13
N ASP B 849 9.65 7.01 3.96
CA ASP B 849 11.00 7.29 3.49
C ASP B 849 11.54 6.15 2.63
N PRO B 850 12.35 6.48 1.61
CA PRO B 850 12.93 5.48 0.70
C PRO B 850 13.71 4.40 1.44
N GLU B 851 14.44 4.79 2.48
CA GLU B 851 15.33 3.87 3.18
C GLU B 851 14.60 2.71 3.83
N TYR B 852 13.33 2.90 4.17
CA TYR B 852 12.55 1.86 4.84
C TYR B 852 12.40 0.62 3.97
N SER B 853 12.48 0.80 2.66
CA SER B 853 12.33 -0.29 1.71
C SER B 853 13.40 -1.35 1.89
N VAL B 854 14.59 -0.92 2.30
CA VAL B 854 15.73 -1.83 2.45
C VAL B 854 16.21 -1.93 3.88
N LEU B 855 15.39 -1.45 4.82
CA LEU B 855 15.78 -1.43 6.22
C LEU B 855 16.04 -2.85 6.74
N GLY B 856 15.11 -3.75 6.49
CA GLY B 856 15.20 -5.11 6.99
C GLY B 856 16.40 -5.87 6.45
N ARG B 857 16.61 -5.79 5.15
CA ARG B 857 17.69 -6.54 4.50
C ARG B 857 19.06 -6.04 4.97
N VAL B 858 19.17 -4.76 5.25
CA VAL B 858 20.41 -4.19 5.77
C VAL B 858 20.68 -4.72 7.18
N ALA B 859 19.65 -4.72 8.01
CA ALA B 859 19.77 -5.23 9.37
C ALA B 859 20.18 -6.70 9.38
N ARG B 860 19.68 -7.46 8.40
CA ARG B 860 19.99 -8.88 8.32
C ARG B 860 21.45 -9.14 7.96
N ARG B 861 22.00 -8.33 7.06
CA ARG B 861 23.36 -8.54 6.59
C ARG B 861 24.38 -8.09 7.62
N ILE B 862 24.18 -6.91 8.19
CA ILE B 862 25.08 -6.38 9.21
C ILE B 862 25.18 -7.36 10.38
N TRP B 863 24.05 -7.94 10.75
CA TRP B 863 24.02 -8.91 11.84
C TRP B 863 24.77 -10.18 11.45
N ALA B 864 24.37 -10.77 10.33
CA ALA B 864 24.95 -12.04 9.86
C ALA B 864 26.46 -11.98 9.71
N VAL B 865 26.96 -10.92 9.06
CA VAL B 865 28.39 -10.77 8.84
C VAL B 865 29.16 -10.61 10.15
N THR B 866 28.68 -9.73 11.01
CA THR B 866 29.34 -9.48 12.29
C THR B 866 29.29 -10.70 13.21
N MET B 867 28.12 -11.33 13.29
CA MET B 867 27.97 -12.50 14.15
C MET B 867 28.88 -13.64 13.72
N ARG B 868 29.15 -13.72 12.42
CA ARG B 868 30.00 -14.78 11.90
C ARG B 868 31.47 -14.43 12.04
N ASP B 869 31.87 -13.30 11.45
CA ASP B 869 33.27 -12.90 11.41
C ASP B 869 33.78 -12.42 12.77
N LYS B 870 33.08 -11.48 13.38
CA LYS B 870 33.53 -10.89 14.64
C LYS B 870 33.33 -11.82 15.84
N TYR B 871 32.10 -12.30 16.05
CA TYR B 871 31.78 -13.06 17.25
C TYR B 871 31.86 -14.57 17.07
N GLY B 872 32.02 -15.01 15.81
CA GLY B 872 32.21 -16.42 15.52
C GLY B 872 31.07 -17.31 15.96
N ALA B 873 29.85 -16.80 15.87
CA ALA B 873 28.68 -17.56 16.29
C ALA B 873 28.21 -18.49 15.17
N ASN B 874 27.27 -19.35 15.49
CA ASN B 874 26.78 -20.34 14.55
C ASN B 874 25.68 -19.81 13.64
N ASP B 875 25.15 -20.67 12.79
CA ASP B 875 24.17 -20.28 11.78
C ASP B 875 22.90 -19.72 12.39
N ARG B 876 22.41 -20.36 13.45
CA ARG B 876 21.15 -19.96 14.06
C ARG B 876 21.26 -18.56 14.69
N SER B 877 22.49 -18.17 15.01
CA SER B 877 22.73 -16.87 15.62
C SER B 877 22.87 -15.75 14.58
N GLN B 878 23.40 -16.09 13.41
CA GLN B 878 23.62 -15.12 12.34
C GLN B 878 22.31 -14.64 11.72
N LYS B 879 21.22 -15.34 12.03
CA LYS B 879 19.92 -15.04 11.45
C LYS B 879 19.14 -14.05 12.30
N LEU B 880 19.08 -12.79 11.85
CA LEU B 880 18.32 -11.75 12.54
C LEU B 880 16.85 -11.81 12.15
N LYS B 881 16.00 -12.16 13.12
CA LYS B 881 14.56 -12.17 12.90
C LYS B 881 13.95 -10.90 13.47
N TYR B 882 12.99 -10.31 12.77
CA TYR B 882 12.43 -9.05 13.23
C TYR B 882 10.94 -8.89 12.93
N HIS B 883 10.30 -8.04 13.72
CA HIS B 883 8.90 -7.66 13.52
C HIS B 883 8.85 -6.22 13.00
N ILE B 884 8.03 -5.99 11.98
CA ILE B 884 7.84 -4.64 11.46
C ILE B 884 6.41 -4.17 11.69
N GLN B 885 6.27 -2.97 12.24
CA GLN B 885 4.97 -2.36 12.42
C GLN B 885 4.92 -1.02 11.68
N THR B 886 3.87 -0.82 10.88
CA THR B 886 3.77 0.39 10.06
C THR B 886 3.79 1.65 10.92
N SER B 887 4.35 2.72 10.38
CA SER B 887 4.57 3.95 11.14
C SER B 887 3.24 4.58 11.54
N GLY B 888 3.08 4.80 12.84
CA GLY B 888 1.87 5.42 13.36
C GLY B 888 1.94 6.92 13.29
N ARG B 889 3.17 7.44 13.35
CA ARG B 889 3.44 8.87 13.23
C ARG B 889 2.93 9.43 11.91
N SER B 890 3.14 8.67 10.84
CA SER B 890 2.71 9.08 9.50
C SER B 890 1.18 9.12 9.38
N LEU B 891 0.49 8.46 10.30
CA LEU B 891 -0.97 8.52 10.33
C LEU B 891 -1.41 9.84 10.96
N HIS B 892 -2.27 10.57 10.26
CA HIS B 892 -2.70 11.90 10.68
C HIS B 892 -4.20 11.96 10.99
N ALA B 893 -4.58 12.94 11.81
CA ALA B 893 -5.97 13.11 12.19
C ALA B 893 -6.83 13.54 11.01
N GLN B 894 -6.31 14.45 10.20
CA GLN B 894 -7.03 15.01 9.06
C GLN B 894 -7.16 14.00 7.92
N GLU B 895 -8.37 13.89 7.38
CA GLU B 895 -8.67 12.95 6.29
C GLU B 895 -8.20 11.54 6.63
N ILE B 896 -8.84 10.93 7.63
CA ILE B 896 -8.41 9.65 8.16
C ILE B 896 -8.53 8.51 7.16
N ASP B 897 -9.28 8.72 6.08
CA ASP B 897 -9.43 7.70 5.05
C ASP B 897 -8.13 7.51 4.26
N PHE B 898 -7.30 8.55 4.24
CA PHE B 898 -6.04 8.52 3.48
C PHE B 898 -5.02 7.60 4.12
N ASN B 899 -5.15 7.38 5.42
CA ASN B 899 -4.18 6.59 6.17
C ASN B 899 -4.08 5.14 5.69
N ASP B 900 -5.18 4.59 5.21
CA ASP B 900 -5.18 3.22 4.69
C ASP B 900 -4.28 3.11 3.46
N ILE B 901 -4.17 4.20 2.70
CA ILE B 901 -3.29 4.23 1.54
C ILE B 901 -1.83 4.13 1.97
N ARG B 902 -1.46 4.93 2.98
CA ARG B 902 -0.10 4.94 3.47
C ARG B 902 0.25 3.63 4.16
N THR B 903 -0.71 3.07 4.88
CA THR B 903 -0.47 1.84 5.62
C THR B 903 -0.32 0.67 4.66
N THR B 904 -0.96 0.77 3.50
CA THR B 904 -0.84 -0.26 2.47
C THR B 904 0.57 -0.28 1.90
N LEU B 905 1.04 0.88 1.45
CA LEU B 905 2.37 1.01 0.87
C LEU B 905 3.45 0.56 1.84
N GLN B 906 3.28 0.89 3.11
CA GLN B 906 4.26 0.50 4.13
C GLN B 906 4.22 -1.00 4.39
N ALA B 907 3.02 -1.57 4.36
CA ALA B 907 2.87 -3.01 4.55
C ALA B 907 3.48 -3.76 3.37
N LEU B 908 3.42 -3.17 2.18
CA LEU B 908 3.91 -3.84 0.98
C LEU B 908 5.42 -4.04 1.01
N ILE B 909 6.17 -2.98 1.25
CA ILE B 909 7.63 -3.08 1.26
C ILE B 909 8.13 -3.95 2.41
N ALA B 910 7.31 -4.09 3.43
CA ALA B 910 7.63 -4.97 4.55
C ALA B 910 7.62 -6.42 4.10
N ILE B 911 6.55 -6.81 3.41
CA ILE B 911 6.39 -8.18 2.93
C ILE B 911 7.35 -8.49 1.79
N TYR B 912 7.55 -7.52 0.90
CA TYR B 912 8.53 -7.65 -0.18
C TYR B 912 9.90 -8.00 0.40
N ASP B 913 10.29 -7.28 1.44
CA ASP B 913 11.62 -7.43 2.05
C ASP B 913 11.63 -8.59 3.05
N ASN B 914 10.66 -9.48 2.93
CA ASN B 914 10.63 -10.75 3.66
C ASN B 914 10.79 -10.60 5.16
N CYS B 915 9.89 -9.83 5.78
CA CYS B 915 9.86 -9.69 7.23
C CYS B 915 9.35 -10.96 7.88
N ASN B 916 9.49 -11.06 9.20
CA ASN B 916 9.07 -12.26 9.92
C ASN B 916 7.73 -12.08 10.62
N SER B 917 7.34 -10.82 10.80
CA SER B 917 6.11 -10.50 11.52
C SER B 917 5.70 -9.06 11.19
N LEU B 918 4.41 -8.88 10.91
CA LEU B 918 3.92 -7.57 10.47
C LEU B 918 2.67 -7.15 11.23
N HIS B 919 2.67 -5.93 11.77
CA HIS B 919 1.45 -5.35 12.33
C HIS B 919 1.00 -4.16 11.49
N THR B 920 -0.30 -4.09 11.22
CA THR B 920 -0.86 -3.05 10.39
C THR B 920 -1.70 -2.08 11.22
N ASN B 921 -1.54 -0.79 10.97
CA ASN B 921 -2.25 0.24 11.72
C ASN B 921 -3.62 0.56 11.12
N ALA B 922 -4.56 0.94 11.99
CA ALA B 922 -5.91 1.28 11.58
C ALA B 922 -5.95 2.67 10.93
N TYR B 923 -7.07 2.97 10.29
CA TYR B 923 -7.23 4.28 9.65
C TYR B 923 -7.44 5.36 10.70
N ASP B 924 -7.99 4.97 11.85
CA ASP B 924 -8.19 5.89 12.97
C ASP B 924 -6.86 6.26 13.63
N ILE B 927 -6.68 8.18 16.68
CA ILE B 927 -7.71 9.05 17.24
C ILE B 927 -8.58 8.31 18.25
N THR B 928 -9.66 7.68 17.76
CA THR B 928 -10.61 7.00 18.63
C THR B 928 -10.16 5.59 19.00
N THR B 929 -10.98 4.89 19.77
CA THR B 929 -10.69 3.54 20.23
C THR B 929 -10.57 2.57 19.06
N PRO B 930 -9.76 1.50 19.22
CA PRO B 930 -9.61 0.52 18.15
C PRO B 930 -10.90 -0.27 17.90
N THR B 931 -11.78 0.27 17.07
CA THR B 931 -13.06 -0.39 16.78
C THR B 931 -12.82 -1.69 16.03
N ALA B 932 -13.74 -2.63 16.18
CA ALA B 932 -13.63 -3.93 15.52
C ALA B 932 -13.73 -3.80 14.01
N GLU B 933 -14.28 -2.68 13.56
CA GLU B 933 -14.39 -2.38 12.14
C GLU B 933 -13.06 -1.82 11.62
N SER B 934 -12.45 -0.96 12.43
CA SER B 934 -11.18 -0.33 12.08
C SER B 934 -10.06 -1.37 11.98
N VAL B 935 -10.12 -2.38 12.85
CA VAL B 935 -9.10 -3.41 12.89
C VAL B 935 -9.23 -4.37 11.71
N ARG B 936 -10.43 -4.43 11.12
CA ARG B 936 -10.66 -5.31 9.98
C ARG B 936 -10.06 -4.71 8.72
N ARG B 937 -10.17 -3.40 8.57
CA ARG B 937 -9.57 -2.71 7.42
C ARG B 937 -8.06 -2.83 7.49
N ALA B 938 -7.51 -2.78 8.70
CA ALA B 938 -6.08 -2.94 8.90
C ALA B 938 -5.67 -4.39 8.60
N LEU B 939 -6.50 -5.32 9.02
CA LEU B 939 -6.20 -6.74 8.85
C LEU B 939 -6.40 -7.17 7.40
N ALA B 940 -7.21 -6.41 6.67
CA ALA B 940 -7.49 -6.71 5.27
C ALA B 940 -6.31 -6.35 4.39
N ILE B 941 -5.58 -5.31 4.78
CA ILE B 941 -4.42 -4.87 4.02
C ILE B 941 -3.42 -6.02 3.84
N GLN B 942 -3.17 -6.75 4.93
CA GLN B 942 -2.25 -7.88 4.86
C GLN B 942 -2.85 -9.03 4.06
N LEU B 943 -4.13 -9.30 4.27
CA LEU B 943 -4.81 -10.38 3.57
C LEU B 943 -4.84 -10.14 2.07
N ILE B 944 -5.09 -8.91 1.65
CA ILE B 944 -5.13 -8.59 0.23
C ILE B 944 -3.76 -8.74 -0.41
N ILE B 945 -2.72 -8.20 0.23
CA ILE B 945 -1.37 -8.30 -0.31
C ILE B 945 -0.89 -9.76 -0.35
N ASN B 946 -1.12 -10.49 0.73
CA ASN B 946 -0.64 -11.86 0.83
C ASN B 946 -1.40 -12.83 -0.09
N ARG B 947 -2.69 -12.59 -0.27
CA ARG B 947 -3.55 -13.53 -1.00
C ARG B 947 -3.91 -13.09 -2.42
N GLU B 948 -4.18 -11.79 -2.60
CA GLU B 948 -4.63 -11.28 -3.89
C GLU B 948 -3.49 -10.71 -4.75
N TRP B 949 -2.55 -10.01 -4.13
CA TRP B 949 -1.54 -9.28 -4.87
C TRP B 949 -0.61 -10.21 -5.63
N GLY B 950 -0.39 -9.89 -6.91
CA GLY B 950 0.32 -10.76 -7.83
C GLY B 950 1.82 -10.85 -7.60
N VAL B 951 2.47 -9.70 -7.51
CA VAL B 951 3.92 -9.65 -7.31
C VAL B 951 4.32 -10.40 -6.03
N ALA B 952 3.43 -10.39 -5.05
CA ALA B 952 3.70 -11.02 -3.76
C ALA B 952 3.78 -12.54 -3.85
N LYS B 953 3.35 -13.10 -4.98
CA LYS B 953 3.47 -14.55 -5.21
C LYS B 953 4.93 -14.95 -5.39
N CYS B 954 5.79 -13.95 -5.56
CA CYS B 954 7.22 -14.14 -5.59
C CYS B 954 7.80 -13.70 -4.25
N GLU B 955 8.78 -14.44 -3.74
CA GLU B 955 9.27 -14.20 -2.39
C GLU B 955 10.55 -13.37 -2.32
N ASN B 956 11.17 -13.11 -3.46
CA ASN B 956 12.32 -12.22 -3.51
C ASN B 956 12.23 -11.17 -4.62
N PRO B 957 11.12 -10.42 -4.68
CA PRO B 957 10.95 -9.47 -5.80
C PRO B 957 11.94 -8.30 -5.73
N ASN B 958 12.44 -8.00 -4.54
CA ASN B 958 13.39 -6.91 -4.36
C ASN B 958 14.72 -7.19 -5.06
N GLN B 959 15.15 -8.45 -5.01
CA GLN B 959 16.48 -8.83 -5.47
C GLN B 959 16.70 -8.58 -6.95
N GLY B 960 17.85 -7.99 -7.27
CA GLY B 960 18.18 -7.64 -8.64
C GLY B 960 18.01 -6.16 -8.92
N SER B 961 17.00 -5.55 -8.30
CA SER B 961 16.70 -4.14 -8.53
C SER B 961 17.90 -3.23 -8.29
N PHE B 962 18.23 -2.44 -9.31
CA PHE B 962 19.35 -1.52 -9.24
C PHE B 962 19.18 -0.54 -8.08
N LEU B 963 17.97 -0.03 -7.93
CA LEU B 963 17.66 0.92 -6.87
C LEU B 963 17.82 0.27 -5.50
N ILE B 964 17.28 -0.94 -5.34
CA ILE B 964 17.33 -1.63 -4.05
C ILE B 964 18.76 -1.93 -3.64
N GLU B 965 19.55 -2.45 -4.57
CA GLU B 965 20.92 -2.84 -4.24
C GLU B 965 21.77 -1.60 -3.91
N GLU B 966 21.55 -0.51 -4.64
CA GLU B 966 22.29 0.72 -4.36
C GLU B 966 21.87 1.30 -3.01
N LEU B 967 20.56 1.33 -2.76
CA LEU B 967 20.03 1.82 -1.50
C LEU B 967 20.51 0.98 -0.32
N THR B 968 20.56 -0.33 -0.53
CA THR B 968 21.03 -1.26 0.49
C THR B 968 22.45 -0.94 0.88
N ASP B 969 23.30 -0.69 -0.12
CA ASP B 969 24.69 -0.37 0.13
C ASP B 969 24.84 0.97 0.85
N LEU B 970 24.05 1.95 0.43
CA LEU B 970 24.13 3.29 1.01
C LEU B 970 23.72 3.30 2.48
N VAL B 971 22.56 2.73 2.76
CA VAL B 971 22.03 2.66 4.12
C VAL B 971 23.00 1.93 5.05
N GLU B 972 23.52 0.80 4.57
CA GLU B 972 24.47 0.00 5.34
C GLU B 972 25.66 0.83 5.80
N GLU B 973 26.31 1.52 4.86
CA GLU B 973 27.46 2.35 5.17
C GLU B 973 27.06 3.51 6.08
N ALA B 974 25.89 4.08 5.84
CA ALA B 974 25.38 5.17 6.67
C ALA B 974 25.24 4.71 8.12
N VAL B 975 24.76 3.49 8.30
CA VAL B 975 24.63 2.89 9.63
C VAL B 975 26.00 2.69 10.26
N LEU B 976 26.94 2.15 9.49
CA LEU B 976 28.29 1.90 9.98
C LEU B 976 28.96 3.18 10.47
N GLN B 977 28.72 4.28 9.76
CA GLN B 977 29.30 5.55 10.15
C GLN B 977 28.72 6.03 11.46
N GLU B 978 27.45 5.74 11.68
CA GLU B 978 26.79 6.11 12.92
C GLU B 978 27.31 5.26 14.08
N PHE B 979 27.68 4.01 13.80
CA PHE B 979 28.32 3.16 14.78
C PHE B 979 29.58 3.83 15.30
N GLU B 980 30.35 4.37 14.35
CA GLU B 980 31.62 5.00 14.67
C GLU B 980 31.43 6.27 15.50
N ARG B 981 30.33 6.98 15.23
CA ARG B 981 30.02 8.19 15.98
C ARG B 981 29.68 7.86 17.43
N ILE B 982 28.97 6.76 17.62
CA ILE B 982 28.61 6.32 18.96
C ILE B 982 29.84 5.77 19.68
N ALA B 983 30.70 5.09 18.92
CA ALA B 983 31.89 4.47 19.47
C ALA B 983 32.87 5.50 20.05
N GLU B 984 32.96 6.66 19.41
CA GLU B 984 33.86 7.70 19.89
C GLU B 984 33.21 8.54 20.97
N ARG B 985 32.02 8.11 21.41
CA ARG B 985 31.35 8.75 22.52
C ARG B 985 31.30 7.80 23.71
N GLY B 986 32.01 6.68 23.58
CA GLY B 986 32.12 5.72 24.66
C GLY B 986 31.17 4.54 24.56
N GLY B 987 30.70 4.25 23.35
CA GLY B 987 29.72 3.20 23.15
C GLY B 987 28.31 3.70 23.41
N VAL B 988 27.34 2.79 23.32
CA VAL B 988 25.93 3.16 23.51
C VAL B 988 25.70 3.74 24.90
N LEU B 989 26.24 3.09 25.92
CA LEU B 989 26.11 3.58 27.29
C LEU B 989 26.78 4.92 27.46
N GLY B 990 27.97 5.06 26.88
CA GLY B 990 28.73 6.30 26.95
C GLY B 990 28.01 7.46 26.30
N ALA B 991 27.31 7.16 25.20
CA ALA B 991 26.54 8.18 24.50
C ALA B 991 25.30 8.57 25.30
N MET B 992 24.62 7.57 25.85
CA MET B 992 23.43 7.81 26.67
C MET B 992 23.75 8.71 27.87
N GLU B 993 24.97 8.60 28.34
CA GLU B 993 25.45 9.42 29.46
C GLU B 993 25.39 10.89 29.07
N THR B 994 25.73 11.18 27.82
CA THR B 994 25.72 12.54 27.29
C THR B 994 24.34 12.93 26.77
N GLY B 995 23.51 11.92 26.50
CA GLY B 995 22.20 12.16 25.92
C GLY B 995 22.32 12.37 24.42
N TYR B 996 23.29 11.70 23.82
CA TYR B 996 23.53 11.81 22.39
C TYR B 996 22.34 11.34 21.57
N GLN B 997 21.85 10.14 21.85
CA GLN B 997 20.72 9.58 21.12
C GLN B 997 19.50 10.46 21.29
N ARG B 998 19.16 10.75 22.55
CA ARG B 998 18.02 11.60 22.87
C ARG B 998 18.15 12.94 22.15
N GLY B 999 19.35 13.48 22.15
CA GLY B 999 19.62 14.75 21.48
C GLY B 999 19.34 14.68 19.99
N LYS B 1000 19.87 13.63 19.35
CA LYS B 1000 19.75 13.49 17.89
C LYS B 1000 18.33 13.19 17.46
N ILE B 1001 17.64 12.33 18.23
CA ILE B 1001 16.24 12.01 17.93
C ILE B 1001 15.40 13.27 17.98
N GLN B 1002 15.64 14.06 19.03
CA GLN B 1002 14.93 15.32 19.25
C GLN B 1002 15.16 16.30 18.10
N GLU B 1003 16.40 16.37 17.63
CA GLU B 1003 16.77 17.25 16.52
C GLU B 1003 16.06 16.86 15.23
N GLU B 1004 16.06 15.56 14.93
CA GLU B 1004 15.44 15.05 13.72
C GLU B 1004 13.92 15.20 13.76
N SER B 1005 13.35 15.05 14.96
CA SER B 1005 11.92 15.22 15.14
C SER B 1005 11.51 16.65 14.84
N LEU B 1006 12.36 17.60 15.26
CA LEU B 1006 12.09 19.01 15.02
C LEU B 1006 12.22 19.34 13.55
N TYR B 1007 13.28 18.83 12.92
CA TYR B 1007 13.51 19.04 11.50
C TYR B 1007 12.35 18.54 10.65
N TYR B 1008 11.83 17.36 11.00
CA TYR B 1008 10.65 16.82 10.32
C TYR B 1008 9.46 17.73 10.53
N GLU B 1009 9.17 18.03 11.80
CA GLU B 1009 7.99 18.81 12.15
C GLU B 1009 8.08 20.20 11.54
N GLN B 1010 9.31 20.63 11.23
CA GLN B 1010 9.57 21.92 10.59
C GLN B 1010 9.21 21.93 9.11
N LEU B 1011 9.82 21.04 8.34
CA LEU B 1011 9.56 20.96 6.91
C LEU B 1011 8.09 20.66 6.62
N LYS B 1012 7.44 19.97 7.55
CA LYS B 1012 6.02 19.68 7.46
C LYS B 1012 5.22 20.98 7.49
N HIS B 1013 5.51 21.82 8.46
CA HIS B 1013 4.89 23.14 8.59
C HIS B 1013 5.38 24.08 7.50
N ASP B 1014 6.63 23.90 7.10
CA ASP B 1014 7.26 24.72 6.08
C ASP B 1014 6.56 24.57 4.73
N GLY B 1015 5.86 23.45 4.54
CA GLY B 1015 5.21 23.14 3.28
C GLY B 1015 6.18 22.48 2.32
N THR B 1016 7.38 22.23 2.81
CA THR B 1016 8.46 21.67 2.00
C THR B 1016 8.33 20.16 1.88
N LEU B 1017 7.85 19.54 2.96
CA LEU B 1017 7.56 18.11 2.96
C LEU B 1017 6.05 17.91 2.83
N PRO B 1018 5.60 17.58 1.61
CA PRO B 1018 4.17 17.46 1.33
C PRO B 1018 3.52 16.31 2.10
N ILE B 1019 2.39 16.60 2.72
CA ILE B 1019 1.58 15.58 3.38
C ILE B 1019 0.13 15.74 2.92
N ILE B 1020 -0.31 14.81 2.06
CA ILE B 1020 -1.63 14.94 1.42
C ILE B 1020 -2.76 14.96 2.43
N GLY B 1021 -3.56 16.03 2.39
CA GLY B 1021 -4.68 16.18 3.29
C GLY B 1021 -4.33 16.95 4.55
N VAL B 1022 -3.05 17.31 4.68
CA VAL B 1022 -2.58 18.02 5.86
C VAL B 1022 -2.02 19.41 5.53
N ASN B 1023 -0.91 19.47 4.81
CA ASN B 1023 -0.36 20.76 4.41
C ASN B 1023 -0.63 21.07 2.94
N THR B 1024 -1.22 20.11 2.24
CA THR B 1024 -1.62 20.29 0.84
C THR B 1024 -2.85 19.43 0.55
N PHE B 1025 -3.62 19.81 -0.46
CA PHE B 1025 -4.82 19.09 -0.85
C PHE B 1025 -5.75 18.95 0.36
N ARG B 1026 -5.84 20.01 1.15
CA ARG B 1026 -6.61 20.00 2.39
C ARG B 1026 -8.10 19.79 2.14
N ASN B 1027 -8.82 19.42 3.19
CA ASN B 1027 -10.27 19.29 3.11
C ASN B 1027 -10.91 20.64 2.82
N PRO B 1028 -11.62 20.75 1.68
CA PRO B 1028 -12.23 22.02 1.23
C PRO B 1028 -13.25 22.62 2.19
N ASN B 1029 -13.68 21.87 3.21
CA ASN B 1029 -14.60 22.42 4.22
C ASN B 1029 -13.96 22.51 5.60
N GLY B 1030 -13.02 21.61 5.88
CA GLY B 1030 -12.32 21.60 7.16
C GLY B 1030 -11.94 20.21 7.61
N LEU B 1039 -9.59 6.08 25.74
CA LEU B 1039 -10.92 5.49 25.54
C LEU B 1039 -11.08 4.23 26.40
N ALA B 1040 -9.96 3.61 26.76
CA ALA B 1040 -9.97 2.40 27.59
C ALA B 1040 -10.30 2.73 29.04
N ARG B 1041 -11.12 1.89 29.67
CA ARG B 1041 -11.54 2.10 31.06
C ARG B 1041 -11.49 0.80 31.84
N SER B 1042 -11.57 0.91 33.17
CA SER B 1042 -11.67 -0.26 34.03
C SER B 1042 -12.78 -0.05 35.03
N SER B 1043 -13.49 -1.13 35.38
CA SER B 1043 -14.62 -1.03 36.29
C SER B 1043 -14.17 -0.56 37.68
N GLU B 1044 -15.07 0.14 38.36
CA GLU B 1044 -14.79 0.59 39.72
C GLU B 1044 -14.61 -0.60 40.66
N ASP B 1045 -15.44 -1.62 40.47
CA ASP B 1045 -15.36 -2.84 41.27
C ASP B 1045 -14.02 -3.53 41.04
N GLU B 1046 -13.52 -3.45 39.82
CA GLU B 1046 -12.24 -4.07 39.49
C GLU B 1046 -11.10 -3.40 40.23
N LYS B 1047 -11.18 -2.08 40.39
CA LYS B 1047 -10.16 -1.34 41.13
C LYS B 1047 -10.20 -1.72 42.61
N GLN B 1048 -11.41 -1.75 43.16
CA GLN B 1048 -11.59 -2.13 44.56
C GLN B 1048 -11.21 -3.58 44.79
N SER B 1049 -11.39 -4.41 43.77
CA SER B 1049 -10.99 -5.81 43.85
C SER B 1049 -9.49 -5.93 44.02
N GLN B 1050 -8.74 -5.23 43.17
CA GLN B 1050 -7.28 -5.26 43.21
C GLN B 1050 -6.75 -4.75 44.55
N LEU B 1051 -7.39 -3.72 45.09
CA LEU B 1051 -6.97 -3.16 46.37
C LEU B 1051 -7.19 -4.16 47.49
N HIS B 1052 -8.32 -4.87 47.42
CA HIS B 1052 -8.70 -5.86 48.43
C HIS B 1052 -7.86 -7.12 48.34
N ARG B 1053 -7.51 -7.51 47.12
CA ARG B 1053 -6.64 -8.67 46.92
C ARG B 1053 -5.23 -8.38 47.43
N LEU B 1054 -4.78 -7.15 47.21
CA LEU B 1054 -3.44 -6.74 47.62
C LEU B 1054 -3.29 -6.75 49.13
N THR B 1055 -4.24 -6.12 49.83
CA THR B 1055 -4.19 -6.04 51.28
C THR B 1055 -4.38 -7.42 51.89
N GLU B 1056 -5.02 -8.31 51.14
CA GLU B 1056 -5.21 -9.69 51.58
C GLU B 1056 -3.92 -10.49 51.39
N PHE B 1057 -3.27 -10.27 50.25
CA PHE B 1057 -1.98 -10.90 49.98
C PHE B 1057 -0.94 -10.45 51.00
N HIS B 1058 -0.91 -9.15 51.27
CA HIS B 1058 0.03 -8.58 52.23
C HIS B 1058 -0.15 -9.17 53.63
N GLY B 1059 -1.40 -9.34 54.03
CA GLY B 1059 -1.69 -9.90 55.34
C GLY B 1059 -1.25 -11.35 55.45
N ALA B 1060 -1.24 -12.04 54.30
CA ALA B 1060 -0.90 -13.46 54.26
C ALA B 1060 0.58 -13.70 54.53
N HIS B 1061 1.43 -12.82 54.00
CA HIS B 1061 2.87 -12.98 54.15
C HIS B 1061 3.47 -11.85 54.97
N GLN B 1062 2.70 -11.36 55.93
CA GLN B 1062 3.12 -10.23 56.76
C GLN B 1062 4.36 -10.56 57.58
N ALA B 1063 4.54 -11.84 57.91
CA ALA B 1063 5.67 -12.27 58.71
C ALA B 1063 6.98 -12.30 57.92
N ASP B 1064 6.92 -12.85 56.71
CA ASP B 1064 8.12 -13.08 55.91
C ASP B 1064 8.45 -11.94 54.96
N ALA B 1065 7.62 -10.90 54.97
CA ALA B 1065 7.76 -9.81 54.03
C ALA B 1065 9.06 -9.01 54.23
N GLU B 1066 9.22 -8.44 55.43
CA GLU B 1066 10.38 -7.62 55.73
C GLU B 1066 11.68 -8.41 55.61
N ALA B 1067 11.62 -9.68 56.01
CA ALA B 1067 12.79 -10.56 55.97
C ALA B 1067 13.26 -10.81 54.55
N MET B 1068 12.32 -11.10 53.66
CA MET B 1068 12.63 -11.39 52.27
C MET B 1068 13.20 -10.16 51.56
N LEU B 1069 12.59 -9.00 51.80
CA LEU B 1069 13.05 -7.75 51.20
C LEU B 1069 14.47 -7.43 51.64
N ALA B 1070 14.76 -7.69 52.90
CA ALA B 1070 16.10 -7.48 53.45
C ALA B 1070 17.12 -8.38 52.74
N ARG B 1071 16.71 -9.62 52.48
CA ARG B 1071 17.54 -10.56 51.73
C ARG B 1071 17.79 -10.05 50.32
N LEU B 1072 16.77 -9.44 49.74
CA LEU B 1072 16.85 -8.91 48.38
C LEU B 1072 17.86 -7.77 48.28
N ARG B 1073 17.84 -6.87 49.27
CA ARG B 1073 18.78 -5.74 49.29
C ARG B 1073 20.21 -6.25 49.45
N GLN B 1074 20.37 -7.21 50.35
CA GLN B 1074 21.68 -7.80 50.62
C GLN B 1074 22.24 -8.50 49.39
N ALA B 1075 21.35 -8.94 48.51
CA ALA B 1075 21.76 -9.58 47.27
C ALA B 1075 22.39 -8.56 46.33
N VAL B 1076 21.91 -7.32 46.41
CA VAL B 1076 22.44 -6.24 45.59
C VAL B 1076 23.73 -5.70 46.19
N ILE B 1077 23.76 -5.58 47.50
CA ILE B 1077 24.94 -5.10 48.22
C ILE B 1077 26.11 -6.07 48.05
N ASP B 1078 25.89 -7.34 48.38
CA ASP B 1078 26.93 -8.35 48.27
C ASP B 1078 27.21 -8.72 46.81
N ASN B 1079 26.47 -8.08 45.90
CA ASN B 1079 26.65 -8.26 44.46
C ASN B 1079 26.47 -9.71 44.02
N ARG B 1080 25.38 -10.33 44.46
CA ARG B 1080 25.02 -11.68 44.03
C ARG B 1080 24.00 -11.57 42.90
N ASN B 1081 23.35 -12.68 42.57
CA ASN B 1081 22.36 -12.69 41.51
C ASN B 1081 21.00 -12.22 42.03
N VAL B 1082 20.54 -11.09 41.49
CA VAL B 1082 19.30 -10.48 41.94
C VAL B 1082 18.07 -11.29 41.53
N PHE B 1083 18.08 -11.81 40.31
CA PHE B 1083 16.94 -12.56 39.80
C PHE B 1083 16.71 -13.84 40.59
N ALA B 1084 17.81 -14.49 40.97
CA ALA B 1084 17.73 -15.73 41.72
C ALA B 1084 16.99 -15.54 43.04
N VAL B 1085 17.11 -14.35 43.61
CA VAL B 1085 16.39 -14.02 44.85
C VAL B 1085 14.94 -13.67 44.54
N LEU B 1086 14.73 -13.02 43.39
CA LEU B 1086 13.39 -12.66 42.96
C LEU B 1086 12.49 -13.88 42.77
N MET B 1087 13.10 -15.01 42.40
CA MET B 1087 12.36 -16.26 42.23
C MET B 1087 11.72 -16.71 43.54
N ASP B 1088 12.26 -16.22 44.65
CA ASP B 1088 11.70 -16.50 45.96
C ASP B 1088 10.90 -15.32 46.49
N ALA B 1089 11.32 -14.12 46.11
CA ALA B 1089 10.75 -12.89 46.65
C ALA B 1089 9.29 -12.68 46.25
N VAL B 1090 8.94 -13.05 45.03
CA VAL B 1090 7.60 -12.79 44.51
C VAL B 1090 6.53 -13.68 45.13
N ARG B 1091 6.96 -14.55 46.05
CA ARG B 1091 6.03 -15.45 46.73
C ARG B 1091 5.49 -14.85 48.02
N VAL B 1092 6.19 -13.86 48.55
CA VAL B 1092 5.78 -13.25 49.81
C VAL B 1092 5.74 -11.72 49.72
N CYS B 1093 6.09 -11.20 48.55
CA CYS B 1093 6.14 -9.75 48.36
C CYS B 1093 5.38 -9.31 47.12
N SER B 1094 4.79 -8.12 47.18
CA SER B 1094 4.09 -7.55 46.05
C SER B 1094 5.07 -6.82 45.12
N LEU B 1095 4.59 -6.46 43.94
CA LEU B 1095 5.40 -5.77 42.94
C LEU B 1095 5.98 -4.48 43.50
N GLY B 1096 5.12 -3.68 44.14
CA GLY B 1096 5.54 -2.41 44.71
C GLY B 1096 6.56 -2.57 45.82
N GLN B 1097 6.34 -3.56 46.68
CA GLN B 1097 7.25 -3.84 47.79
C GLN B 1097 8.67 -4.10 47.29
N ILE B 1098 8.75 -4.92 46.25
CA ILE B 1098 10.05 -5.29 45.67
C ILE B 1098 10.72 -4.09 45.00
N THR B 1099 9.94 -3.33 44.24
CA THR B 1099 10.46 -2.17 43.53
C THR B 1099 11.05 -1.15 44.49
N HIS B 1100 10.27 -0.79 45.51
CA HIS B 1100 10.72 0.20 46.48
C HIS B 1100 11.89 -0.29 47.31
N ALA B 1101 11.95 -1.60 47.52
CA ALA B 1101 13.09 -2.19 48.22
C ALA B 1101 14.35 -2.03 47.39
N LEU B 1102 14.22 -2.26 46.08
CA LEU B 1102 15.35 -2.13 45.17
C LEU B 1102 15.77 -0.67 45.02
N PHE B 1103 14.80 0.25 45.13
CA PHE B 1103 15.10 1.67 45.11
C PHE B 1103 16.06 2.05 46.23
N GLU B 1104 15.78 1.49 47.41
CA GLU B 1104 16.47 1.79 48.66
C GLU B 1104 17.94 1.37 48.65
N VAL B 1105 18.24 0.32 47.89
CA VAL B 1105 19.60 -0.19 47.84
C VAL B 1105 20.37 0.52 46.73
N GLY B 1106 19.68 1.43 46.03
CA GLY B 1106 20.34 2.31 45.08
C GLY B 1106 20.05 2.10 43.61
N GLY B 1107 19.14 1.19 43.30
CA GLY B 1107 18.83 0.87 41.91
C GLY B 1107 17.89 1.83 41.23
N GLN B 1108 17.42 2.84 41.98
CA GLN B 1108 16.47 3.80 41.44
C GLN B 1108 17.09 4.71 40.39
N TYR B 1109 16.32 5.04 39.36
CA TYR B 1109 16.78 5.94 38.31
C TYR B 1109 16.94 7.35 38.85
N ARG B 1110 18.02 8.01 38.44
CA ARG B 1110 18.25 9.39 38.81
C ARG B 1110 18.16 10.31 37.60
N ARG B 1111 17.39 11.37 37.73
CA ARG B 1111 17.29 12.39 36.69
C ARG B 1111 18.64 13.08 36.54
N ASN B 1112 19.50 12.50 35.71
CA ASN B 1112 20.91 12.84 35.72
C ASN B 1112 21.36 13.86 34.67
N MET B 1113 20.44 14.63 34.13
CA MET B 1113 20.83 15.59 33.09
C MET B 1113 20.16 16.94 33.26
#